data_6W2Y
#
_entry.id   6W2Y
#
_cell.length_a   1.00
_cell.length_b   1.00
_cell.length_c   1.00
_cell.angle_alpha   90.00
_cell.angle_beta   90.00
_cell.angle_gamma   90.00
#
_symmetry.space_group_name_H-M   'P 1'
#
loop_
_entity.id
_entity.type
_entity.pdbx_description
1 polymer 'Gamma-aminobutyric acid type B receptor subunit 1'
2 branched 2-acetamido-2-deoxy-beta-D-glucopyranose-(1-4)-2-acetamido-2-deoxy-beta-D-glucopyranose
3 non-polymer 2-acetamido-2-deoxy-beta-D-glucopyranose
4 non-polymer 'MAGNESIUM ION'
5 non-polymer '(1S)-2-{[(S)-(2-aminoethoxy)(hydroxy)phosphoryl]oxy}-1-[(octadecanoyloxy)methyl]ethyl (9Z)-octadec-9-enoate'
6 non-polymer '[(2~{S})-3-[[(1~{S})-1-(3,4-dichlorophenyl)ethyl]amino]-2-oxidanyl-propyl]-(phenylmethyl)phosphinic acid'
#
_entity_poly.entity_id   1
_entity_poly.type   'polypeptide(L)'
_entity_poly.pdbx_seq_one_letter_code
;DYKDDDDKSHSPHLPRPHSRVPPHPSSERRAVYIGALFPMSGGWPGGQACQPAVEMALEDVNSRRDILPDYELKLIHHDS
KCDPGQATKYLYELLYNDPIKIILMPGCSSVSTLVAEAARMWNLIVLSYGSSSPALSNRQRFPTFFRTHPSATLHNPTRV
KLFEKWGWKKIATIQQTTEVFTSTLDDLEERVKEAGIEITFRQSFFSDPAVPVKNLKRQDARIIVGLFYETEARKVFCEV
YKERLFGKKYVWFLIGWYADNWFKIYDPSINCTVDEMTEAVEGHITTEIVMLNPANTRSISNMTSQEFVEKLTKRLKRHP
EETGGFQEAPLAYDAIWALALALNKTSGGGGRSGVRLEDFNYNNQTITDQIYRAMNSSSFEGVSGHVVFDASGSRMAWTL
IEQLQGGSYKKIGYYDSTKDDLSWSKTDKWIGGSPPADQTLVIKTFRFLSQKLFISVSVLSSLGIVLAVVCLSFNIYNSH
VRYIQNSQPNLNNLTAVGCSLALAAVFPLGLDGYHIGRNQFPFVCQARLWLLGLGFSLGYGSMFTKIWWVHTVFTKKEEK
KEWRKTLEPWKLYATVGLLVGMDVLTLAIWQIVDPLHRTIETFAKEEPKEDIDVSILPQLEHCSSRKMNTWLGIFYGYKG
LLLLLGIFLAYETKSVSTEKINDHRAVGMAIYNVAVLCLITAPVTMILSSQQDAAFAFASLAIVFSSYITLVVLFVPKMR
RLITRGEWQSEAQDTMKTGSSTNNNEEEKSRLLEKENRELEKIIAEKEERVSELRHQLQSRQQLRSRRHPPTPPEPSGGL
PRGPPEPPDRLSCDGSRVHLLYKHHHHHH
;
_entity_poly.pdbx_strand_id   A,B
#
loop_
_chem_comp.id
_chem_comp.type
_chem_comp.name
_chem_comp.formula
L9Q non-polymer '(1S)-2-{[(S)-(2-aminoethoxy)(hydroxy)phosphoryl]oxy}-1-[(octadecanoyloxy)methyl]ethyl (9Z)-octadec-9-enoate' 'C41 H80 N O8 P'
MG non-polymer 'MAGNESIUM ION' 'Mg 2'
NAG D-saccharide, beta linking 2-acetamido-2-deoxy-beta-D-glucopyranose 'C8 H15 N O6'
SGG non-polymer '[(2~{S})-3-[[(1~{S})-1-(3,4-dichlorophenyl)ethyl]amino]-2-oxidanyl-propyl]-(phenylmethyl)phosphinic acid' 'C18 H22 Cl2 N O3 P'
#
# COMPACT_ATOMS: atom_id res chain seq x y z
N GLU A 28 33.55 7.46 -66.62
CA GLU A 28 33.78 6.81 -65.34
C GLU A 28 32.94 7.45 -64.25
N ARG A 29 32.60 6.67 -63.22
CA ARG A 29 31.77 7.12 -62.13
C ARG A 29 32.62 7.39 -60.90
N ARG A 30 32.48 8.59 -60.33
CA ARG A 30 33.18 8.94 -59.11
C ARG A 30 32.64 8.08 -57.97
N ALA A 31 33.47 7.18 -57.44
CA ALA A 31 33.01 6.26 -56.42
C ALA A 31 32.73 7.00 -55.12
N VAL A 32 31.76 6.48 -54.37
CA VAL A 32 31.39 6.99 -53.07
C VAL A 32 31.27 5.81 -52.12
N TYR A 33 31.87 5.93 -50.95
CA TYR A 33 31.92 4.85 -49.98
C TYR A 33 31.10 5.21 -48.76
N ILE A 34 30.56 4.18 -48.11
CA ILE A 34 29.78 4.34 -46.89
C ILE A 34 30.19 3.25 -45.92
N GLY A 35 30.59 3.64 -44.71
CA GLY A 35 30.91 2.67 -43.71
C GLY A 35 29.67 2.04 -43.12
N ALA A 36 29.78 0.77 -42.75
CA ALA A 36 28.65 0.03 -42.25
C ALA A 36 29.11 -0.99 -41.23
N LEU A 37 28.29 -1.20 -40.21
CA LEU A 37 28.61 -2.14 -39.14
C LEU A 37 27.40 -3.04 -38.97
N PHE A 38 27.56 -4.32 -39.33
CA PHE A 38 26.46 -5.26 -39.38
C PHE A 38 26.64 -6.32 -38.31
N PRO A 39 25.74 -6.42 -37.33
CA PRO A 39 25.89 -7.43 -36.27
C PRO A 39 25.50 -8.81 -36.76
N MET A 40 26.49 -9.65 -36.99
CA MET A 40 26.27 -11.04 -37.38
C MET A 40 26.21 -11.97 -36.19
N SER A 41 26.04 -11.43 -34.98
CA SER A 41 26.01 -12.23 -33.77
C SER A 41 25.76 -11.29 -32.60
N GLY A 42 25.31 -11.87 -31.48
CA GLY A 42 25.08 -11.11 -30.28
C GLY A 42 23.63 -11.14 -29.85
N GLY A 43 23.23 -10.17 -29.02
CA GLY A 43 21.84 -10.11 -28.60
C GLY A 43 20.89 -9.97 -29.75
N TRP A 44 21.25 -9.15 -30.74
CA TRP A 44 20.43 -8.94 -31.93
C TRP A 44 21.25 -9.23 -33.17
N PRO A 45 21.18 -10.44 -33.72
CA PRO A 45 21.87 -10.74 -34.98
C PRO A 45 21.06 -10.30 -36.20
N GLY A 46 21.22 -9.02 -36.54
CA GLY A 46 20.42 -8.42 -37.58
C GLY A 46 21.23 -7.99 -38.78
N GLY A 47 22.40 -8.59 -38.94
CA GLY A 47 23.22 -8.33 -40.10
C GLY A 47 23.02 -9.41 -41.14
N GLN A 48 22.63 -10.60 -40.68
CA GLN A 48 22.39 -11.72 -41.58
C GLN A 48 21.41 -11.36 -42.66
N ALA A 49 20.34 -10.66 -42.29
CA ALA A 49 19.29 -10.28 -43.22
C ALA A 49 19.35 -8.83 -43.67
N CYS A 50 20.28 -8.04 -43.12
CA CYS A 50 20.39 -6.64 -43.45
C CYS A 50 21.66 -6.28 -44.21
N GLN A 51 22.55 -7.24 -44.41
CA GLN A 51 23.62 -7.06 -45.40
C GLN A 51 23.07 -7.36 -46.78
N PRO A 52 22.37 -8.48 -46.96
CA PRO A 52 21.76 -8.74 -48.27
C PRO A 52 20.82 -7.63 -48.72
N ALA A 53 20.05 -7.08 -47.79
CA ALA A 53 19.12 -6.01 -48.14
C ALA A 53 19.87 -4.76 -48.60
N VAL A 54 20.91 -4.38 -47.86
CA VAL A 54 21.69 -3.21 -48.25
C VAL A 54 22.33 -3.43 -49.61
N GLU A 55 22.80 -4.64 -49.88
CA GLU A 55 23.43 -4.90 -51.17
C GLU A 55 22.40 -4.87 -52.30
N MET A 56 21.23 -5.45 -52.07
CA MET A 56 20.15 -5.34 -53.06
C MET A 56 19.81 -3.89 -53.34
N ALA A 57 19.76 -3.07 -52.29
CA ALA A 57 19.40 -1.67 -52.47
C ALA A 57 20.50 -0.92 -53.22
N LEU A 58 21.75 -1.24 -52.95
CA LEU A 58 22.84 -0.62 -53.70
C LEU A 58 22.75 -0.99 -55.17
N GLU A 59 22.46 -2.25 -55.46
CA GLU A 59 22.28 -2.66 -56.85
C GLU A 59 21.13 -1.89 -57.50
N ASP A 60 20.00 -1.77 -56.79
CA ASP A 60 18.83 -1.12 -57.36
C ASP A 60 19.04 0.37 -57.54
N VAL A 61 19.85 0.99 -56.67
CA VAL A 61 20.09 2.43 -56.76
C VAL A 61 21.21 2.78 -57.73
N ASN A 62 22.08 1.83 -58.04
CA ASN A 62 23.10 2.07 -59.05
C ASN A 62 22.66 1.67 -60.44
N SER A 63 21.73 0.72 -60.55
CA SER A 63 21.15 0.39 -61.85
C SER A 63 20.38 1.58 -62.42
N ARG A 64 19.69 2.32 -61.56
CA ARG A 64 18.96 3.50 -62.01
C ARG A 64 19.93 4.60 -62.41
N ARG A 65 19.73 5.15 -63.60
CA ARG A 65 20.61 6.17 -64.15
C ARG A 65 20.07 7.58 -63.93
N ASP A 66 19.12 7.75 -63.01
CA ASP A 66 18.52 9.05 -62.74
C ASP A 66 18.80 9.56 -61.34
N ILE A 67 19.46 8.78 -60.49
CA ILE A 67 19.64 9.15 -59.09
C ILE A 67 21.04 9.72 -58.89
N LEU A 68 22.06 8.91 -59.12
CA LEU A 68 23.45 9.32 -58.96
C LEU A 68 24.24 8.91 -60.19
N PRO A 69 23.92 9.49 -61.35
CA PRO A 69 24.61 9.08 -62.57
C PRO A 69 26.08 9.44 -62.58
N ASP A 70 26.46 10.53 -61.90
CA ASP A 70 27.87 10.92 -61.85
C ASP A 70 28.65 10.16 -60.79
N TYR A 71 27.97 9.45 -59.89
CA TYR A 71 28.60 8.79 -58.76
C TYR A 71 28.17 7.34 -58.71
N GLU A 72 28.82 6.58 -57.81
CA GLU A 72 28.48 5.18 -57.59
C GLU A 72 28.70 4.86 -56.13
N LEU A 73 27.69 4.29 -55.49
CA LEU A 73 27.79 3.95 -54.08
C LEU A 73 28.49 2.61 -53.90
N LYS A 74 29.33 2.53 -52.87
CA LYS A 74 30.01 1.30 -52.52
C LYS A 74 30.00 1.16 -51.01
N LEU A 75 30.05 -0.10 -50.56
CA LEU A 75 29.90 -0.43 -49.17
C LEU A 75 31.18 -1.05 -48.62
N ILE A 76 31.46 -0.75 -47.35
CA ILE A 76 32.62 -1.28 -46.65
C ILE A 76 32.10 -1.82 -45.32
N HIS A 77 31.82 -3.12 -45.28
CA HIS A 77 31.17 -3.73 -44.14
C HIS A 77 32.19 -4.23 -43.13
N HIS A 78 31.79 -4.20 -41.86
CA HIS A 78 32.60 -4.72 -40.78
C HIS A 78 31.65 -5.31 -39.73
N ASP A 79 32.04 -6.43 -39.16
CA ASP A 79 31.20 -7.04 -38.14
C ASP A 79 31.42 -6.32 -36.80
N SER A 80 30.38 -6.35 -35.98
CA SER A 80 30.40 -5.67 -34.69
C SER A 80 29.88 -6.52 -33.55
N LYS A 81 29.08 -7.54 -33.83
CA LYS A 81 28.56 -8.45 -32.82
C LYS A 81 27.71 -7.71 -31.80
N CYS A 82 27.16 -6.56 -32.22
CA CYS A 82 26.37 -5.70 -31.34
C CYS A 82 27.15 -5.41 -30.05
N ASP A 83 28.47 -5.37 -30.18
CA ASP A 83 29.42 -5.18 -29.09
C ASP A 83 30.22 -3.91 -29.34
N PRO A 84 30.23 -2.95 -28.41
CA PRO A 84 31.01 -1.73 -28.62
C PRO A 84 32.52 -1.89 -28.45
N GLY A 85 33.01 -3.07 -28.14
CA GLY A 85 34.44 -3.28 -28.08
C GLY A 85 34.92 -3.68 -29.46
N GLN A 86 34.27 -4.70 -30.02
CA GLN A 86 34.53 -5.07 -31.40
C GLN A 86 34.23 -3.93 -32.36
N ALA A 87 33.44 -2.94 -31.94
CA ALA A 87 32.87 -1.95 -32.83
C ALA A 87 33.79 -0.76 -33.06
N THR A 88 34.36 -0.20 -31.98
CA THR A 88 35.22 0.97 -32.16
C THR A 88 36.52 0.61 -32.88
N LYS A 89 37.03 -0.59 -32.64
CA LYS A 89 38.18 -1.08 -33.40
C LYS A 89 37.92 -0.97 -34.90
N TYR A 90 36.86 -1.62 -35.38
CA TYR A 90 36.54 -1.60 -36.79
C TYR A 90 36.13 -0.21 -37.26
N LEU A 91 35.50 0.57 -36.38
CA LEU A 91 35.12 1.92 -36.74
C LEU A 91 36.35 2.73 -37.11
N TYR A 92 37.39 2.67 -36.29
CA TYR A 92 38.60 3.42 -36.59
C TYR A 92 39.44 2.76 -37.68
N GLU A 93 39.30 1.44 -37.86
CA GLU A 93 39.93 0.81 -39.01
C GLU A 93 39.32 1.31 -40.31
N LEU A 94 38.02 1.63 -40.31
CA LEU A 94 37.35 2.17 -41.48
C LEU A 94 37.26 3.69 -41.44
N LEU A 95 37.87 4.33 -40.44
CA LEU A 95 37.87 5.78 -40.32
C LEU A 95 39.25 6.37 -40.52
N TYR A 96 40.27 5.80 -39.89
CA TYR A 96 41.64 6.25 -40.05
C TYR A 96 42.35 5.53 -41.20
N ASN A 97 41.58 4.99 -42.14
CA ASN A 97 42.11 4.35 -43.32
C ASN A 97 41.40 4.92 -44.55
N ASP A 98 42.10 4.88 -45.67
CA ASP A 98 41.44 5.23 -46.91
C ASP A 98 40.66 4.03 -47.44
N PRO A 99 39.60 4.26 -48.22
CA PRO A 99 39.11 5.55 -48.70
C PRO A 99 38.40 6.39 -47.65
N ILE A 100 37.98 7.57 -48.05
CA ILE A 100 37.25 8.49 -47.17
C ILE A 100 35.77 8.20 -47.30
N LYS A 101 35.09 8.15 -46.16
CA LYS A 101 33.68 7.79 -46.11
C LYS A 101 32.81 9.02 -46.03
N ILE A 102 31.58 8.88 -46.51
CA ILE A 102 30.61 9.96 -46.49
C ILE A 102 29.54 9.76 -45.42
N ILE A 103 29.40 8.55 -44.86
CA ILE A 103 28.31 8.24 -43.94
C ILE A 103 28.64 6.95 -43.23
N LEU A 104 27.99 6.71 -42.09
CA LEU A 104 28.08 5.45 -41.36
C LEU A 104 26.70 4.85 -41.14
N MET A 105 26.65 3.52 -41.08
CA MET A 105 25.41 2.76 -40.90
C MET A 105 25.61 1.70 -39.83
N PRO A 106 25.45 2.08 -38.56
CA PRO A 106 25.46 1.11 -37.47
C PRO A 106 24.10 0.62 -37.01
N GLY A 107 23.91 -0.71 -36.91
CA GLY A 107 22.62 -1.26 -36.57
C GLY A 107 22.32 -1.38 -35.08
N CYS A 108 23.27 -1.90 -34.30
CA CYS A 108 23.07 -2.10 -32.87
C CYS A 108 22.97 -0.76 -32.16
N SER A 109 22.16 -0.73 -31.11
CA SER A 109 21.94 0.50 -30.35
C SER A 109 23.23 0.97 -29.71
N SER A 110 24.00 0.05 -29.14
CA SER A 110 25.25 0.43 -28.47
C SER A 110 26.25 0.98 -29.47
N VAL A 111 26.44 0.30 -30.60
CA VAL A 111 27.42 0.75 -31.58
C VAL A 111 26.94 2.04 -32.19
N SER A 112 25.64 2.15 -32.48
CA SER A 112 25.12 3.35 -33.10
C SER A 112 25.29 4.52 -32.15
N THR A 113 25.05 4.29 -30.86
CA THR A 113 25.17 5.33 -29.85
C THR A 113 26.61 5.82 -29.77
N LEU A 114 27.55 4.90 -29.79
CA LEU A 114 28.97 5.26 -29.74
C LEU A 114 29.39 6.00 -30.99
N VAL A 115 28.97 5.50 -32.15
CA VAL A 115 29.32 6.07 -33.45
C VAL A 115 28.74 7.47 -33.61
N ALA A 116 27.47 7.64 -33.23
CA ALA A 116 26.80 8.94 -33.35
C ALA A 116 27.47 9.98 -32.46
N GLU A 117 27.80 9.61 -31.24
CA GLU A 117 28.45 10.50 -30.29
C GLU A 117 29.84 10.90 -30.76
N ALA A 118 30.52 10.00 -31.46
CA ALA A 118 31.92 10.17 -31.88
C ALA A 118 32.04 10.37 -33.39
N ALA A 119 31.09 11.10 -33.96
CA ALA A 119 31.05 11.43 -35.38
C ALA A 119 31.09 12.93 -35.63
N ARG A 120 30.35 13.71 -34.83
CA ARG A 120 30.46 15.16 -34.90
C ARG A 120 31.91 15.62 -34.76
N MET A 121 32.78 14.78 -34.21
CA MET A 121 34.21 15.02 -34.15
C MET A 121 34.89 14.73 -35.47
N TRP A 122 34.23 14.03 -36.39
CA TRP A 122 34.75 13.78 -37.72
C TRP A 122 33.86 14.38 -38.81
N ASN A 123 32.76 15.03 -38.45
CA ASN A 123 31.84 15.62 -39.41
C ASN A 123 31.29 14.53 -40.34
N LEU A 124 30.56 13.61 -39.73
CA LEU A 124 29.99 12.47 -40.44
C LEU A 124 28.51 12.34 -40.11
N ILE A 125 27.78 11.76 -41.04
CA ILE A 125 26.37 11.44 -40.86
C ILE A 125 26.28 9.95 -40.54
N VAL A 126 25.45 9.62 -39.57
CA VAL A 126 25.22 8.24 -39.14
C VAL A 126 23.76 7.93 -39.39
N LEU A 127 23.50 6.77 -39.99
CA LEU A 127 22.17 6.40 -40.45
C LEU A 127 21.88 4.97 -39.98
N SER A 128 21.69 4.84 -38.68
CA SER A 128 21.46 3.54 -38.03
C SER A 128 20.16 2.98 -38.59
N TYR A 129 20.17 1.80 -39.16
CA TYR A 129 19.01 1.13 -39.77
C TYR A 129 18.39 0.13 -38.78
N GLY A 130 18.91 -0.01 -37.57
CA GLY A 130 18.32 -0.99 -36.63
C GLY A 130 18.44 -0.63 -35.17
N SER A 131 18.66 0.61 -34.78
CA SER A 131 18.83 1.00 -33.35
C SER A 131 17.56 1.64 -32.82
N SER A 132 17.00 1.15 -31.72
CA SER A 132 15.72 1.65 -31.17
C SER A 132 15.84 1.94 -29.68
N SER A 133 16.71 2.89 -29.35
CA SER A 133 17.00 3.42 -28.04
C SER A 133 16.52 4.85 -27.96
N PRO A 134 15.59 5.19 -27.07
CA PRO A 134 15.11 6.57 -27.00
C PRO A 134 16.20 7.59 -26.81
N ALA A 135 17.34 7.21 -26.25
CA ALA A 135 18.40 8.16 -25.98
C ALA A 135 19.03 8.72 -27.25
N LEU A 136 18.77 8.10 -28.39
CA LEU A 136 19.31 8.55 -29.66
C LEU A 136 18.42 9.59 -30.33
N SER A 137 17.33 9.98 -29.69
CA SER A 137 16.48 11.07 -30.16
C SER A 137 16.94 12.42 -29.65
N ASN A 138 18.05 12.47 -28.93
CA ASN A 138 18.62 13.72 -28.44
C ASN A 138 19.56 14.32 -29.48
N ARG A 139 19.42 15.62 -29.71
CA ARG A 139 20.24 16.33 -30.68
C ARG A 139 21.48 16.98 -30.08
N GLN A 140 21.63 16.93 -28.76
CA GLN A 140 22.79 17.54 -28.13
C GLN A 140 24.01 16.63 -28.21
N ARG A 141 23.83 15.33 -27.97
CA ARG A 141 24.89 14.37 -28.12
C ARG A 141 24.98 13.81 -29.54
N PHE A 142 23.82 13.65 -30.20
CA PHE A 142 23.71 13.02 -31.50
C PHE A 142 23.17 14.02 -32.51
N PRO A 143 24.00 14.95 -32.99
CA PRO A 143 23.54 15.95 -33.95
C PRO A 143 23.61 15.54 -35.41
N THR A 144 24.02 14.30 -35.70
CA THR A 144 24.15 13.81 -37.06
C THR A 144 23.44 12.48 -37.24
N PHE A 145 22.52 12.15 -36.34
CA PHE A 145 21.95 10.81 -36.28
C PHE A 145 20.59 10.79 -36.97
N PHE A 146 20.43 9.86 -37.89
CA PHE A 146 19.14 9.56 -38.49
C PHE A 146 18.94 8.05 -38.46
N ARG A 147 17.71 7.62 -38.26
CA ARG A 147 17.45 6.19 -38.27
C ARG A 147 16.11 5.89 -38.91
N THR A 148 16.09 4.84 -39.71
CA THR A 148 14.86 4.29 -40.27
C THR A 148 14.16 3.36 -39.30
N HIS A 149 14.74 3.07 -38.14
CA HIS A 149 14.11 2.19 -37.18
C HIS A 149 13.41 3.05 -36.14
N PRO A 150 12.09 2.94 -35.99
CA PRO A 150 11.40 3.78 -35.02
C PRO A 150 11.91 3.51 -33.62
N SER A 151 11.80 4.53 -32.77
CA SER A 151 12.20 4.39 -31.38
C SER A 151 11.26 3.43 -30.67
N ALA A 152 11.54 3.20 -29.40
CA ALA A 152 10.69 2.40 -28.55
C ALA A 152 9.68 3.23 -27.79
N THR A 153 9.90 4.54 -27.67
CA THR A 153 8.90 5.43 -27.12
C THR A 153 7.65 5.46 -27.96
N LEU A 154 7.74 5.01 -29.21
CA LEU A 154 6.63 5.05 -30.15
C LEU A 154 5.57 4.00 -29.86
N HIS A 155 5.77 3.14 -28.87
CA HIS A 155 4.68 2.34 -28.32
C HIS A 155 3.78 3.16 -27.41
N ASN A 156 4.30 4.25 -26.86
CA ASN A 156 3.66 4.98 -25.78
C ASN A 156 2.54 5.89 -26.29
N PRO A 157 2.74 6.63 -27.38
CA PRO A 157 1.59 7.31 -27.99
C PRO A 157 0.41 6.40 -28.20
N THR A 158 0.65 5.11 -28.36
CA THR A 158 -0.42 4.16 -28.59
C THR A 158 -1.08 3.75 -27.28
N ARG A 159 -0.28 3.39 -26.28
CA ARG A 159 -0.82 2.92 -25.01
C ARG A 159 -1.77 3.95 -24.41
N VAL A 160 -1.35 5.22 -24.37
CA VAL A 160 -2.24 6.25 -23.85
C VAL A 160 -3.47 6.36 -24.73
N LYS A 161 -3.29 6.29 -26.05
CA LYS A 161 -4.38 6.28 -27.01
C LYS A 161 -5.09 4.95 -27.05
N LEU A 162 -4.74 4.11 -26.07
CA LEU A 162 -5.44 2.87 -25.80
C LEU A 162 -5.96 2.82 -24.38
N PHE A 163 -5.56 3.77 -23.54
CA PHE A 163 -6.13 3.96 -22.20
C PHE A 163 -7.32 4.91 -22.24
N GLU A 164 -7.13 6.08 -22.83
CA GLU A 164 -8.23 7.03 -22.98
C GLU A 164 -9.46 6.36 -23.56
N LYS A 165 -9.26 5.40 -24.46
CA LYS A 165 -10.36 4.60 -24.99
C LYS A 165 -11.09 3.91 -23.85
N TRP A 166 -10.39 3.04 -23.14
CA TRP A 166 -10.93 2.30 -21.99
C TRP A 166 -10.86 3.09 -20.70
N GLY A 167 -10.38 4.33 -20.75
CA GLY A 167 -10.41 5.22 -19.60
C GLY A 167 -9.80 4.65 -18.34
N TRP A 168 -8.48 4.47 -18.34
CA TRP A 168 -7.75 3.97 -17.19
C TRP A 168 -6.78 5.06 -16.73
N LYS A 169 -7.05 5.64 -15.57
CA LYS A 169 -6.24 6.71 -15.03
C LYS A 169 -5.24 6.24 -13.98
N LYS A 170 -5.34 4.99 -13.54
CA LYS A 170 -4.47 4.43 -12.51
C LYS A 170 -3.71 3.26 -13.11
N ILE A 171 -2.38 3.30 -13.01
CA ILE A 171 -1.52 2.42 -13.79
C ILE A 171 -0.32 1.99 -12.96
N ALA A 172 0.19 0.81 -13.26
CA ALA A 172 1.40 0.26 -12.67
C ALA A 172 2.34 -0.17 -13.78
N THR A 173 3.62 0.13 -13.61
CA THR A 173 4.63 -0.17 -14.62
C THR A 173 5.76 -0.94 -13.98
N ILE A 174 6.28 -1.91 -14.73
CA ILE A 174 7.41 -2.72 -14.29
C ILE A 174 8.39 -2.83 -15.44
N GLN A 175 9.67 -2.74 -15.13
CA GLN A 175 10.69 -2.66 -16.16
C GLN A 175 11.94 -3.40 -15.75
N GLN A 176 12.40 -4.30 -16.63
CA GLN A 176 13.75 -4.82 -16.53
C GLN A 176 14.74 -3.66 -16.56
N THR A 177 16.00 -3.97 -16.24
CA THR A 177 17.06 -2.96 -16.22
C THR A 177 17.88 -3.14 -17.49
N THR A 178 17.57 -2.32 -18.50
CA THR A 178 18.28 -2.33 -19.77
C THR A 178 18.50 -0.90 -20.20
N GLU A 179 19.30 -0.72 -21.25
CA GLU A 179 19.62 0.60 -21.78
C GLU A 179 18.49 1.18 -22.61
N VAL A 180 17.35 0.52 -22.68
CA VAL A 180 16.20 1.00 -23.45
C VAL A 180 15.04 1.30 -22.52
N PHE A 181 14.55 0.26 -21.84
CA PHE A 181 13.34 0.40 -21.04
C PHE A 181 13.46 1.45 -19.95
N THR A 182 14.68 1.89 -19.64
CA THR A 182 14.84 2.91 -18.61
C THR A 182 14.32 4.26 -19.09
N SER A 183 14.40 4.54 -20.39
CA SER A 183 13.92 5.78 -20.97
C SER A 183 12.48 5.69 -21.46
N THR A 184 12.03 4.47 -21.78
CA THR A 184 10.68 4.30 -22.30
C THR A 184 9.64 4.72 -21.27
N LEU A 185 9.80 4.28 -20.02
CA LEU A 185 8.85 4.69 -18.99
C LEU A 185 8.96 6.18 -18.67
N ASP A 186 10.15 6.76 -18.83
CA ASP A 186 10.27 8.21 -18.70
C ASP A 186 9.39 8.92 -19.73
N ASP A 187 9.55 8.54 -21.00
CA ASP A 187 8.69 9.08 -22.05
C ASP A 187 7.22 8.81 -21.73
N LEU A 188 6.92 7.65 -21.15
CA LEU A 188 5.54 7.28 -20.90
C LEU A 188 4.93 8.14 -19.80
N GLU A 189 5.70 8.46 -18.76
CA GLU A 189 5.22 9.36 -17.74
C GLU A 189 5.01 10.76 -18.31
N GLU A 190 6.01 11.25 -19.06
CA GLU A 190 5.87 12.56 -19.69
C GLU A 190 4.64 12.64 -20.58
N ARG A 191 4.26 11.53 -21.21
CA ARG A 191 3.13 11.51 -22.11
C ARG A 191 1.81 11.23 -21.40
N VAL A 192 1.84 10.60 -20.23
CA VAL A 192 0.63 10.33 -19.49
C VAL A 192 0.19 11.57 -18.73
N LYS A 193 1.15 12.32 -18.18
CA LYS A 193 0.82 13.57 -17.51
C LYS A 193 -0.10 14.41 -18.36
N GLU A 194 0.25 14.61 -19.63
CA GLU A 194 -0.51 15.42 -20.56
C GLU A 194 -1.67 14.67 -21.20
N ALA A 195 -2.11 13.56 -20.59
CA ALA A 195 -3.21 12.76 -21.14
C ALA A 195 -4.31 12.51 -20.11
N GLY A 196 -4.38 13.35 -19.08
CA GLY A 196 -5.35 13.12 -18.02
C GLY A 196 -5.19 11.76 -17.37
N ILE A 197 -3.95 11.32 -17.16
CA ILE A 197 -3.66 10.02 -16.59
C ILE A 197 -2.46 10.15 -15.67
N GLU A 198 -2.37 9.26 -14.70
CA GLU A 198 -1.31 9.29 -13.71
C GLU A 198 -0.88 7.87 -13.38
N ILE A 199 0.35 7.74 -12.90
CA ILE A 199 0.88 6.45 -12.52
C ILE A 199 0.61 6.21 -11.04
N THR A 200 0.57 4.95 -10.66
CA THR A 200 0.29 4.53 -9.30
C THR A 200 1.45 3.76 -8.68
N PHE A 201 2.10 2.90 -9.47
CA PHE A 201 3.16 2.04 -9.00
C PHE A 201 4.23 1.96 -10.08
N ARG A 202 5.49 1.90 -9.67
CA ARG A 202 6.54 1.56 -10.61
C ARG A 202 7.71 1.01 -9.82
N GLN A 203 8.32 -0.05 -10.35
CA GLN A 203 9.47 -0.67 -9.68
C GLN A 203 10.21 -1.53 -10.69
N SER A 204 11.48 -1.23 -10.91
CA SER A 204 12.30 -1.96 -11.85
C SER A 204 13.05 -3.06 -11.11
N PHE A 205 13.03 -4.26 -11.65
CA PHE A 205 13.75 -5.39 -11.08
C PHE A 205 15.00 -5.66 -11.90
N PHE A 206 16.12 -5.83 -11.23
CA PHE A 206 17.34 -6.21 -11.92
C PHE A 206 17.28 -7.69 -12.31
N SER A 207 17.05 -8.57 -11.34
CA SER A 207 16.96 -10.00 -11.60
C SER A 207 15.77 -10.69 -10.94
N ASP A 208 15.19 -10.13 -9.89
CA ASP A 208 14.10 -10.79 -9.17
C ASP A 208 12.80 -10.02 -9.36
N PRO A 209 11.79 -10.58 -10.02
CA PRO A 209 10.50 -9.87 -10.17
C PRO A 209 9.47 -10.18 -9.09
N ALA A 210 9.84 -10.92 -8.04
CA ALA A 210 8.86 -11.41 -7.09
C ALA A 210 8.25 -10.26 -6.28
N VAL A 211 9.08 -9.49 -5.58
CA VAL A 211 8.59 -8.37 -4.78
C VAL A 211 7.86 -7.41 -5.71
N PRO A 212 8.28 -7.27 -6.96
CA PRO A 212 7.47 -6.50 -7.92
C PRO A 212 6.03 -6.99 -7.98
N VAL A 213 5.83 -8.29 -8.25
CA VAL A 213 4.49 -8.84 -8.31
C VAL A 213 3.83 -8.77 -6.93
N LYS A 214 4.61 -8.92 -5.86
CA LYS A 214 4.03 -8.86 -4.53
C LYS A 214 3.43 -7.49 -4.25
N ASN A 215 4.11 -6.42 -4.69
CA ASN A 215 3.58 -5.08 -4.49
C ASN A 215 2.47 -4.77 -5.49
N LEU A 216 2.53 -5.36 -6.69
CA LEU A 216 1.41 -5.23 -7.63
C LEU A 216 0.15 -5.86 -7.05
N LYS A 217 0.31 -6.92 -6.27
CA LYS A 217 -0.83 -7.51 -5.57
C LYS A 217 -1.23 -6.70 -4.36
N ARG A 218 -0.24 -6.12 -3.66
CA ARG A 218 -0.55 -5.30 -2.49
C ARG A 218 -1.19 -3.98 -2.90
N GLN A 219 -0.56 -3.26 -3.81
CA GLN A 219 -1.12 -2.00 -4.29
C GLN A 219 -2.40 -2.20 -5.08
N ASP A 220 -2.71 -3.44 -5.48
CA ASP A 220 -3.91 -3.74 -6.24
C ASP A 220 -3.97 -2.95 -7.54
N ALA A 221 -2.97 -3.20 -8.39
CA ALA A 221 -2.90 -2.59 -9.71
C ALA A 221 -3.46 -3.58 -10.73
N ARG A 222 -4.60 -3.23 -11.31
CA ARG A 222 -5.29 -4.11 -12.26
C ARG A 222 -4.81 -3.90 -13.69
N ILE A 223 -3.85 -3.01 -13.91
CA ILE A 223 -3.34 -2.70 -15.24
C ILE A 223 -1.82 -2.62 -15.16
N ILE A 224 -1.14 -3.44 -15.95
CA ILE A 224 0.31 -3.58 -15.88
C ILE A 224 0.89 -3.28 -17.25
N VAL A 225 2.07 -2.67 -17.24
CA VAL A 225 2.84 -2.42 -18.46
C VAL A 225 4.17 -3.10 -18.27
N GLY A 226 4.34 -4.24 -18.93
CA GLY A 226 5.53 -5.05 -18.74
C GLY A 226 6.56 -4.85 -19.84
N LEU A 227 7.67 -4.23 -19.47
CA LEU A 227 8.79 -4.01 -20.38
C LEU A 227 9.95 -4.89 -19.95
N PHE A 228 10.24 -5.93 -20.73
CA PHE A 228 11.33 -6.84 -20.45
C PHE A 228 11.42 -7.83 -21.61
N TYR A 229 12.54 -8.54 -21.66
CA TYR A 229 12.80 -9.47 -22.75
C TYR A 229 12.09 -10.80 -22.50
N GLU A 230 12.18 -11.69 -23.49
CA GLU A 230 11.47 -12.97 -23.42
C GLU A 230 11.79 -13.72 -22.13
N THR A 231 13.06 -13.72 -21.72
CA THR A 231 13.45 -14.53 -20.57
C THR A 231 12.93 -13.92 -19.27
N GLU A 232 13.09 -12.61 -19.10
CA GLU A 232 12.49 -11.95 -17.94
C GLU A 232 10.98 -12.17 -17.93
N ALA A 233 10.37 -12.28 -19.10
CA ALA A 233 8.94 -12.57 -19.16
C ALA A 233 8.68 -13.95 -18.56
N ARG A 234 9.18 -14.99 -19.22
CA ARG A 234 8.98 -16.34 -18.71
C ARG A 234 9.38 -16.47 -17.24
N LYS A 235 10.18 -15.54 -16.72
CA LYS A 235 10.53 -15.57 -15.30
C LYS A 235 9.54 -14.82 -14.42
N VAL A 236 8.83 -13.84 -14.96
CA VAL A 236 7.93 -13.03 -14.15
C VAL A 236 6.51 -13.58 -14.24
N PHE A 237 6.21 -14.28 -15.33
CA PHE A 237 4.88 -14.86 -15.45
C PHE A 237 4.74 -16.12 -14.61
N CYS A 238 5.81 -16.92 -14.49
CA CYS A 238 5.82 -18.00 -13.53
C CYS A 238 5.78 -17.49 -12.09
N GLU A 239 5.89 -16.19 -11.88
CA GLU A 239 5.67 -15.57 -10.58
C GLU A 239 4.30 -14.97 -10.44
N VAL A 240 3.73 -14.44 -11.52
CA VAL A 240 2.39 -13.88 -11.45
C VAL A 240 1.38 -14.99 -11.27
N TYR A 241 1.59 -16.12 -11.95
CA TYR A 241 0.78 -17.31 -11.72
C TYR A 241 0.88 -17.75 -10.27
N LYS A 242 2.11 -17.95 -9.78
CA LYS A 242 2.33 -18.28 -8.38
C LYS A 242 1.62 -17.29 -7.46
N GLU A 243 1.41 -16.06 -7.92
CA GLU A 243 0.71 -15.05 -7.13
C GLU A 243 -0.74 -14.87 -7.56
N ARG A 244 -1.20 -15.62 -8.55
CA ARG A 244 -2.60 -15.58 -8.99
C ARG A 244 -3.05 -14.14 -9.21
N LEU A 245 -2.27 -13.41 -10.01
CA LEU A 245 -2.47 -11.99 -10.28
C LEU A 245 -2.91 -11.79 -11.73
N PHE A 246 -3.75 -12.69 -12.24
CA PHE A 246 -4.27 -12.61 -13.59
C PHE A 246 -5.76 -12.89 -13.57
N GLY A 247 -6.36 -12.87 -14.76
CA GLY A 247 -7.79 -13.08 -14.89
C GLY A 247 -8.54 -11.85 -15.36
N LYS A 248 -9.79 -11.72 -14.95
CA LYS A 248 -10.66 -10.65 -15.43
C LYS A 248 -10.39 -9.32 -14.75
N LYS A 249 -9.57 -9.29 -13.70
CA LYS A 249 -9.29 -8.06 -12.96
C LYS A 249 -7.85 -7.59 -13.15
N TYR A 250 -7.16 -8.09 -14.17
CA TYR A 250 -5.76 -7.74 -14.40
C TYR A 250 -5.50 -7.70 -15.90
N VAL A 251 -4.82 -6.64 -16.34
CA VAL A 251 -4.46 -6.47 -17.74
C VAL A 251 -2.95 -6.36 -17.84
N TRP A 252 -2.40 -6.78 -18.97
CA TRP A 252 -0.96 -6.81 -19.18
C TRP A 252 -0.62 -6.31 -20.57
N PHE A 253 0.13 -5.22 -20.63
CA PHE A 253 0.75 -4.75 -21.86
C PHE A 253 2.19 -5.20 -21.90
N LEU A 254 2.64 -5.58 -23.10
CA LEU A 254 4.02 -6.00 -23.30
C LEU A 254 4.49 -5.44 -24.65
N ILE A 255 5.55 -6.02 -25.20
CA ILE A 255 6.06 -5.62 -26.52
C ILE A 255 5.78 -6.76 -27.49
N GLY A 256 5.71 -6.51 -28.79
CA GLY A 256 5.36 -7.56 -29.77
C GLY A 256 6.52 -8.38 -30.28
N TRP A 257 7.75 -8.01 -29.91
CA TRP A 257 9.03 -8.60 -30.35
C TRP A 257 9.13 -10.07 -29.94
N TYR A 258 8.54 -10.46 -28.81
CA TYR A 258 8.58 -11.85 -28.33
C TYR A 258 8.08 -12.77 -29.45
N ALA A 259 8.78 -13.87 -29.73
CA ALA A 259 8.41 -14.80 -30.81
C ALA A 259 7.09 -15.49 -30.44
N ASP A 260 6.23 -15.69 -31.44
CA ASP A 260 4.99 -16.43 -31.27
C ASP A 260 5.27 -17.80 -30.68
N ASN A 261 4.48 -18.18 -29.67
CA ASN A 261 4.69 -19.42 -28.93
C ASN A 261 5.98 -19.35 -28.11
N TRP A 262 6.08 -18.32 -27.27
CA TRP A 262 7.23 -18.15 -26.38
C TRP A 262 6.97 -18.63 -24.97
N PHE A 263 5.71 -18.78 -24.56
CA PHE A 263 5.39 -19.34 -23.24
C PHE A 263 5.39 -20.87 -23.24
N LYS A 264 5.42 -21.51 -24.41
CA LYS A 264 5.48 -22.96 -24.52
C LYS A 264 6.91 -23.46 -24.64
N ILE A 265 7.87 -22.76 -24.03
CA ILE A 265 9.29 -23.07 -24.20
C ILE A 265 9.91 -23.33 -22.84
N TYR A 266 10.91 -24.21 -22.83
CA TYR A 266 11.59 -24.57 -21.59
C TYR A 266 11.94 -23.34 -20.78
N ASP A 267 11.71 -23.42 -19.47
CA ASP A 267 11.97 -22.31 -18.55
C ASP A 267 12.45 -22.90 -17.22
N PRO A 268 13.65 -23.47 -17.21
CA PRO A 268 14.15 -24.07 -15.96
C PRO A 268 14.06 -23.16 -14.75
N SER A 269 14.31 -21.86 -14.93
CA SER A 269 14.14 -20.91 -13.84
C SER A 269 12.67 -20.67 -13.52
N ILE A 270 11.77 -20.99 -14.44
CA ILE A 270 10.33 -20.88 -14.21
C ILE A 270 9.84 -22.24 -13.72
N ASN A 271 9.61 -22.35 -12.41
CA ASN A 271 9.15 -23.61 -11.83
C ASN A 271 7.79 -24.04 -12.35
N CYS A 272 7.08 -23.17 -13.06
CA CYS A 272 5.75 -23.46 -13.56
C CYS A 272 5.85 -24.31 -14.82
N THR A 273 4.73 -24.46 -15.53
CA THR A 273 4.64 -25.31 -16.70
C THR A 273 3.77 -24.63 -17.76
N VAL A 274 3.68 -25.26 -18.92
CA VAL A 274 2.93 -24.69 -20.04
C VAL A 274 1.52 -24.34 -19.61
N ASP A 275 0.79 -25.34 -19.10
CA ASP A 275 -0.60 -25.11 -18.71
C ASP A 275 -0.69 -24.03 -17.63
N GLU A 276 0.34 -23.89 -16.81
CA GLU A 276 0.32 -22.91 -15.74
C GLU A 276 0.64 -21.50 -16.21
N MET A 277 1.27 -21.36 -17.39
CA MET A 277 1.59 -20.06 -17.95
C MET A 277 0.56 -19.62 -18.99
N THR A 278 0.23 -20.50 -19.94
CA THR A 278 -0.76 -20.18 -20.96
C THR A 278 -2.00 -19.53 -20.36
N GLU A 279 -2.35 -19.89 -19.13
CA GLU A 279 -3.46 -19.24 -18.44
C GLU A 279 -3.06 -17.91 -17.83
N ALA A 280 -1.77 -17.71 -17.55
CA ALA A 280 -1.30 -16.46 -16.95
C ALA A 280 -1.17 -15.36 -17.98
N VAL A 281 -0.90 -15.72 -19.23
CA VAL A 281 -0.69 -14.75 -20.30
C VAL A 281 -1.88 -14.81 -21.26
N GLU A 282 -3.06 -15.11 -20.71
CA GLU A 282 -4.27 -15.20 -21.52
C GLU A 282 -4.93 -13.83 -21.56
N GLY A 283 -4.89 -13.19 -22.72
CA GLY A 283 -5.53 -11.91 -22.89
C GLY A 283 -4.67 -10.74 -22.47
N HIS A 284 -3.42 -10.72 -22.92
CA HIS A 284 -2.52 -9.60 -22.68
C HIS A 284 -2.26 -8.86 -23.99
N ILE A 285 -2.31 -7.54 -23.92
CA ILE A 285 -2.18 -6.73 -25.11
C ILE A 285 -0.70 -6.58 -25.47
N THR A 286 -0.44 -6.26 -26.74
CA THR A 286 0.92 -6.29 -27.26
C THR A 286 1.03 -5.28 -28.39
N THR A 287 1.67 -4.15 -28.09
CA THR A 287 1.87 -3.08 -29.07
C THR A 287 3.27 -3.17 -29.66
N GLU A 288 3.37 -3.51 -30.94
CA GLU A 288 4.63 -3.52 -31.67
C GLU A 288 4.54 -2.54 -32.82
N ILE A 289 5.61 -2.48 -33.61
CA ILE A 289 5.64 -1.65 -34.80
C ILE A 289 5.60 -2.53 -36.03
N VAL A 290 5.19 -1.94 -37.14
CA VAL A 290 5.08 -2.62 -38.43
C VAL A 290 6.24 -2.14 -39.29
N MET A 291 7.07 -3.07 -39.74
CA MET A 291 8.23 -2.77 -40.56
C MET A 291 8.03 -3.18 -42.01
N LEU A 292 6.79 -3.07 -42.50
CA LEU A 292 6.48 -3.52 -43.86
C LEU A 292 5.12 -2.98 -44.29
N ASN A 293 5.08 -2.38 -45.46
CA ASN A 293 3.83 -1.83 -45.98
C ASN A 293 2.88 -2.97 -46.31
N PRO A 294 1.80 -3.18 -45.54
CA PRO A 294 0.85 -4.23 -45.92
C PRO A 294 0.19 -3.97 -47.26
N ALA A 295 0.15 -2.71 -47.69
CA ALA A 295 -0.34 -2.38 -49.01
C ALA A 295 0.46 -3.11 -50.09
N ASN A 296 -0.05 -3.05 -51.32
CA ASN A 296 0.63 -3.61 -52.47
C ASN A 296 1.08 -2.53 -53.45
N THR A 297 0.83 -1.26 -53.14
CA THR A 297 1.25 -0.18 -54.03
C THR A 297 2.76 -0.21 -54.19
N ARG A 298 3.22 0.05 -55.41
CA ARG A 298 4.65 0.07 -55.67
C ARG A 298 5.31 1.20 -54.89
N SER A 299 6.63 1.27 -54.99
CA SER A 299 7.42 2.21 -54.20
C SER A 299 8.47 2.86 -55.09
N ILE A 300 9.41 3.56 -54.47
CA ILE A 300 10.43 4.30 -55.21
C ILE A 300 11.25 3.38 -56.09
N SER A 301 11.34 2.10 -55.73
CA SER A 301 12.15 1.16 -56.49
C SER A 301 11.31 0.31 -57.42
N ASN A 302 10.04 0.67 -57.58
CA ASN A 302 9.11 -0.06 -58.44
C ASN A 302 9.00 -1.50 -57.97
N MET A 303 8.95 -1.68 -56.65
CA MET A 303 8.81 -2.98 -56.01
C MET A 303 7.82 -2.87 -54.86
N THR A 304 7.32 -4.02 -54.43
CA THR A 304 6.38 -4.11 -53.32
C THR A 304 6.93 -5.02 -52.23
N SER A 305 6.18 -5.08 -51.13
CA SER A 305 6.56 -5.91 -50.00
C SER A 305 6.57 -7.40 -50.36
N GLN A 306 5.45 -7.90 -50.87
CA GLN A 306 5.38 -9.32 -51.22
C GLN A 306 6.46 -9.70 -52.23
N GLU A 307 6.94 -8.74 -53.01
CA GLU A 307 7.99 -8.99 -54.00
C GLU A 307 9.38 -8.86 -53.40
N PHE A 308 9.58 -7.85 -52.55
CA PHE A 308 10.88 -7.65 -51.94
C PHE A 308 11.23 -8.78 -50.98
N VAL A 309 10.23 -9.29 -50.26
CA VAL A 309 10.48 -10.41 -49.35
C VAL A 309 11.01 -11.62 -50.13
N GLU A 310 10.39 -11.92 -51.27
CA GLU A 310 10.84 -13.05 -52.06
C GLU A 310 12.23 -12.79 -52.65
N LYS A 311 12.42 -11.59 -53.22
CA LYS A 311 13.72 -11.26 -53.79
C LYS A 311 14.82 -11.37 -52.75
N LEU A 312 14.48 -11.12 -51.48
CA LEU A 312 15.47 -11.23 -50.41
C LEU A 312 15.69 -12.68 -50.02
N THR A 313 14.62 -13.39 -49.67
CA THR A 313 14.75 -14.78 -49.26
C THR A 313 15.44 -15.63 -50.31
N LYS A 314 15.43 -15.20 -51.56
CA LYS A 314 16.24 -15.87 -52.57
C LYS A 314 17.73 -15.65 -52.39
N ARG A 315 18.15 -14.87 -51.39
CA ARG A 315 19.56 -14.53 -51.20
C ARG A 315 20.10 -14.95 -49.84
N LEU A 316 19.33 -15.68 -49.04
CA LEU A 316 19.73 -16.05 -47.70
C LEU A 316 20.17 -17.51 -47.68
N LYS A 317 21.41 -17.74 -47.25
CA LYS A 317 21.91 -19.11 -47.11
C LYS A 317 21.08 -19.92 -46.11
N ARG A 318 20.33 -19.26 -45.25
CA ARG A 318 19.47 -19.89 -44.26
C ARG A 318 18.02 -19.51 -44.55
N HIS A 319 17.14 -19.87 -43.64
CA HIS A 319 15.71 -19.57 -43.78
C HIS A 319 15.35 -18.34 -42.98
N PRO A 320 14.19 -17.74 -43.26
CA PRO A 320 13.79 -16.54 -42.52
C PRO A 320 13.72 -16.77 -41.01
N GLU A 321 12.94 -17.76 -40.59
CA GLU A 321 12.85 -18.07 -39.17
C GLU A 321 14.22 -18.31 -38.55
N GLU A 322 15.21 -18.70 -39.36
CA GLU A 322 16.57 -18.90 -38.89
C GLU A 322 17.50 -17.76 -39.25
N THR A 323 17.03 -16.80 -40.05
CA THR A 323 17.81 -15.63 -40.42
C THR A 323 17.43 -14.49 -39.50
N GLY A 324 18.38 -14.01 -38.71
CA GLY A 324 18.11 -12.94 -37.77
C GLY A 324 18.02 -11.59 -38.46
N GLY A 325 17.12 -10.75 -37.95
CA GLY A 325 16.91 -9.44 -38.55
C GLY A 325 16.12 -9.45 -39.83
N PHE A 326 15.20 -10.40 -39.98
CA PHE A 326 14.42 -10.48 -41.21
C PHE A 326 13.27 -9.49 -41.23
N GLN A 327 12.84 -9.02 -40.07
CA GLN A 327 11.82 -7.98 -39.98
C GLN A 327 12.42 -6.58 -40.03
N GLU A 328 13.75 -6.45 -40.00
CA GLU A 328 14.42 -5.17 -40.01
C GLU A 328 15.31 -4.99 -41.23
N ALA A 329 15.04 -5.73 -42.30
CA ALA A 329 15.73 -5.54 -43.58
C ALA A 329 15.13 -4.39 -44.37
N PRO A 330 13.79 -4.28 -44.42
CA PRO A 330 13.19 -3.15 -45.13
C PRO A 330 13.68 -1.82 -44.61
N LEU A 331 14.02 -1.75 -43.32
CA LEU A 331 14.53 -0.51 -42.76
C LEU A 331 15.89 -0.16 -43.33
N ALA A 332 16.74 -1.16 -43.52
CA ALA A 332 18.04 -0.92 -44.15
C ALA A 332 17.87 -0.51 -45.61
N TYR A 333 17.03 -1.24 -46.35
CA TYR A 333 16.70 -0.86 -47.71
C TYR A 333 16.30 0.60 -47.78
N ASP A 334 15.28 0.98 -47.01
CA ASP A 334 14.77 2.34 -47.04
C ASP A 334 15.81 3.34 -46.56
N ALA A 335 16.69 2.94 -45.64
CA ALA A 335 17.71 3.85 -45.15
C ALA A 335 18.69 4.20 -46.24
N ILE A 336 19.21 3.18 -46.93
CA ILE A 336 20.17 3.45 -47.98
C ILE A 336 19.49 4.17 -49.14
N TRP A 337 18.21 3.91 -49.37
CA TRP A 337 17.50 4.64 -50.41
C TRP A 337 17.34 6.11 -50.04
N ALA A 338 17.04 6.39 -48.77
CA ALA A 338 16.92 7.77 -48.32
C ALA A 338 18.27 8.47 -48.40
N LEU A 339 19.33 7.75 -48.09
CA LEU A 339 20.68 8.28 -48.28
C LEU A 339 20.89 8.68 -49.73
N ALA A 340 20.60 7.77 -50.66
CA ALA A 340 20.78 8.07 -52.07
C ALA A 340 19.97 9.30 -52.48
N LEU A 341 18.72 9.37 -52.05
CA LEU A 341 17.88 10.53 -52.38
C LEU A 341 18.48 11.81 -51.83
N ALA A 342 18.61 11.90 -50.51
CA ALA A 342 19.13 13.10 -49.87
C ALA A 342 20.53 13.45 -50.33
N LEU A 343 21.21 12.52 -50.99
CA LEU A 343 22.51 12.76 -51.59
C LEU A 343 22.37 13.18 -53.04
N ASN A 344 21.21 12.92 -53.64
CA ASN A 344 20.92 13.39 -54.99
C ASN A 344 20.64 14.88 -55.00
N LYS A 345 19.76 15.34 -54.10
CA LYS A 345 19.52 16.78 -53.96
C LYS A 345 20.83 17.54 -53.87
N THR A 346 21.77 17.03 -53.08
CA THR A 346 23.09 17.65 -52.97
C THR A 346 23.85 17.54 -54.29
N SER A 347 24.11 16.32 -54.74
CA SER A 347 24.78 16.08 -56.01
C SER A 347 26.16 16.73 -56.02
N ARG A 356 30.57 17.44 -55.87
CA ARG A 356 30.42 18.08 -54.58
C ARG A 356 30.57 17.06 -53.45
N LEU A 357 31.01 15.85 -53.79
CA LEU A 357 31.16 14.80 -52.80
C LEU A 357 32.54 14.16 -52.89
N GLU A 358 33.14 14.20 -54.08
CA GLU A 358 34.51 13.72 -54.24
C GLU A 358 35.52 14.62 -53.53
N ASP A 359 35.08 15.75 -52.99
CA ASP A 359 35.97 16.67 -52.28
C ASP A 359 35.50 16.82 -50.84
N PHE A 360 35.17 15.72 -50.19
CA PHE A 360 34.69 15.71 -48.81
C PHE A 360 35.80 15.21 -47.90
N ASN A 361 36.19 16.04 -46.95
CA ASN A 361 37.16 15.67 -45.92
C ASN A 361 36.48 15.62 -44.57
N TYR A 362 37.18 15.04 -43.60
CA TYR A 362 36.65 14.92 -42.25
C TYR A 362 36.69 16.22 -41.47
N ASN A 363 36.97 17.35 -42.12
CA ASN A 363 37.04 18.65 -41.45
C ASN A 363 36.07 19.66 -42.01
N ASN A 364 35.26 19.31 -43.01
CA ASN A 364 34.31 20.21 -43.63
C ASN A 364 32.94 20.01 -42.99
N GLN A 365 32.51 20.98 -42.19
CA GLN A 365 31.21 20.95 -41.53
C GLN A 365 30.11 21.60 -42.37
N THR A 366 30.27 21.61 -43.69
CA THR A 366 29.29 22.21 -44.60
C THR A 366 28.61 21.18 -45.48
N ILE A 367 29.37 20.25 -46.06
CA ILE A 367 28.75 19.16 -46.81
C ILE A 367 27.82 18.37 -45.90
N THR A 368 28.25 18.14 -44.66
CA THR A 368 27.41 17.40 -43.72
C THR A 368 26.14 18.19 -43.40
N ASP A 369 26.22 19.52 -43.37
CA ASP A 369 25.02 20.30 -43.09
C ASP A 369 24.07 20.29 -44.28
N GLN A 370 24.61 20.31 -45.50
CA GLN A 370 23.78 20.15 -46.68
C GLN A 370 23.06 18.81 -46.64
N ILE A 371 23.81 17.73 -46.37
CA ILE A 371 23.19 16.42 -46.32
C ILE A 371 22.20 16.34 -45.18
N TYR A 372 22.46 17.05 -44.08
CA TYR A 372 21.53 17.03 -42.95
C TYR A 372 20.22 17.70 -43.30
N ARG A 373 20.28 18.84 -43.99
CA ARG A 373 19.04 19.50 -44.38
C ARG A 373 18.35 18.76 -45.52
N ALA A 374 19.09 17.94 -46.27
CA ALA A 374 18.45 17.08 -47.27
C ALA A 374 17.77 15.88 -46.63
N MET A 375 18.36 15.34 -45.57
CA MET A 375 17.82 14.16 -44.91
C MET A 375 16.64 14.51 -44.01
N ASN A 376 16.74 15.64 -43.30
CA ASN A 376 15.60 16.13 -42.53
C ASN A 376 14.37 16.22 -43.42
N SER A 377 14.53 16.70 -44.65
CA SER A 377 13.45 16.79 -45.61
C SER A 377 13.48 15.58 -46.55
N SER A 378 13.27 14.41 -45.97
CA SER A 378 13.29 13.15 -46.70
C SER A 378 11.91 12.51 -46.55
N SER A 379 11.10 12.60 -47.59
CA SER A 379 9.76 12.05 -47.60
C SER A 379 9.60 11.20 -48.84
N PHE A 380 9.29 9.92 -48.65
CA PHE A 380 9.05 9.03 -49.76
C PHE A 380 8.51 7.71 -49.23
N GLU A 381 7.89 6.95 -50.13
CA GLU A 381 7.24 5.69 -49.81
C GLU A 381 8.20 4.57 -50.19
N GLY A 382 8.85 3.98 -49.18
CA GLY A 382 9.64 2.80 -49.35
C GLY A 382 8.92 1.56 -48.86
N VAL A 383 9.66 0.46 -48.82
CA VAL A 383 9.06 -0.82 -48.44
C VAL A 383 8.46 -0.75 -47.05
N SER A 384 9.15 -0.07 -46.12
CA SER A 384 8.65 0.05 -44.76
C SER A 384 7.47 1.01 -44.65
N GLY A 385 7.22 1.84 -45.66
CA GLY A 385 6.16 2.81 -45.62
C GLY A 385 6.68 4.18 -45.94
N HIS A 386 5.94 5.20 -45.51
CA HIS A 386 6.32 6.57 -45.75
C HIS A 386 7.30 7.02 -44.69
N VAL A 387 8.53 7.34 -45.09
CA VAL A 387 9.59 7.69 -44.15
C VAL A 387 9.64 9.21 -44.02
N VAL A 388 9.34 9.69 -42.83
CA VAL A 388 9.42 11.11 -42.51
C VAL A 388 10.25 11.24 -41.24
N PHE A 389 11.42 11.85 -41.35
CA PHE A 389 12.34 11.98 -40.22
C PHE A 389 11.93 13.18 -39.36
N ASP A 390 11.51 12.92 -38.13
CA ASP A 390 11.22 13.99 -37.20
C ASP A 390 12.50 14.79 -36.92
N ALA A 391 12.39 15.84 -36.10
CA ALA A 391 13.56 16.65 -35.82
C ALA A 391 14.58 15.88 -35.00
N SER A 392 14.14 14.96 -34.16
CA SER A 392 15.04 14.14 -33.36
C SER A 392 15.88 13.20 -34.22
N GLY A 393 15.58 13.09 -35.51
CA GLY A 393 16.30 12.19 -36.38
C GLY A 393 15.53 10.94 -36.69
N SER A 394 14.79 10.45 -35.69
CA SER A 394 14.03 9.23 -35.83
C SER A 394 12.91 9.42 -36.85
N ARG A 395 12.21 8.33 -37.13
CA ARG A 395 11.08 8.34 -38.04
C ARG A 395 9.84 7.80 -37.33
N MET A 396 8.70 8.37 -37.67
CA MET A 396 7.43 7.89 -37.15
C MET A 396 6.88 6.82 -38.08
N ALA A 397 6.13 5.89 -37.50
CA ALA A 397 5.61 4.75 -38.24
C ALA A 397 4.27 4.34 -37.64
N TRP A 398 3.71 3.27 -38.17
CA TRP A 398 2.40 2.79 -37.76
C TRP A 398 2.55 1.69 -36.72
N THR A 399 2.02 1.94 -35.53
CA THR A 399 2.04 0.94 -34.47
C THR A 399 1.00 -0.14 -34.77
N LEU A 400 1.25 -1.33 -34.26
CA LEU A 400 0.35 -2.46 -34.40
C LEU A 400 -0.02 -2.96 -33.01
N ILE A 401 -1.22 -3.53 -32.90
CA ILE A 401 -1.73 -4.03 -31.63
C ILE A 401 -2.24 -5.45 -31.80
N GLU A 402 -1.91 -6.30 -30.83
CA GLU A 402 -2.34 -7.68 -30.80
C GLU A 402 -2.83 -8.02 -29.41
N GLN A 403 -3.54 -9.14 -29.31
CA GLN A 403 -4.04 -9.65 -28.05
C GLN A 403 -4.02 -11.17 -28.12
N LEU A 404 -3.62 -11.79 -27.02
CA LEU A 404 -3.53 -13.24 -26.97
C LEU A 404 -4.91 -13.82 -26.69
N GLN A 405 -5.37 -14.70 -27.58
CA GLN A 405 -6.70 -15.29 -27.51
C GLN A 405 -6.55 -16.80 -27.66
N GLY A 406 -6.30 -17.46 -26.54
CA GLY A 406 -6.13 -18.90 -26.54
C GLY A 406 -4.88 -19.37 -27.24
N GLY A 407 -3.72 -19.02 -26.69
CA GLY A 407 -2.46 -19.46 -27.25
C GLY A 407 -2.19 -18.96 -28.65
N SER A 408 -3.01 -18.03 -29.13
CA SER A 408 -2.90 -17.48 -30.47
C SER A 408 -3.00 -15.97 -30.42
N TYR A 409 -2.03 -15.30 -31.05
CA TYR A 409 -2.07 -13.85 -31.17
C TYR A 409 -3.07 -13.45 -32.25
N LYS A 410 -3.90 -12.46 -31.96
CA LYS A 410 -4.95 -12.01 -32.86
C LYS A 410 -4.84 -10.51 -33.02
N LYS A 411 -4.41 -10.07 -34.19
CA LYS A 411 -4.32 -8.65 -34.48
C LYS A 411 -5.64 -7.96 -34.12
N ILE A 412 -5.53 -6.68 -33.75
CA ILE A 412 -6.67 -5.89 -33.31
C ILE A 412 -6.74 -4.61 -34.12
N GLY A 413 -5.66 -3.84 -34.10
CA GLY A 413 -5.74 -2.48 -34.58
C GLY A 413 -4.39 -1.91 -34.91
N TYR A 414 -4.43 -0.74 -35.52
CA TYR A 414 -3.26 0.04 -35.88
C TYR A 414 -3.46 1.46 -35.40
N TYR A 415 -2.36 2.15 -35.11
CA TYR A 415 -2.42 3.52 -34.65
C TYR A 415 -1.25 4.29 -35.21
N ASP A 416 -1.47 5.55 -35.56
CA ASP A 416 -0.45 6.43 -36.10
C ASP A 416 -0.38 7.67 -35.21
N SER A 417 0.75 7.85 -34.53
CA SER A 417 0.95 9.00 -33.66
C SER A 417 0.94 10.32 -34.42
N THR A 418 0.80 10.27 -35.74
CA THR A 418 0.79 11.48 -36.56
C THR A 418 -0.60 12.06 -36.73
N LYS A 419 -1.52 11.26 -37.26
CA LYS A 419 -2.87 11.71 -37.59
C LYS A 419 -3.93 11.03 -36.74
N ASP A 420 -3.55 10.44 -35.61
CA ASP A 420 -4.47 9.76 -34.71
C ASP A 420 -5.28 8.67 -35.40
N ASP A 421 -4.84 8.27 -36.60
CA ASP A 421 -5.61 7.32 -37.41
C ASP A 421 -5.58 5.94 -36.77
N LEU A 422 -6.60 5.63 -35.98
CA LEU A 422 -6.70 4.36 -35.29
C LEU A 422 -7.65 3.45 -36.06
N SER A 423 -7.12 2.34 -36.56
CA SER A 423 -7.87 1.40 -37.38
C SER A 423 -8.15 0.13 -36.58
N TRP A 424 -9.22 0.18 -35.78
CA TRP A 424 -9.63 -0.97 -35.00
C TRP A 424 -10.16 -2.08 -35.90
N SER A 425 -10.39 -3.24 -35.29
CA SER A 425 -10.96 -4.37 -36.01
C SER A 425 -11.98 -5.16 -35.20
N LYS A 426 -12.30 -4.72 -33.99
CA LYS A 426 -13.33 -5.36 -33.16
C LYS A 426 -13.05 -6.86 -33.02
N THR A 427 -11.93 -7.17 -32.38
CA THR A 427 -11.53 -8.55 -32.16
C THR A 427 -11.00 -8.76 -30.74
N ASP A 428 -11.13 -7.77 -29.86
CA ASP A 428 -10.67 -7.88 -28.48
C ASP A 428 -11.69 -8.67 -27.67
N LYS A 429 -11.36 -9.93 -27.37
CA LYS A 429 -12.25 -10.82 -26.62
C LYS A 429 -11.82 -10.81 -25.16
N TRP A 430 -12.48 -9.98 -24.37
CA TRP A 430 -12.24 -9.93 -22.93
C TRP A 430 -12.96 -11.09 -22.25
N ILE A 431 -12.98 -11.08 -20.92
CA ILE A 431 -13.58 -12.17 -20.15
C ILE A 431 -15.07 -11.91 -19.98
N GLY A 432 -15.41 -10.78 -19.34
CA GLY A 432 -16.81 -10.43 -19.16
C GLY A 432 -17.36 -9.53 -20.25
N GLY A 433 -16.95 -9.78 -21.49
CA GLY A 433 -17.40 -9.00 -22.62
C GLY A 433 -16.93 -7.56 -22.65
N SER A 434 -16.25 -7.09 -21.61
CA SER A 434 -15.72 -5.74 -21.56
C SER A 434 -14.53 -5.72 -20.63
N PRO A 435 -13.66 -4.71 -20.74
CA PRO A 435 -12.41 -4.74 -20.00
C PRO A 435 -12.56 -4.11 -18.62
N PRO A 436 -11.71 -4.50 -17.67
CA PRO A 436 -11.76 -3.91 -16.33
C PRO A 436 -11.34 -2.46 -16.30
N ALA A 437 -11.23 -1.90 -15.09
CA ALA A 437 -10.81 -0.51 -14.92
C ALA A 437 -9.75 -0.40 -13.84
N ASP A 438 -9.42 0.83 -13.45
CA ASP A 438 -8.27 1.07 -12.57
C ASP A 438 -8.41 0.30 -11.26
N GLN A 439 -9.45 0.58 -10.49
CA GLN A 439 -9.57 0.06 -9.14
C GLN A 439 -11.03 -0.24 -8.84
N THR A 440 -11.24 -0.85 -7.66
CA THR A 440 -12.58 -1.17 -7.21
C THR A 440 -13.37 0.09 -6.90
N LEU A 441 -14.65 0.09 -7.27
CA LEU A 441 -15.50 1.24 -7.08
C LEU A 441 -16.23 1.14 -5.74
N VAL A 442 -16.04 2.18 -4.92
CA VAL A 442 -16.62 2.27 -3.55
C VAL A 442 -18.04 2.82 -3.70
N ILE A 443 -19.06 1.94 -3.67
CA ILE A 443 -20.50 2.31 -3.78
C ILE A 443 -21.02 2.49 -2.36
N LYS A 444 -21.63 3.65 -2.07
CA LYS A 444 -22.14 3.99 -0.72
C LYS A 444 -23.53 3.36 -0.60
N THR A 445 -23.60 2.24 0.12
CA THR A 445 -24.83 1.48 0.36
C THR A 445 -25.47 1.89 1.67
N PHE A 446 -26.81 1.95 1.67
CA PHE A 446 -27.57 2.31 2.85
C PHE A 446 -28.18 1.07 3.49
N ARG A 447 -28.11 1.01 4.81
CA ARG A 447 -28.73 -0.08 5.57
C ARG A 447 -30.13 0.33 6.00
N PHE A 448 -31.06 -0.61 5.86
CA PHE A 448 -32.46 -0.37 6.19
C PHE A 448 -32.99 -1.51 7.03
N LEU A 449 -34.12 -1.26 7.69
CA LEU A 449 -34.76 -2.28 8.50
C LEU A 449 -35.06 -3.52 7.66
N SER A 450 -35.28 -4.64 8.36
CA SER A 450 -35.53 -5.90 7.67
C SER A 450 -36.73 -5.79 6.73
N GLN A 451 -37.65 -4.89 7.01
CA GLN A 451 -38.88 -4.66 6.26
C GLN A 451 -39.88 -5.80 6.43
N LYS A 452 -39.53 -6.85 7.16
CA LYS A 452 -40.50 -7.80 7.69
C LYS A 452 -40.82 -7.52 9.15
N LEU A 453 -39.83 -7.00 9.88
CA LEU A 453 -40.05 -6.53 11.24
C LEU A 453 -40.93 -5.29 11.27
N PHE A 454 -40.71 -4.38 10.32
CA PHE A 454 -41.49 -3.14 10.29
C PHE A 454 -42.97 -3.44 10.08
N ILE A 455 -43.28 -4.36 9.17
CA ILE A 455 -44.68 -4.70 8.91
C ILE A 455 -45.32 -5.29 10.15
N SER A 456 -44.59 -6.14 10.87
CA SER A 456 -45.14 -6.76 12.08
C SER A 456 -45.40 -5.71 13.15
N VAL A 457 -44.39 -4.87 13.44
CA VAL A 457 -44.56 -3.84 14.45
C VAL A 457 -45.71 -2.91 14.08
N SER A 458 -45.86 -2.61 12.79
CA SER A 458 -46.90 -1.69 12.38
C SER A 458 -48.28 -2.31 12.50
N VAL A 459 -48.42 -3.58 12.10
CA VAL A 459 -49.67 -4.29 12.30
C VAL A 459 -50.05 -4.29 13.77
N LEU A 460 -49.09 -4.60 14.64
CA LEU A 460 -49.36 -4.65 16.06
C LEU A 460 -49.77 -3.28 16.59
N SER A 461 -49.10 -2.22 16.14
CA SER A 461 -49.44 -0.89 16.61
C SER A 461 -50.83 -0.47 16.12
N SER A 462 -51.20 -0.87 14.91
CA SER A 462 -52.55 -0.57 14.43
C SER A 462 -53.59 -1.31 15.24
N LEU A 463 -53.34 -2.59 15.56
CA LEU A 463 -54.25 -3.31 16.43
C LEU A 463 -54.36 -2.63 17.79
N GLY A 464 -53.23 -2.12 18.29
CA GLY A 464 -53.26 -1.41 19.56
C GLY A 464 -54.10 -0.15 19.50
N ILE A 465 -54.01 0.59 18.40
CA ILE A 465 -54.82 1.80 18.25
C ILE A 465 -56.29 1.42 18.18
N VAL A 466 -56.61 0.34 17.47
CA VAL A 466 -57.99 -0.12 17.40
C VAL A 466 -58.50 -0.47 18.80
N LEU A 467 -57.68 -1.18 19.58
CA LEU A 467 -58.07 -1.54 20.93
C LEU A 467 -58.27 -0.30 21.80
N ALA A 468 -57.38 0.67 21.67
CA ALA A 468 -57.50 1.90 22.46
C ALA A 468 -58.78 2.65 22.12
N VAL A 469 -59.12 2.71 20.83
CA VAL A 469 -60.33 3.40 20.44
C VAL A 469 -61.56 2.64 20.91
N VAL A 470 -61.55 1.32 20.81
CA VAL A 470 -62.65 0.51 21.33
C VAL A 470 -62.85 0.78 22.80
N CYS A 471 -61.76 0.80 23.58
CA CYS A 471 -61.88 1.02 25.01
C CYS A 471 -62.35 2.45 25.31
N LEU A 472 -61.83 3.43 24.57
CA LEU A 472 -62.29 4.80 24.75
C LEU A 472 -63.79 4.91 24.50
N SER A 473 -64.29 4.23 23.48
CA SER A 473 -65.72 4.26 23.19
C SER A 473 -66.52 3.55 24.29
N PHE A 474 -66.03 2.40 24.74
CA PHE A 474 -66.73 1.69 25.81
C PHE A 474 -66.76 2.53 27.09
N ASN A 475 -65.76 3.38 27.30
CA ASN A 475 -65.75 4.25 28.47
C ASN A 475 -66.70 5.42 28.27
N ILE A 476 -66.64 6.07 27.12
CA ILE A 476 -67.54 7.18 26.81
C ILE A 476 -68.99 6.75 26.99
N TYR A 477 -69.38 5.66 26.30
CA TYR A 477 -70.72 5.13 26.47
C TYR A 477 -71.01 4.76 27.92
N ASN A 478 -69.98 4.54 28.73
CA ASN A 478 -70.16 4.23 30.15
C ASN A 478 -70.01 5.51 30.99
N SER A 479 -70.83 6.49 30.65
CA SER A 479 -70.89 7.75 31.40
C SER A 479 -72.00 7.75 32.45
N HIS A 480 -72.72 6.65 32.61
CA HIS A 480 -73.80 6.55 33.59
C HIS A 480 -73.56 5.50 34.66
N VAL A 481 -72.88 4.40 34.34
CA VAL A 481 -72.65 3.36 35.33
C VAL A 481 -71.88 3.92 36.51
N ARG A 482 -72.00 3.24 37.66
CA ARG A 482 -71.35 3.71 38.87
C ARG A 482 -69.85 3.47 38.83
N TYR A 483 -69.44 2.20 38.74
CA TYR A 483 -68.02 1.88 38.65
C TYR A 483 -67.35 2.69 37.55
N ILE A 484 -68.06 2.91 36.43
CA ILE A 484 -67.53 3.77 35.39
C ILE A 484 -67.60 5.23 35.82
N GLN A 485 -68.60 5.60 36.63
CA GLN A 485 -68.69 6.96 37.12
C GLN A 485 -67.61 7.26 38.14
N ASN A 486 -67.37 6.34 39.07
CA ASN A 486 -66.37 6.55 40.10
C ASN A 486 -64.97 6.64 39.49
N SER A 487 -64.60 5.64 38.69
CA SER A 487 -63.31 5.67 38.01
C SER A 487 -63.20 6.92 37.16
N GLN A 488 -62.19 7.74 37.44
CA GLN A 488 -62.00 8.99 36.72
C GLN A 488 -61.90 8.71 35.23
N PRO A 489 -62.93 9.02 34.44
CA PRO A 489 -62.89 8.67 33.01
C PRO A 489 -62.14 9.70 32.19
N ASN A 490 -62.17 10.95 32.63
CA ASN A 490 -61.51 12.02 31.90
C ASN A 490 -60.00 11.91 31.95
N LEU A 491 -59.45 11.00 32.75
CA LEU A 491 -58.02 10.73 32.78
C LEU A 491 -57.67 9.41 32.14
N ASN A 492 -58.51 8.39 32.27
CA ASN A 492 -58.28 7.16 31.52
C ASN A 492 -58.43 7.39 30.02
N ASN A 493 -59.30 8.32 29.62
CA ASN A 493 -59.37 8.69 28.21
C ASN A 493 -58.06 9.30 27.74
N LEU A 494 -57.46 10.15 28.57
CA LEU A 494 -56.15 10.71 28.23
C LEU A 494 -55.09 9.64 28.16
N THR A 495 -55.12 8.69 29.09
CA THR A 495 -54.19 7.57 29.04
C THR A 495 -54.31 6.83 27.71
N ALA A 496 -55.55 6.57 27.29
CA ALA A 496 -55.76 5.90 26.01
C ALA A 496 -55.24 6.73 24.84
N VAL A 497 -55.50 8.05 24.87
CA VAL A 497 -55.04 8.92 23.79
C VAL A 497 -53.52 8.88 23.70
N GLY A 498 -52.85 8.97 24.85
CA GLY A 498 -51.40 8.93 24.84
C GLY A 498 -50.85 7.60 24.36
N CYS A 499 -51.48 6.49 24.78
CA CYS A 499 -51.05 5.19 24.30
C CYS A 499 -51.21 5.08 22.79
N SER A 500 -52.29 5.66 22.25
CA SER A 500 -52.51 5.61 20.81
C SER A 500 -51.46 6.43 20.08
N LEU A 501 -51.16 7.64 20.57
CA LEU A 501 -50.10 8.43 19.96
C LEU A 501 -48.78 7.66 19.96
N ALA A 502 -48.43 7.06 21.10
CA ALA A 502 -47.17 6.32 21.17
C ALA A 502 -47.17 5.17 20.18
N LEU A 503 -48.26 4.41 20.13
CA LEU A 503 -48.36 3.33 19.15
C LEU A 503 -48.12 3.85 17.74
N ALA A 504 -48.71 5.00 17.41
CA ALA A 504 -48.51 5.59 16.10
C ALA A 504 -47.05 5.97 15.89
N ALA A 505 -46.33 6.28 16.97
CA ALA A 505 -44.92 6.62 16.86
C ALA A 505 -44.06 5.48 16.36
N VAL A 506 -44.65 4.30 16.17
CA VAL A 506 -43.88 3.15 15.73
C VAL A 506 -43.49 3.29 14.27
N PHE A 507 -44.46 3.60 13.40
CA PHE A 507 -44.19 3.65 11.97
C PHE A 507 -43.10 4.66 11.63
N PRO A 508 -43.15 5.90 12.10
CA PRO A 508 -42.06 6.84 11.79
C PRO A 508 -40.70 6.34 12.24
N LEU A 509 -40.65 5.53 13.30
CA LEU A 509 -39.38 5.08 13.85
C LEU A 509 -38.62 4.16 12.89
N GLY A 510 -39.25 3.70 11.81
CA GLY A 510 -38.60 2.80 10.88
C GLY A 510 -38.33 3.41 9.53
N LEU A 511 -39.00 4.52 9.22
CA LEU A 511 -38.81 5.19 7.94
C LEU A 511 -37.42 5.80 7.90
N ASP A 512 -36.54 5.23 7.06
CA ASP A 512 -35.14 5.65 7.03
C ASP A 512 -34.57 5.74 5.61
N GLY A 513 -35.43 5.83 4.59
CA GLY A 513 -34.97 5.93 3.22
C GLY A 513 -35.66 4.94 2.30
N TYR A 514 -35.90 3.74 2.80
CA TYR A 514 -36.68 2.76 2.06
C TYR A 514 -38.08 3.27 1.76
N HIS A 515 -38.58 4.23 2.55
CA HIS A 515 -39.91 4.76 2.35
C HIS A 515 -39.95 6.28 2.51
N ILE A 516 -38.81 6.95 2.66
CA ILE A 516 -38.76 8.39 2.86
C ILE A 516 -37.60 8.96 2.05
N GLY A 517 -37.71 10.25 1.73
CA GLY A 517 -36.66 10.96 1.02
C GLY A 517 -36.01 12.01 1.88
N ARG A 518 -34.81 12.45 1.50
CA ARG A 518 -34.06 13.41 2.29
C ARG A 518 -34.79 14.73 2.49
N ASN A 519 -35.91 14.96 1.81
CA ASN A 519 -36.65 16.21 1.92
C ASN A 519 -37.67 16.16 3.05
N GLN A 520 -38.59 15.19 2.99
CA GLN A 520 -39.61 15.03 4.02
C GLN A 520 -39.12 14.19 5.20
N PHE A 521 -37.81 14.00 5.33
CA PHE A 521 -37.24 13.13 6.35
C PHE A 521 -37.23 13.81 7.71
N PRO A 522 -36.84 15.09 7.80
CA PRO A 522 -37.02 15.81 9.07
C PRO A 522 -38.44 15.76 9.58
N PHE A 523 -39.44 15.70 8.68
CA PHE A 523 -40.81 15.53 9.12
C PHE A 523 -40.96 14.29 9.99
N VAL A 524 -40.39 13.17 9.52
CA VAL A 524 -40.48 11.93 10.28
C VAL A 524 -39.67 12.04 11.57
N CYS A 525 -38.46 12.61 11.49
CA CYS A 525 -37.62 12.69 12.66
C CYS A 525 -38.18 13.63 13.72
N GLN A 526 -39.12 14.50 13.34
CA GLN A 526 -39.81 15.36 14.29
C GLN A 526 -41.10 14.73 14.81
N ALA A 527 -41.80 14.02 13.93
CA ALA A 527 -43.01 13.32 14.37
C ALA A 527 -42.69 12.26 15.40
N ARG A 528 -41.59 11.52 15.20
CA ARG A 528 -41.16 10.58 16.23
C ARG A 528 -41.12 11.26 17.59
N LEU A 529 -40.36 12.36 17.68
CA LEU A 529 -40.16 13.03 18.94
C LEU A 529 -41.48 13.50 19.54
N TRP A 530 -42.31 14.16 18.73
CA TRP A 530 -43.52 14.75 19.29
C TRP A 530 -44.50 13.68 19.73
N LEU A 531 -44.68 12.64 18.93
CA LEU A 531 -45.58 11.56 19.32
C LEU A 531 -45.10 10.89 20.59
N LEU A 532 -43.84 10.44 20.63
CA LEU A 532 -43.31 9.85 21.85
C LEU A 532 -43.56 10.77 23.05
N GLY A 533 -43.07 12.01 22.96
CA GLY A 533 -43.18 12.95 24.05
C GLY A 533 -44.59 13.09 24.56
N LEU A 534 -45.52 13.51 23.69
CA LEU A 534 -46.88 13.79 24.14
C LEU A 534 -47.60 12.52 24.58
N GLY A 535 -47.47 11.45 23.81
CA GLY A 535 -48.13 10.21 24.19
C GLY A 535 -47.73 9.73 25.57
N PHE A 536 -46.41 9.65 25.82
CA PHE A 536 -45.97 9.21 27.14
C PHE A 536 -46.34 10.23 28.20
N SER A 537 -46.22 11.51 27.89
CA SER A 537 -46.56 12.55 28.85
C SER A 537 -47.97 12.36 29.36
N LEU A 538 -48.94 12.22 28.46
CA LEU A 538 -50.32 12.00 28.88
C LEU A 538 -50.49 10.64 29.56
N GLY A 539 -49.97 9.58 28.93
CA GLY A 539 -50.18 8.23 29.44
C GLY A 539 -49.67 8.05 30.85
N TYR A 540 -48.63 8.80 31.23
CA TYR A 540 -48.15 8.75 32.60
C TYR A 540 -48.69 9.86 33.47
N GLY A 541 -49.03 11.02 32.90
CA GLY A 541 -49.57 12.09 33.69
C GLY A 541 -50.94 11.77 34.26
N SER A 542 -51.80 11.16 33.45
CA SER A 542 -53.10 10.73 33.96
C SER A 542 -52.90 9.80 35.16
N MET A 543 -52.22 8.68 34.94
CA MET A 543 -52.05 7.65 35.95
C MET A 543 -51.19 8.11 37.12
N PHE A 544 -50.46 9.21 36.98
CA PHE A 544 -49.61 9.72 38.06
C PHE A 544 -50.32 10.78 38.87
N THR A 545 -51.09 11.65 38.23
CA THR A 545 -51.94 12.58 38.98
C THR A 545 -53.00 11.82 39.75
N LYS A 546 -53.48 10.69 39.21
CA LYS A 546 -54.44 9.90 39.99
C LYS A 546 -53.83 9.43 41.30
N ILE A 547 -52.59 8.95 41.26
CA ILE A 547 -51.93 8.50 42.48
C ILE A 547 -51.56 9.69 43.36
N TRP A 548 -51.19 10.82 42.77
CA TRP A 548 -50.90 12.01 43.57
C TRP A 548 -52.14 12.44 44.35
N TRP A 549 -53.31 12.39 43.71
CA TRP A 549 -54.56 12.70 44.41
C TRP A 549 -54.85 11.66 45.48
N VAL A 550 -54.72 10.38 45.15
CA VAL A 550 -54.94 9.32 46.14
C VAL A 550 -54.05 9.54 47.34
N HIS A 551 -52.84 10.05 47.12
CA HIS A 551 -51.92 10.32 48.23
C HIS A 551 -52.38 11.52 49.04
N THR A 552 -52.47 12.69 48.40
CA THR A 552 -52.94 13.87 49.11
C THR A 552 -54.36 13.71 49.63
N VAL A 553 -55.16 12.83 49.02
CA VAL A 553 -56.52 12.58 49.46
C VAL A 553 -56.60 11.32 50.32
N PHE A 554 -55.47 10.85 50.85
CA PHE A 554 -55.45 9.66 51.68
C PHE A 554 -54.04 9.33 52.15
N TRP A 570 -62.04 18.83 41.31
CA TRP A 570 -61.65 18.72 39.91
C TRP A 570 -60.25 19.30 39.69
N LYS A 571 -59.41 19.21 40.73
CA LYS A 571 -58.05 19.74 40.64
C LYS A 571 -57.10 18.82 39.90
N LEU A 572 -57.48 17.55 39.71
CA LEU A 572 -56.61 16.61 39.01
C LEU A 572 -56.24 17.13 37.62
N TYR A 573 -57.21 17.71 36.91
CA TYR A 573 -56.93 18.25 35.59
C TYR A 573 -55.77 19.23 35.61
N ALA A 574 -55.60 19.96 36.72
CA ALA A 574 -54.49 20.92 36.82
C ALA A 574 -53.16 20.23 36.52
N THR A 575 -52.84 19.19 37.28
CA THR A 575 -51.58 18.50 37.07
C THR A 575 -51.60 17.69 35.78
N VAL A 576 -52.75 17.12 35.42
CA VAL A 576 -52.84 16.33 34.20
C VAL A 576 -52.49 17.19 32.99
N GLY A 577 -52.71 18.49 33.08
CA GLY A 577 -52.35 19.41 32.02
C GLY A 577 -50.96 19.98 32.21
N LEU A 578 -50.55 20.18 33.47
CA LEU A 578 -49.23 20.73 33.72
C LEU A 578 -48.13 19.79 33.27
N LEU A 579 -48.36 18.48 33.37
CA LEU A 579 -47.37 17.52 32.90
C LEU A 579 -47.15 17.67 31.39
N VAL A 580 -48.24 17.66 30.63
CA VAL A 580 -48.13 17.83 29.18
C VAL A 580 -47.54 19.19 28.84
N GLY A 581 -47.82 20.21 29.67
CA GLY A 581 -47.27 21.52 29.41
C GLY A 581 -45.77 21.56 29.57
N MET A 582 -45.27 20.99 30.67
CA MET A 582 -43.83 20.87 30.86
C MET A 582 -43.19 20.09 29.72
N ASP A 583 -43.85 19.00 29.29
CA ASP A 583 -43.32 18.21 28.19
C ASP A 583 -43.21 19.03 26.92
N VAL A 584 -44.29 19.74 26.56
CA VAL A 584 -44.28 20.54 25.35
C VAL A 584 -43.22 21.63 25.43
N LEU A 585 -43.09 22.26 26.60
CA LEU A 585 -42.12 23.34 26.75
C LEU A 585 -40.70 22.82 26.59
N THR A 586 -40.37 21.72 27.25
CA THR A 586 -39.02 21.19 27.16
C THR A 586 -38.72 20.70 25.73
N LEU A 587 -39.71 20.12 25.06
CA LEU A 587 -39.49 19.67 23.68
C LEU A 587 -39.28 20.86 22.75
N ALA A 588 -40.05 21.94 22.94
CA ALA A 588 -39.85 23.12 22.12
C ALA A 588 -38.50 23.75 22.36
N ILE A 589 -38.07 23.82 23.63
CA ILE A 589 -36.75 24.35 23.94
C ILE A 589 -35.67 23.50 23.27
N TRP A 590 -35.85 22.18 23.30
CA TRP A 590 -34.89 21.28 22.65
C TRP A 590 -34.83 21.55 21.15
N GLN A 591 -35.99 21.60 20.50
CA GLN A 591 -36.01 21.80 19.05
C GLN A 591 -35.57 23.20 18.65
N ILE A 592 -35.60 24.16 19.57
CA ILE A 592 -35.11 25.50 19.24
C ILE A 592 -33.60 25.58 19.42
N VAL A 593 -33.10 25.09 20.56
CA VAL A 593 -31.67 25.13 20.83
C VAL A 593 -30.92 24.19 19.89
N ASP A 594 -31.28 22.90 19.94
CA ASP A 594 -30.62 21.88 19.13
C ASP A 594 -31.70 21.04 18.46
N PRO A 595 -32.06 21.34 17.21
CA PRO A 595 -33.08 20.56 16.51
C PRO A 595 -32.48 19.37 15.79
N LEU A 596 -33.35 18.42 15.45
CA LEU A 596 -32.91 17.22 14.77
C LEU A 596 -32.65 17.48 13.30
N HIS A 597 -31.61 16.85 12.76
CA HIS A 597 -31.28 16.93 11.35
C HIS A 597 -30.56 15.66 10.92
N ARG A 598 -30.77 15.27 9.67
CA ARG A 598 -30.25 14.01 9.16
C ARG A 598 -28.74 13.94 9.28
N THR A 599 -28.25 12.77 9.66
CA THR A 599 -26.82 12.50 9.72
C THR A 599 -26.55 11.08 9.22
N ILE A 600 -25.49 10.93 8.42
CA ILE A 600 -25.12 9.64 7.84
C ILE A 600 -23.94 9.09 8.62
N GLU A 601 -24.08 7.86 9.11
CA GLU A 601 -23.02 7.17 9.85
C GLU A 601 -22.43 6.08 8.96
N THR A 602 -21.13 6.16 8.71
CA THR A 602 -20.44 5.23 7.83
C THR A 602 -19.69 4.20 8.64
N PHE A 603 -19.88 2.93 8.32
CA PHE A 603 -19.23 1.83 9.04
C PHE A 603 -17.91 1.48 8.35
N ALA A 604 -17.26 0.42 8.83
CA ALA A 604 -16.05 -0.06 8.20
C ALA A 604 -16.35 -0.49 6.76
N LYS A 605 -15.56 -0.02 5.82
CA LYS A 605 -15.81 -0.26 4.40
C LYS A 605 -15.31 -1.66 4.04
N GLU A 606 -16.24 -2.55 3.69
CA GLU A 606 -15.89 -3.88 3.23
C GLU A 606 -17.17 -4.57 2.76
N GLU A 607 -17.02 -5.42 1.74
CA GLU A 607 -18.15 -6.17 1.20
C GLU A 607 -17.65 -7.27 0.28
N PRO A 608 -18.07 -8.53 0.47
CA PRO A 608 -17.65 -9.58 -0.46
C PRO A 608 -18.59 -9.71 -1.65
N ASP A 613 -16.78 -6.60 -8.69
CA ASP A 613 -15.53 -6.19 -8.07
C ASP A 613 -15.66 -4.88 -7.30
N VAL A 614 -16.87 -4.51 -6.91
CA VAL A 614 -17.10 -3.27 -6.19
C VAL A 614 -16.93 -3.51 -4.69
N SER A 615 -16.57 -2.45 -3.99
CA SER A 615 -16.45 -2.44 -2.52
C SER A 615 -17.64 -1.60 -2.03
N ILE A 616 -18.55 -2.22 -1.29
CA ILE A 616 -19.76 -1.49 -0.79
C ILE A 616 -19.42 -0.99 0.61
N LEU A 617 -19.42 0.32 0.80
CA LEU A 617 -19.17 0.96 2.12
C LEU A 617 -20.54 1.25 2.71
N PRO A 618 -20.95 0.64 3.84
CA PRO A 618 -22.29 0.84 4.40
C PRO A 618 -22.48 2.16 5.14
N GLN A 619 -23.65 2.79 5.00
CA GLN A 619 -23.99 4.05 5.65
C GLN A 619 -25.34 3.92 6.35
N LEU A 620 -25.39 4.35 7.61
CA LEU A 620 -26.63 4.37 8.38
C LEU A 620 -27.18 5.80 8.42
N GLU A 621 -28.48 5.93 8.22
CA GLU A 621 -29.15 7.24 8.18
C GLU A 621 -29.75 7.52 9.56
N HIS A 622 -28.94 8.15 10.41
CA HIS A 622 -29.35 8.51 11.76
C HIS A 622 -29.60 10.01 11.81
N CYS A 623 -30.83 10.41 12.14
CA CYS A 623 -31.15 11.82 12.32
C CYS A 623 -30.91 12.18 13.77
N SER A 624 -29.86 12.95 14.02
CA SER A 624 -29.42 13.25 15.38
C SER A 624 -28.88 14.67 15.44
N SER A 625 -29.12 15.33 16.56
CA SER A 625 -28.65 16.68 16.77
C SER A 625 -27.16 16.66 17.14
N ARG A 626 -26.62 17.83 17.46
CA ARG A 626 -25.23 17.89 17.89
C ARG A 626 -25.09 17.59 19.38
N LYS A 627 -25.88 18.27 20.21
CA LYS A 627 -25.95 18.00 21.64
C LYS A 627 -26.99 16.94 21.97
N MET A 628 -27.29 16.05 21.02
CA MET A 628 -28.35 15.06 21.19
C MET A 628 -28.23 14.34 22.52
N ASN A 629 -27.12 13.64 22.72
CA ASN A 629 -26.98 12.78 23.90
C ASN A 629 -27.33 13.52 25.18
N THR A 630 -26.96 14.81 25.25
CA THR A 630 -27.26 15.58 26.46
C THR A 630 -28.75 15.75 26.64
N TRP A 631 -29.47 16.13 25.57
CA TRP A 631 -30.91 16.31 25.69
C TRP A 631 -31.62 15.00 25.98
N LEU A 632 -31.19 13.92 25.32
CA LEU A 632 -31.76 12.61 25.60
C LEU A 632 -31.56 12.24 27.07
N GLY A 633 -30.34 12.44 27.59
CA GLY A 633 -30.09 12.12 28.98
C GLY A 633 -30.93 12.96 29.93
N ILE A 634 -31.06 14.26 29.63
CA ILE A 634 -31.86 15.13 30.48
C ILE A 634 -33.31 14.68 30.52
N PHE A 635 -33.89 14.46 29.34
CA PHE A 635 -35.30 14.06 29.27
C PHE A 635 -35.51 12.70 29.93
N TYR A 636 -34.60 11.75 29.67
CA TYR A 636 -34.73 10.43 30.26
C TYR A 636 -34.59 10.50 31.78
N GLY A 637 -33.74 11.38 32.27
CA GLY A 637 -33.61 11.53 33.72
C GLY A 637 -34.84 12.13 34.35
N TYR A 638 -35.41 13.16 33.72
CA TYR A 638 -36.66 13.72 34.22
C TYR A 638 -37.74 12.66 34.27
N LYS A 639 -37.91 11.91 33.18
CA LYS A 639 -38.96 10.90 33.13
C LYS A 639 -38.66 9.76 34.08
N GLY A 640 -37.38 9.49 34.36
CA GLY A 640 -37.06 8.44 35.31
C GLY A 640 -37.35 8.86 36.73
N LEU A 641 -37.01 10.08 37.10
CA LEU A 641 -37.46 10.63 38.38
C LEU A 641 -38.97 10.51 38.50
N LEU A 642 -39.69 10.87 37.43
CA LEU A 642 -41.14 10.82 37.49
C LEU A 642 -41.66 9.39 37.64
N LEU A 643 -41.08 8.45 36.89
CA LEU A 643 -41.46 7.05 37.03
C LEU A 643 -41.23 6.57 38.45
N LEU A 644 -40.07 6.90 39.01
CA LEU A 644 -39.74 6.42 40.36
C LEU A 644 -40.67 7.02 41.39
N LEU A 645 -40.99 8.31 41.26
CA LEU A 645 -41.93 8.93 42.18
C LEU A 645 -43.32 8.30 42.06
N GLY A 646 -43.75 8.01 40.83
CA GLY A 646 -45.04 7.38 40.64
C GLY A 646 -45.11 6.00 41.27
N ILE A 647 -44.06 5.20 41.07
CA ILE A 647 -44.08 3.86 41.64
C ILE A 647 -43.95 3.90 43.15
N PHE A 648 -43.22 4.89 43.69
CA PHE A 648 -43.16 5.06 45.14
C PHE A 648 -44.54 5.42 45.70
N LEU A 649 -45.20 6.40 45.10
CA LEU A 649 -46.54 6.76 45.54
C LEU A 649 -47.51 5.61 45.38
N ALA A 650 -47.27 4.71 44.42
CA ALA A 650 -48.13 3.55 44.26
C ALA A 650 -47.90 2.54 45.37
N TYR A 651 -46.63 2.26 45.69
CA TYR A 651 -46.33 1.37 46.80
C TYR A 651 -46.85 1.93 48.11
N GLU A 652 -46.84 3.25 48.28
CA GLU A 652 -47.31 3.86 49.52
C GLU A 652 -48.83 3.89 49.58
N THR A 653 -49.49 4.29 48.49
CA THR A 653 -50.94 4.43 48.44
C THR A 653 -51.62 3.20 47.87
N LYS A 654 -51.07 2.01 48.12
CA LYS A 654 -51.67 0.79 47.60
C LYS A 654 -53.08 0.60 48.14
N SER A 655 -53.30 0.93 49.40
CA SER A 655 -54.62 0.76 50.02
C SER A 655 -55.50 1.97 49.75
N ASN A 662 -61.65 5.15 42.43
CA ASN A 662 -62.09 3.95 41.72
C ASN A 662 -61.13 3.62 40.57
N ASP A 663 -60.88 2.33 40.37
CA ASP A 663 -60.01 1.87 39.30
C ASP A 663 -58.64 2.54 39.37
N HIS A 664 -58.17 2.82 40.59
CA HIS A 664 -56.89 3.48 40.80
C HIS A 664 -55.84 2.57 41.42
N ARG A 665 -56.25 1.50 42.11
CA ARG A 665 -55.27 0.60 42.72
C ARG A 665 -54.65 -0.33 41.70
N ALA A 666 -55.41 -0.71 40.66
CA ALA A 666 -54.87 -1.58 39.63
C ALA A 666 -53.86 -0.85 38.76
N VAL A 667 -54.03 0.46 38.58
CA VAL A 667 -53.12 1.23 37.73
C VAL A 667 -51.68 1.18 38.24
N GLY A 668 -51.47 0.75 39.49
CA GLY A 668 -50.13 0.75 40.03
C GLY A 668 -49.23 -0.29 39.40
N MET A 669 -49.76 -1.50 39.20
CA MET A 669 -48.97 -2.52 38.53
C MET A 669 -48.63 -2.11 37.11
N ALA A 670 -49.59 -1.50 36.41
CA ALA A 670 -49.32 -0.99 35.07
C ALA A 670 -48.24 0.07 35.10
N ILE A 671 -48.30 0.98 36.08
CA ILE A 671 -47.28 2.01 36.21
C ILE A 671 -45.91 1.37 36.39
N TYR A 672 -45.81 0.41 37.30
CA TYR A 672 -44.51 -0.21 37.57
C TYR A 672 -43.99 -0.94 36.33
N ASN A 673 -44.88 -1.64 35.62
CA ASN A 673 -44.45 -2.36 34.42
C ASN A 673 -43.93 -1.41 33.37
N VAL A 674 -44.72 -0.38 33.04
CA VAL A 674 -44.29 0.61 32.07
C VAL A 674 -42.97 1.23 32.50
N ALA A 675 -42.82 1.49 33.80
CA ALA A 675 -41.61 2.13 34.31
C ALA A 675 -40.40 1.26 34.07
N VAL A 676 -40.47 -0.01 34.46
CA VAL A 676 -39.32 -0.89 34.30
C VAL A 676 -39.01 -1.10 32.82
N LEU A 677 -40.05 -1.27 31.99
CA LEU A 677 -39.83 -1.43 30.57
C LEU A 677 -39.09 -0.24 29.99
N CYS A 678 -39.60 0.98 30.22
CA CYS A 678 -38.95 2.16 29.68
C CYS A 678 -37.54 2.35 30.23
N LEU A 679 -37.35 2.05 31.52
CA LEU A 679 -36.05 2.25 32.14
C LEU A 679 -35.01 1.30 31.55
N ILE A 680 -35.41 0.07 31.26
CA ILE A 680 -34.47 -0.88 30.67
C ILE A 680 -34.34 -0.68 29.16
N THR A 681 -35.31 -0.03 28.52
CA THR A 681 -35.30 0.09 27.07
C THR A 681 -34.61 1.35 26.57
N ALA A 682 -34.83 2.49 27.22
CA ALA A 682 -34.21 3.74 26.80
C ALA A 682 -32.70 3.59 26.65
N PRO A 683 -31.99 3.17 27.71
CA PRO A 683 -30.53 3.04 27.56
C PRO A 683 -30.12 2.03 26.51
N VAL A 684 -30.85 0.91 26.43
CA VAL A 684 -30.61 -0.06 25.35
C VAL A 684 -30.60 0.65 24.00
N THR A 685 -31.72 1.30 23.67
CA THR A 685 -31.81 2.02 22.41
C THR A 685 -30.65 3.00 22.25
N MET A 686 -30.33 3.74 23.32
CA MET A 686 -29.23 4.68 23.24
C MET A 686 -27.92 3.98 22.90
N ILE A 687 -27.78 2.71 23.28
CA ILE A 687 -26.56 1.97 23.03
C ILE A 687 -26.57 1.31 21.65
N LEU A 688 -27.73 0.85 21.19
CA LEU A 688 -27.86 0.16 19.93
C LEU A 688 -28.05 1.10 18.74
N SER A 689 -27.68 2.37 18.90
CA SER A 689 -27.82 3.32 17.80
C SER A 689 -27.10 2.81 16.54
N SER A 690 -25.90 2.26 16.71
CA SER A 690 -25.12 1.77 15.57
C SER A 690 -25.74 0.55 14.91
N GLN A 691 -26.83 0.02 15.44
CA GLN A 691 -27.49 -1.16 14.88
C GLN A 691 -28.93 -0.82 14.52
N GLN A 692 -29.31 -1.10 13.28
CA GLN A 692 -30.70 -1.07 12.88
C GLN A 692 -31.30 -2.46 12.98
N ASP A 693 -32.62 -2.51 13.07
CA ASP A 693 -33.42 -3.73 13.19
C ASP A 693 -33.38 -4.30 14.61
N ALA A 694 -32.55 -3.77 15.50
CA ALA A 694 -32.53 -4.19 16.89
C ALA A 694 -32.93 -3.07 17.83
N ALA A 695 -32.31 -1.90 17.71
CA ALA A 695 -32.77 -0.74 18.48
C ALA A 695 -34.25 -0.48 18.23
N PHE A 696 -34.64 -0.41 16.97
CA PHE A 696 -36.04 -0.19 16.65
C PHE A 696 -36.90 -1.33 17.16
N ALA A 697 -36.37 -2.55 17.13
CA ALA A 697 -37.13 -3.69 17.62
C ALA A 697 -37.52 -3.49 19.08
N PHE A 698 -36.53 -3.20 19.92
CA PHE A 698 -36.81 -3.02 21.35
C PHE A 698 -37.70 -1.80 21.57
N ALA A 699 -37.43 -0.70 20.88
CA ALA A 699 -38.26 0.49 21.04
C ALA A 699 -39.71 0.19 20.72
N SER A 700 -39.97 -0.37 19.54
CA SER A 700 -41.34 -0.63 19.12
C SER A 700 -42.01 -1.65 20.02
N LEU A 701 -41.28 -2.70 20.41
CA LEU A 701 -41.87 -3.70 21.29
C LEU A 701 -42.23 -3.12 22.64
N ALA A 702 -41.33 -2.29 23.20
CA ALA A 702 -41.63 -1.63 24.46
C ALA A 702 -42.87 -0.76 24.34
N ILE A 703 -42.94 0.05 23.30
CA ILE A 703 -44.10 0.93 23.14
C ILE A 703 -45.37 0.11 23.04
N VAL A 704 -45.39 -0.87 22.14
CA VAL A 704 -46.63 -1.60 21.89
C VAL A 704 -47.04 -2.41 23.11
N PHE A 705 -46.06 -2.93 23.87
CA PHE A 705 -46.42 -3.73 25.04
C PHE A 705 -46.91 -2.85 26.17
N SER A 706 -46.24 -1.72 26.41
CA SER A 706 -46.76 -0.76 27.38
C SER A 706 -48.20 -0.39 27.05
N SER A 707 -48.46 -0.09 25.77
CA SER A 707 -49.80 0.31 25.36
C SER A 707 -50.80 -0.82 25.60
N TYR A 708 -50.54 -1.99 25.00
CA TYR A 708 -51.42 -3.14 25.17
C TYR A 708 -51.72 -3.38 26.64
N ILE A 709 -50.68 -3.41 27.47
CA ILE A 709 -50.85 -3.78 28.87
C ILE A 709 -51.67 -2.73 29.61
N THR A 710 -51.27 -1.47 29.51
CA THR A 710 -52.02 -0.41 30.18
C THR A 710 -53.50 -0.49 29.79
N LEU A 711 -53.78 -0.64 28.49
CA LEU A 711 -55.16 -0.61 28.04
C LEU A 711 -55.93 -1.82 28.56
N VAL A 712 -55.44 -3.03 28.30
CA VAL A 712 -56.14 -4.22 28.72
C VAL A 712 -56.22 -4.33 30.22
N VAL A 713 -55.42 -3.54 30.95
CA VAL A 713 -55.45 -3.55 32.40
C VAL A 713 -56.54 -2.62 32.92
N LEU A 714 -56.53 -1.36 32.51
CA LEU A 714 -57.42 -0.37 33.10
C LEU A 714 -58.59 0.00 32.20
N PHE A 715 -58.89 -0.81 31.19
CA PHE A 715 -60.11 -0.60 30.41
C PHE A 715 -60.88 -1.90 30.23
N VAL A 716 -60.20 -3.04 30.30
CA VAL A 716 -60.82 -4.34 30.05
C VAL A 716 -61.70 -4.70 31.25
N PRO A 717 -61.18 -4.72 32.47
CA PRO A 717 -62.03 -5.05 33.62
C PRO A 717 -63.34 -4.29 33.67
N LYS A 718 -63.34 -3.03 33.23
CA LYS A 718 -64.58 -2.26 33.19
C LYS A 718 -65.66 -3.02 32.43
N MET A 719 -65.34 -3.48 31.22
CA MET A 719 -66.33 -4.21 30.43
C MET A 719 -66.53 -5.62 30.96
N ARG A 720 -65.46 -6.26 31.43
CA ARG A 720 -65.59 -7.60 32.00
C ARG A 720 -66.61 -7.63 33.12
N ARG A 721 -66.69 -6.55 33.90
CA ARG A 721 -67.68 -6.46 34.96
C ARG A 721 -69.01 -5.90 34.48
N LEU A 722 -68.99 -4.98 33.52
CA LEU A 722 -70.22 -4.39 33.01
C LEU A 722 -70.89 -5.25 31.94
N ILE A 723 -70.16 -6.20 31.35
CA ILE A 723 -70.72 -7.07 30.33
C ILE A 723 -71.59 -8.14 30.96
N GLU B 28 71.49 5.61 -21.62
CA GLU B 28 70.27 6.39 -21.46
C GLU B 28 69.15 5.52 -20.90
N ARG B 29 67.98 6.13 -20.72
CA ARG B 29 66.81 5.46 -20.17
C ARG B 29 65.80 5.20 -21.28
N ARG B 30 65.38 3.94 -21.41
CA ARG B 30 64.37 3.57 -22.40
C ARG B 30 63.05 4.18 -21.98
N ALA B 31 62.63 5.24 -22.67
CA ALA B 31 61.40 5.92 -22.31
C ALA B 31 60.20 4.99 -22.44
N VAL B 32 59.26 5.15 -21.52
CA VAL B 32 57.99 4.42 -21.53
C VAL B 32 56.88 5.43 -21.41
N TYR B 33 55.86 5.30 -22.24
CA TYR B 33 54.81 6.30 -22.34
C TYR B 33 53.51 5.79 -21.73
N ILE B 34 52.67 6.74 -21.34
CA ILE B 34 51.42 6.46 -20.66
C ILE B 34 50.36 7.39 -21.25
N GLY B 35 49.34 6.81 -21.86
CA GLY B 35 48.24 7.62 -22.35
C GLY B 35 47.24 7.87 -21.24
N ALA B 36 46.73 9.10 -21.20
CA ALA B 36 45.85 9.52 -20.13
C ALA B 36 44.76 10.42 -20.69
N LEU B 37 43.62 10.43 -20.01
CA LEU B 37 42.48 11.25 -20.38
C LEU B 37 41.99 11.95 -19.12
N PHE B 38 42.18 13.26 -19.06
CA PHE B 38 41.91 14.03 -17.86
C PHE B 38 40.71 14.94 -18.10
N PRO B 39 39.62 14.79 -17.35
CA PRO B 39 38.46 15.67 -17.53
C PRO B 39 38.67 17.01 -16.85
N MET B 40 38.81 18.06 -17.66
CA MET B 40 38.93 19.42 -17.16
C MET B 40 37.60 20.14 -17.17
N SER B 41 36.50 19.43 -17.39
CA SER B 41 35.19 20.04 -17.46
C SER B 41 34.15 18.95 -17.57
N GLY B 42 32.91 19.30 -17.26
CA GLY B 42 31.82 18.35 -17.31
C GLY B 42 31.19 18.13 -15.95
N GLY B 43 30.46 17.03 -15.81
CA GLY B 43 29.87 16.71 -14.52
C GLY B 43 30.90 16.58 -13.42
N TRP B 44 32.06 15.99 -13.75
CA TRP B 44 33.14 15.78 -12.78
C TRP B 44 34.43 16.31 -13.38
N PRO B 45 34.80 17.55 -13.08
CA PRO B 45 36.10 18.08 -13.51
C PRO B 45 37.22 17.70 -12.55
N GLY B 46 37.76 16.51 -12.76
CA GLY B 46 38.74 15.95 -11.85
C GLY B 46 40.11 15.79 -12.48
N GLY B 47 40.39 16.59 -13.49
CA GLY B 47 41.70 16.61 -14.09
C GLY B 47 42.52 17.77 -13.55
N GLN B 48 41.81 18.79 -13.07
CA GLN B 48 42.47 19.97 -12.52
C GLN B 48 43.40 19.61 -11.38
N ALA B 49 42.97 18.70 -10.52
CA ALA B 49 43.75 18.27 -9.36
C ALA B 49 44.37 16.90 -9.53
N CYS B 50 44.18 16.25 -10.69
CA CYS B 50 44.73 14.93 -10.92
C CYS B 50 45.76 14.90 -12.04
N GLN B 51 45.94 16.00 -12.77
CA GLN B 51 47.09 16.13 -13.66
C GLN B 51 48.31 16.51 -12.84
N PRO B 52 48.20 17.50 -11.95
CA PRO B 52 49.34 17.82 -11.08
C PRO B 52 49.79 16.65 -10.24
N ALA B 53 48.85 15.85 -9.74
CA ALA B 53 49.21 14.69 -8.93
C ALA B 53 49.91 13.63 -9.77
N VAL B 54 49.40 13.37 -10.98
CA VAL B 54 50.09 12.50 -11.92
C VAL B 54 51.52 12.96 -12.14
N GLU B 55 51.71 14.25 -12.38
CA GLU B 55 53.04 14.75 -12.68
C GLU B 55 53.95 14.63 -11.46
N MET B 56 53.42 14.90 -10.27
CA MET B 56 54.20 14.71 -9.05
C MET B 56 54.59 13.26 -8.87
N ALA B 57 53.67 12.34 -9.16
CA ALA B 57 53.99 10.93 -9.02
C ALA B 57 55.06 10.51 -10.01
N LEU B 58 55.01 11.04 -11.22
CA LEU B 58 56.03 10.69 -12.19
C LEU B 58 57.39 11.24 -11.78
N GLU B 59 57.41 12.48 -11.28
CA GLU B 59 58.65 13.05 -10.78
C GLU B 59 59.22 12.21 -9.63
N ASP B 60 58.35 11.79 -8.72
CA ASP B 60 58.82 11.06 -7.54
C ASP B 60 59.25 9.64 -7.89
N VAL B 61 58.64 9.05 -8.91
CA VAL B 61 58.97 7.69 -9.29
C VAL B 61 60.14 7.64 -10.28
N ASN B 62 60.48 8.75 -10.91
CA ASN B 62 61.68 8.82 -11.72
C ASN B 62 62.89 9.38 -10.97
N SER B 63 62.66 10.13 -9.89
CA SER B 63 63.75 10.58 -9.04
C SER B 63 64.36 9.43 -8.25
N ARG B 64 63.66 8.30 -8.16
CA ARG B 64 64.15 7.13 -7.46
C ARG B 64 64.86 6.20 -8.44
N ARG B 65 66.08 5.80 -8.08
CA ARG B 65 66.89 4.92 -8.92
C ARG B 65 66.75 3.46 -8.50
N ASP B 66 65.67 3.11 -7.81
CA ASP B 66 65.45 1.76 -7.32
C ASP B 66 64.12 1.17 -7.79
N ILE B 67 63.46 1.79 -8.76
CA ILE B 67 62.16 1.33 -9.22
C ILE B 67 62.23 0.94 -10.69
N LEU B 68 62.53 1.91 -11.55
CA LEU B 68 62.67 1.70 -12.99
C LEU B 68 63.93 2.40 -13.46
N PRO B 69 65.10 1.88 -13.10
CA PRO B 69 66.35 2.57 -13.46
C PRO B 69 66.65 2.49 -14.94
N ASP B 70 66.27 1.41 -15.62
CA ASP B 70 66.53 1.29 -17.05
C ASP B 70 65.51 2.04 -17.89
N TYR B 71 64.36 2.39 -17.32
CA TYR B 71 63.27 3.02 -18.04
C TYR B 71 62.93 4.35 -17.41
N GLU B 72 62.08 5.11 -18.10
CA GLU B 72 61.59 6.39 -17.61
C GLU B 72 60.14 6.57 -18.06
N LEU B 73 59.27 6.89 -17.11
CA LEU B 73 57.86 7.05 -17.42
C LEU B 73 57.60 8.47 -17.92
N LYS B 74 56.81 8.56 -18.99
CA LYS B 74 56.39 9.84 -19.54
C LYS B 74 54.90 9.77 -19.85
N LEU B 75 54.27 10.94 -19.86
CA LEU B 75 52.82 11.04 -19.95
C LEU B 75 52.43 11.78 -21.23
N ILE B 76 51.34 11.33 -21.84
CA ILE B 76 50.77 11.95 -23.03
C ILE B 76 49.29 12.11 -22.77
N HIS B 77 48.88 13.31 -22.35
CA HIS B 77 47.53 13.54 -21.88
C HIS B 77 46.67 14.17 -22.97
N HIS B 78 45.36 14.06 -22.77
CA HIS B 78 44.37 14.63 -23.67
C HIS B 78 43.12 14.90 -22.85
N ASP B 79 42.48 16.04 -23.08
CA ASP B 79 41.26 16.34 -22.36
C ASP B 79 40.09 15.54 -22.92
N SER B 80 39.11 15.27 -22.06
CA SER B 80 37.96 14.46 -22.42
C SER B 80 36.64 15.04 -21.99
N LYS B 81 36.62 15.95 -21.02
CA LYS B 81 35.41 16.59 -20.55
C LYS B 81 34.37 15.58 -20.07
N CYS B 82 34.83 14.39 -19.64
CA CYS B 82 33.93 13.32 -19.24
C CYS B 82 32.89 13.06 -20.33
N ASP B 83 33.29 13.30 -21.59
CA ASP B 83 32.44 13.11 -22.75
C ASP B 83 32.98 11.96 -23.58
N PRO B 84 32.20 10.92 -23.86
CA PRO B 84 32.67 9.83 -24.73
C PRO B 84 32.78 10.20 -26.19
N GLY B 85 32.44 11.42 -26.59
CA GLY B 85 32.65 11.84 -27.96
C GLY B 85 33.99 12.51 -28.11
N GLN B 86 34.26 13.46 -27.22
CA GLN B 86 35.57 14.09 -27.15
C GLN B 86 36.64 13.12 -26.67
N ALA B 87 36.27 11.90 -26.28
CA ALA B 87 37.19 10.96 -25.66
C ALA B 87 37.75 9.93 -26.63
N THR B 88 36.91 9.33 -27.47
CA THR B 88 37.43 8.33 -28.41
C THR B 88 38.28 8.98 -29.49
N LYS B 89 37.90 10.19 -29.91
CA LYS B 89 38.72 10.99 -30.80
C LYS B 89 40.17 11.01 -30.29
N TYR B 90 40.37 11.49 -29.07
CA TYR B 90 41.72 11.60 -28.53
C TYR B 90 42.30 10.23 -28.20
N LEU B 91 41.47 9.28 -27.80
CA LEU B 91 41.93 7.93 -27.57
C LEU B 91 42.68 7.40 -28.78
N TYR B 92 42.10 7.60 -29.96
CA TYR B 92 42.72 7.08 -31.17
C TYR B 92 43.75 8.03 -31.75
N GLU B 93 43.67 9.32 -31.44
CA GLU B 93 44.78 10.21 -31.75
C GLU B 93 46.02 9.83 -30.95
N LEU B 94 45.86 9.15 -29.82
CA LEU B 94 46.98 8.64 -29.05
C LEU B 94 47.14 7.14 -29.17
N LEU B 95 46.32 6.47 -29.98
CA LEU B 95 46.44 5.04 -30.22
C LEU B 95 47.01 4.72 -31.59
N TYR B 96 46.52 5.40 -32.62
CA TYR B 96 47.01 5.21 -33.99
C TYR B 96 48.16 6.15 -34.32
N ASN B 97 48.64 6.91 -33.35
CA ASN B 97 49.80 7.76 -33.48
C ASN B 97 50.94 7.20 -32.64
N ASP B 98 52.14 7.65 -32.93
CA ASP B 98 53.30 7.33 -32.12
C ASP B 98 53.54 8.43 -31.10
N PRO B 99 54.22 8.13 -29.99
CA PRO B 99 54.81 6.84 -29.64
C PRO B 99 53.80 5.76 -29.28
N ILE B 100 54.30 4.56 -28.99
CA ILE B 100 53.45 3.44 -28.63
C ILE B 100 53.23 3.45 -27.13
N LYS B 101 51.97 3.36 -26.72
CA LYS B 101 51.61 3.41 -25.31
C LYS B 101 51.53 2.01 -24.73
N ILE B 102 51.86 1.91 -23.45
CA ILE B 102 51.80 0.63 -22.74
C ILE B 102 50.59 0.53 -21.81
N ILE B 103 49.90 1.63 -21.54
CA ILE B 103 48.81 1.65 -20.58
C ILE B 103 47.93 2.86 -20.86
N LEU B 104 46.71 2.84 -20.34
CA LEU B 104 45.81 3.97 -20.42
C LEU B 104 45.31 4.34 -19.03
N MET B 105 44.97 5.62 -18.87
CA MET B 105 44.53 6.17 -17.59
C MET B 105 43.36 7.10 -17.83
N PRO B 106 42.16 6.56 -17.88
CA PRO B 106 40.96 7.41 -17.97
C PRO B 106 40.29 7.70 -16.64
N GLY B 107 39.73 8.90 -16.50
CA GLY B 107 39.19 9.35 -15.24
C GLY B 107 37.69 9.18 -15.07
N CYS B 108 36.90 9.71 -16.00
CA CYS B 108 35.46 9.60 -15.87
C CYS B 108 35.06 8.13 -15.96
N SER B 109 33.78 7.85 -15.69
CA SER B 109 33.27 6.49 -15.76
C SER B 109 32.72 6.15 -17.13
N SER B 110 32.18 7.14 -17.84
CA SER B 110 31.79 6.95 -19.22
C SER B 110 33.00 6.68 -20.08
N VAL B 111 34.01 7.54 -19.99
CA VAL B 111 35.25 7.36 -20.73
C VAL B 111 35.90 6.03 -20.36
N SER B 112 35.91 5.69 -19.08
CA SER B 112 36.54 4.44 -18.64
C SER B 112 35.77 3.24 -19.16
N THR B 113 34.45 3.32 -19.23
CA THR B 113 33.65 2.24 -19.78
C THR B 113 33.85 2.12 -21.28
N LEU B 114 34.16 3.22 -21.95
CA LEU B 114 34.41 3.20 -23.37
C LEU B 114 35.79 2.62 -23.69
N VAL B 115 36.81 3.05 -22.96
CA VAL B 115 38.16 2.55 -23.19
C VAL B 115 38.26 1.08 -22.81
N ALA B 116 37.94 0.77 -21.55
CA ALA B 116 38.17 -0.57 -21.03
C ALA B 116 37.56 -1.66 -21.89
N GLU B 117 36.54 -1.33 -22.68
CA GLU B 117 35.93 -2.27 -23.60
C GLU B 117 36.59 -2.26 -24.97
N ALA B 118 37.48 -1.30 -25.21
CA ALA B 118 38.17 -1.15 -26.49
C ALA B 118 39.69 -1.23 -26.29
N ALA B 119 40.12 -2.09 -25.38
CA ALA B 119 41.53 -2.26 -25.08
C ALA B 119 42.02 -3.66 -25.40
N ARG B 120 41.29 -4.69 -24.95
CA ARG B 120 41.61 -6.05 -25.36
C ARG B 120 41.80 -6.16 -26.86
N MET B 121 41.14 -5.28 -27.61
CA MET B 121 41.37 -5.21 -29.05
C MET B 121 42.76 -4.71 -29.39
N TRP B 122 43.40 -3.99 -28.46
CA TRP B 122 44.77 -3.53 -28.63
C TRP B 122 45.73 -4.15 -27.63
N ASN B 123 45.23 -4.98 -26.72
CA ASN B 123 46.06 -5.58 -25.68
C ASN B 123 46.72 -4.48 -24.84
N LEU B 124 45.88 -3.70 -24.18
CA LEU B 124 46.31 -2.58 -23.36
C LEU B 124 45.73 -2.73 -21.96
N ILE B 125 46.47 -2.20 -21.00
CA ILE B 125 46.01 -2.14 -19.61
C ILE B 125 45.37 -0.78 -19.38
N VAL B 126 44.26 -0.78 -18.66
CA VAL B 126 43.50 0.42 -18.34
C VAL B 126 43.50 0.58 -16.84
N LEU B 127 43.90 1.76 -16.36
CA LEU B 127 44.07 2.02 -14.94
C LEU B 127 43.38 3.34 -14.60
N SER B 128 42.10 3.25 -14.27
CA SER B 128 41.26 4.43 -14.04
C SER B 128 41.37 4.89 -12.60
N TYR B 129 41.66 6.18 -12.42
CA TYR B 129 41.82 6.77 -11.10
C TYR B 129 40.58 7.49 -10.61
N GLY B 130 39.49 7.48 -11.38
CA GLY B 130 38.31 8.19 -10.97
C GLY B 130 36.97 7.60 -11.37
N SER B 131 36.91 6.32 -11.70
CA SER B 131 35.65 5.71 -12.14
C SER B 131 35.04 4.84 -11.05
N SER B 132 33.82 5.19 -10.67
CA SER B 132 33.13 4.59 -9.54
C SER B 132 31.85 3.92 -10.00
N SER B 133 31.92 3.16 -11.08
CA SER B 133 30.75 2.50 -11.63
C SER B 133 30.85 1.00 -11.40
N PRO B 134 29.84 0.38 -10.78
CA PRO B 134 29.92 -1.07 -10.57
C PRO B 134 30.05 -1.85 -11.86
N ALA B 135 29.51 -1.33 -12.97
CA ALA B 135 29.58 -2.05 -14.23
C ALA B 135 31.00 -2.34 -14.65
N LEU B 136 31.99 -1.70 -14.05
CA LEU B 136 33.39 -1.89 -14.38
C LEU B 136 34.03 -2.98 -13.53
N SER B 137 33.28 -3.59 -12.62
CA SER B 137 33.74 -4.73 -11.84
C SER B 137 33.48 -6.04 -12.56
N ASN B 138 33.33 -6.00 -13.88
CA ASN B 138 33.07 -7.17 -14.70
C ASN B 138 34.31 -7.50 -15.53
N ARG B 139 34.68 -8.78 -15.54
CA ARG B 139 35.84 -9.24 -16.28
C ARG B 139 35.51 -9.75 -17.67
N GLN B 140 34.23 -9.83 -18.03
CA GLN B 140 33.87 -10.33 -19.36
C GLN B 140 33.93 -9.21 -20.39
N ARG B 141 33.51 -8.01 -20.03
CA ARG B 141 33.67 -6.85 -20.90
C ARG B 141 34.99 -6.14 -20.65
N PHE B 142 35.38 -6.02 -19.38
CA PHE B 142 36.57 -5.29 -18.96
C PHE B 142 37.55 -6.25 -18.31
N PRO B 143 38.34 -6.97 -19.11
CA PRO B 143 39.30 -7.93 -18.55
C PRO B 143 40.68 -7.38 -18.28
N THR B 144 40.95 -6.12 -18.64
CA THR B 144 42.24 -5.49 -18.42
C THR B 144 42.12 -4.26 -17.53
N PHE B 145 41.02 -4.13 -16.80
CA PHE B 145 40.68 -2.89 -16.12
C PHE B 145 41.04 -2.98 -14.65
N PHE B 146 41.75 -1.98 -14.17
CA PHE B 146 42.03 -1.78 -12.77
C PHE B 146 41.72 -0.34 -12.42
N ARG B 147 41.28 -0.11 -11.19
CA ARG B 147 41.00 1.25 -10.76
C ARG B 147 41.39 1.42 -9.30
N THR B 148 42.01 2.55 -9.00
CA THR B 148 42.27 2.97 -7.65
C THR B 148 41.11 3.70 -7.02
N HIS B 149 40.02 3.90 -7.75
CA HIS B 149 38.83 4.52 -7.19
C HIS B 149 37.85 3.42 -6.82
N PRO B 150 37.47 3.27 -5.55
CA PRO B 150 36.56 2.20 -5.20
C PRO B 150 35.21 2.36 -5.87
N SER B 151 34.54 1.23 -6.09
CA SER B 151 33.22 1.25 -6.67
C SER B 151 32.24 1.96 -5.76
N ALA B 152 31.01 2.11 -6.21
CA ALA B 152 29.94 2.65 -5.39
C ALA B 152 29.19 1.56 -4.63
N THR B 153 29.33 0.31 -5.05
CA THR B 153 28.79 -0.80 -4.26
C THR B 153 29.46 -0.89 -2.91
N LEU B 154 30.62 -0.27 -2.75
CA LEU B 154 31.36 -0.31 -1.49
C LEU B 154 30.64 0.42 -0.37
N HIS B 155 29.57 1.17 -0.69
CA HIS B 155 28.72 1.75 0.34
C HIS B 155 27.78 0.72 0.94
N ASN B 156 27.49 -0.35 0.23
CA ASN B 156 26.40 -1.26 0.57
C ASN B 156 26.82 -2.23 1.68
N PRO B 157 28.00 -2.82 1.61
CA PRO B 157 28.49 -3.58 2.77
C PRO B 157 28.40 -2.80 4.07
N THR B 158 28.57 -1.48 4.00
CA THR B 158 28.41 -0.65 5.18
C THR B 158 26.94 -0.58 5.60
N ARG B 159 26.06 -0.29 4.64
CA ARG B 159 24.65 -0.11 4.95
C ARG B 159 24.06 -1.34 5.62
N VAL B 160 24.32 -2.53 5.08
CA VAL B 160 23.85 -3.74 5.75
C VAL B 160 24.49 -3.85 7.13
N LYS B 161 25.78 -3.56 7.23
CA LYS B 161 26.49 -3.54 8.51
C LYS B 161 26.13 -2.34 9.33
N LEU B 162 25.10 -1.64 8.89
CA LEU B 162 24.47 -0.57 9.64
C LEU B 162 22.98 -0.79 9.80
N PHE B 163 22.42 -1.79 9.11
CA PHE B 163 21.03 -2.19 9.32
C PHE B 163 20.96 -3.34 10.33
N GLU B 164 21.74 -4.40 10.11
CA GLU B 164 21.77 -5.52 11.02
C GLU B 164 21.96 -5.04 12.46
N LYS B 165 22.82 -4.05 12.67
CA LYS B 165 22.97 -3.47 14.00
C LYS B 165 21.63 -3.01 14.55
N TRP B 166 20.99 -2.09 13.85
CA TRP B 166 19.72 -1.51 14.27
C TRP B 166 18.53 -2.36 13.83
N GLY B 167 18.77 -3.60 13.42
CA GLY B 167 17.70 -4.56 13.20
C GLY B 167 16.57 -4.05 12.33
N TRP B 168 16.87 -3.87 11.04
CA TRP B 168 15.91 -3.34 10.08
C TRP B 168 15.82 -4.30 8.90
N LYS B 169 14.80 -5.13 8.91
CA LYS B 169 14.60 -6.14 7.87
C LYS B 169 13.68 -5.65 6.75
N LYS B 170 13.19 -4.41 6.83
CA LYS B 170 12.29 -3.87 5.83
C LYS B 170 12.70 -2.43 5.55
N ILE B 171 13.17 -2.18 4.33
CA ILE B 171 13.72 -0.89 3.94
C ILE B 171 13.04 -0.45 2.65
N ALA B 172 13.50 0.69 2.13
CA ALA B 172 12.97 1.26 0.91
C ALA B 172 14.11 1.89 0.13
N THR B 173 13.82 2.24 -1.12
CA THR B 173 14.83 2.78 -2.02
C THR B 173 14.16 3.68 -3.05
N ILE B 174 14.91 4.67 -3.51
CA ILE B 174 14.56 5.41 -4.71
C ILE B 174 15.87 5.77 -5.40
N GLN B 175 15.83 5.91 -6.71
CA GLN B 175 17.04 6.08 -7.49
C GLN B 175 16.81 7.07 -8.63
N GLN B 176 17.67 8.08 -8.69
CA GLN B 176 17.80 8.87 -9.89
C GLN B 176 18.12 7.95 -11.07
N THR B 177 18.04 8.50 -12.26
CA THR B 177 18.38 7.76 -13.48
C THR B 177 19.79 8.14 -13.87
N THR B 178 20.75 7.28 -13.52
CA THR B 178 22.15 7.49 -13.85
C THR B 178 22.77 6.14 -14.14
N GLU B 179 23.95 6.17 -14.76
CA GLU B 179 24.67 4.95 -15.13
C GLU B 179 25.31 4.26 -13.94
N VAL B 180 25.07 4.75 -12.72
CA VAL B 180 25.66 4.19 -11.52
C VAL B 180 24.57 3.64 -10.61
N PHE B 181 23.72 4.55 -10.11
CA PHE B 181 22.70 4.18 -9.15
C PHE B 181 21.84 3.03 -9.62
N THR B 182 21.79 2.77 -10.92
CA THR B 182 20.99 1.66 -11.44
C THR B 182 21.56 0.32 -11.00
N SER B 183 22.88 0.22 -10.88
CA SER B 183 23.54 -1.02 -10.49
C SER B 183 23.81 -1.09 -8.99
N THR B 184 23.87 0.05 -8.31
CA THR B 184 24.13 0.04 -6.88
C THR B 184 23.01 -0.65 -6.12
N LEU B 185 21.76 -0.34 -6.46
CA LEU B 185 20.64 -1.03 -5.82
C LEU B 185 20.60 -2.50 -6.22
N ASP B 186 21.08 -2.85 -7.40
CA ASP B 186 21.21 -4.26 -7.75
C ASP B 186 22.14 -4.98 -6.78
N ASP B 187 23.36 -4.45 -6.63
CA ASP B 187 24.29 -4.99 -5.65
C ASP B 187 23.66 -5.00 -4.26
N LEU B 188 22.84 -4.00 -3.95
CA LEU B 188 22.28 -3.88 -2.62
C LEU B 188 21.23 -4.95 -2.36
N GLU B 189 20.40 -5.24 -3.35
CA GLU B 189 19.47 -6.36 -3.23
C GLU B 189 20.22 -7.67 -3.09
N GLU B 190 21.22 -7.89 -3.95
CA GLU B 190 22.00 -9.12 -3.88
C GLU B 190 22.67 -9.29 -2.52
N ARG B 191 23.03 -8.19 -1.87
CA ARG B 191 23.73 -8.26 -0.59
C ARG B 191 22.79 -8.22 0.61
N VAL B 192 21.55 -7.74 0.43
CA VAL B 192 20.59 -7.75 1.51
C VAL B 192 19.91 -9.10 1.61
N LYS B 193 19.54 -9.68 0.46
CA LYS B 193 19.00 -11.03 0.47
C LYS B 193 19.85 -11.97 1.31
N GLU B 194 21.16 -11.94 1.10
CA GLU B 194 22.08 -12.83 1.78
C GLU B 194 22.52 -12.32 3.14
N ALA B 195 21.73 -11.46 3.78
CA ALA B 195 22.10 -10.92 5.09
C ALA B 195 20.89 -10.83 6.02
N GLY B 196 19.88 -11.67 5.81
CA GLY B 196 18.70 -11.63 6.65
C GLY B 196 17.95 -10.32 6.54
N ILE B 197 17.80 -9.80 5.31
CA ILE B 197 17.11 -8.54 5.07
C ILE B 197 16.19 -8.76 3.88
N GLU B 198 15.22 -7.86 3.72
CA GLU B 198 14.27 -7.94 2.62
C GLU B 198 13.79 -6.54 2.27
N ILE B 199 13.78 -6.22 0.99
CA ILE B 199 13.31 -4.93 0.54
C ILE B 199 11.78 -4.91 0.58
N THR B 200 11.22 -3.70 0.70
CA THR B 200 9.77 -3.52 0.76
C THR B 200 9.28 -2.44 -0.19
N PHE B 201 10.14 -1.88 -1.03
CA PHE B 201 9.73 -0.81 -1.93
C PHE B 201 10.92 -0.44 -2.81
N ARG B 202 10.62 0.19 -3.94
CA ARG B 202 11.61 0.76 -4.83
C ARG B 202 10.88 1.52 -5.93
N GLN B 203 11.58 2.48 -6.52
CA GLN B 203 11.03 3.30 -7.58
C GLN B 203 12.20 3.91 -8.34
N SER B 204 11.89 4.84 -9.24
CA SER B 204 12.92 5.48 -10.06
C SER B 204 12.46 6.90 -10.38
N PHE B 205 12.88 7.84 -9.53
CA PHE B 205 12.74 9.24 -9.85
C PHE B 205 13.57 9.55 -11.08
N PHE B 206 12.91 9.84 -12.21
CA PHE B 206 13.60 10.23 -13.43
C PHE B 206 13.70 11.75 -13.55
N SER B 207 12.55 12.43 -13.57
CA SER B 207 12.51 13.87 -13.78
C SER B 207 12.04 14.63 -12.56
N ASP B 208 11.02 14.14 -11.86
CA ASP B 208 10.52 14.83 -10.69
C ASP B 208 10.00 13.81 -9.68
N PRO B 209 10.51 13.81 -8.44
CA PRO B 209 9.99 12.87 -7.44
C PRO B 209 8.67 13.35 -6.86
N ALA B 210 7.57 12.74 -7.28
CA ALA B 210 6.27 13.09 -6.70
C ALA B 210 5.53 11.85 -6.22
N VAL B 211 5.50 10.80 -7.04
CA VAL B 211 4.89 9.54 -6.64
C VAL B 211 5.83 8.78 -5.73
N PRO B 212 7.15 8.90 -5.91
CA PRO B 212 8.07 8.21 -5.01
C PRO B 212 7.74 8.45 -3.53
N VAL B 213 7.75 9.72 -3.14
CA VAL B 213 7.46 10.06 -1.75
C VAL B 213 6.02 9.72 -1.39
N LYS B 214 5.11 9.88 -2.35
CA LYS B 214 3.70 9.59 -2.06
C LYS B 214 3.50 8.13 -1.70
N ASN B 215 4.19 7.23 -2.41
CA ASN B 215 4.08 5.80 -2.11
C ASN B 215 4.92 5.42 -0.90
N LEU B 216 6.01 6.16 -0.64
CA LEU B 216 6.72 5.96 0.62
C LEU B 216 5.81 6.28 1.79
N LYS B 217 4.93 7.26 1.64
CA LYS B 217 3.96 7.56 2.68
C LYS B 217 2.84 6.53 2.71
N ARG B 218 2.37 6.11 1.53
CA ARG B 218 1.30 5.12 1.47
C ARG B 218 1.79 3.75 1.89
N GLN B 219 2.90 3.30 1.32
CA GLN B 219 3.47 2.01 1.69
C GLN B 219 4.09 2.03 3.09
N ASP B 220 4.18 3.20 3.73
CA ASP B 220 4.73 3.33 5.07
C ASP B 220 6.17 2.82 5.11
N ALA B 221 7.03 3.48 4.34
CA ALA B 221 8.46 3.19 4.33
C ALA B 221 9.14 4.13 5.31
N ARG B 222 9.50 3.62 6.48
CA ARG B 222 10.17 4.42 7.48
C ARG B 222 11.68 4.42 7.33
N ILE B 223 12.22 3.67 6.37
CA ILE B 223 13.65 3.56 6.15
C ILE B 223 13.90 3.71 4.67
N ILE B 224 14.70 4.69 4.29
CA ILE B 224 14.83 5.09 2.91
C ILE B 224 16.31 5.16 2.55
N VAL B 225 16.64 4.70 1.34
CA VAL B 225 17.99 4.76 0.83
C VAL B 225 17.89 5.53 -0.48
N GLY B 226 18.23 6.82 -0.44
CA GLY B 226 18.11 7.69 -1.58
C GLY B 226 19.45 7.95 -2.24
N LEU B 227 19.58 7.49 -3.48
CA LEU B 227 20.76 7.76 -4.28
C LEU B 227 20.39 8.80 -5.32
N PHE B 228 20.90 10.02 -5.25
CA PHE B 228 20.64 11.03 -6.29
C PHE B 228 21.69 12.14 -6.18
N TYR B 229 21.88 12.92 -7.23
CA TYR B 229 22.87 14.02 -7.30
C TYR B 229 22.30 15.22 -6.55
N GLU B 230 23.13 16.18 -6.13
CA GLU B 230 22.69 17.27 -5.27
C GLU B 230 21.40 17.91 -5.80
N THR B 231 21.32 18.10 -7.12
CA THR B 231 20.15 18.75 -7.70
C THR B 231 18.90 17.93 -7.43
N GLU B 232 19.00 16.61 -7.60
CA GLU B 232 17.91 15.70 -7.30
C GLU B 232 17.59 15.71 -5.82
N ALA B 233 18.60 15.84 -4.97
CA ALA B 233 18.33 15.90 -3.53
C ALA B 233 17.49 17.14 -3.25
N ARG B 234 18.05 18.33 -3.45
CA ARG B 234 17.30 19.55 -3.21
C ARG B 234 15.92 19.53 -3.87
N LYS B 235 15.73 18.72 -4.91
CA LYS B 235 14.42 18.63 -5.54
C LYS B 235 13.48 17.68 -4.81
N VAL B 236 14.03 16.61 -4.20
CA VAL B 236 13.20 15.63 -3.50
C VAL B 236 12.96 15.99 -2.04
N PHE B 237 13.83 16.80 -1.44
CA PHE B 237 13.62 17.16 -0.04
C PHE B 237 12.56 18.25 0.10
N CYS B 238 12.50 19.17 -0.85
CA CYS B 238 11.37 20.10 -0.91
C CYS B 238 10.06 19.39 -1.25
N GLU B 239 10.09 18.08 -1.47
CA GLU B 239 8.89 17.27 -1.58
C GLU B 239 8.63 16.40 -0.36
N VAL B 240 9.69 15.91 0.27
CA VAL B 240 9.51 15.14 1.50
C VAL B 240 8.98 16.04 2.60
N TYR B 241 9.47 17.29 2.65
CA TYR B 241 8.90 18.29 3.54
C TYR B 241 7.43 18.51 3.23
N LYS B 242 7.14 18.94 1.99
CA LYS B 242 5.75 19.15 1.57
C LYS B 242 4.86 17.97 1.95
N GLU B 243 5.42 16.76 1.99
CA GLU B 243 4.66 15.58 2.39
C GLU B 243 4.86 15.24 3.87
N ARG B 244 5.54 16.09 4.62
CA ARG B 244 5.81 15.84 6.04
C ARG B 244 6.23 14.39 6.26
N LEU B 245 7.18 13.96 5.43
CA LEU B 245 7.69 12.60 5.42
C LEU B 245 9.05 12.52 6.09
N PHE B 246 9.23 13.27 7.18
CA PHE B 246 10.42 13.18 8.01
C PHE B 246 9.99 13.22 9.48
N GLY B 247 10.94 12.96 10.36
CA GLY B 247 10.70 13.00 11.79
C GLY B 247 11.35 11.83 12.48
N LYS B 248 10.87 11.55 13.69
CA LYS B 248 11.45 10.51 14.53
C LYS B 248 11.16 9.11 14.00
N LYS B 249 10.20 8.95 13.08
CA LYS B 249 9.81 7.64 12.58
C LYS B 249 10.37 7.37 11.19
N TYR B 250 11.26 8.23 10.69
CA TYR B 250 11.81 8.11 9.35
C TYR B 250 13.31 8.29 9.39
N VAL B 251 14.02 7.46 8.64
CA VAL B 251 15.48 7.53 8.53
C VAL B 251 15.84 7.59 7.06
N TRP B 252 16.79 8.47 6.73
CA TRP B 252 17.19 8.73 5.35
C TRP B 252 18.67 8.45 5.19
N PHE B 253 19.00 7.53 4.28
CA PHE B 253 20.37 7.24 3.91
C PHE B 253 20.68 7.92 2.59
N LEU B 254 21.93 8.32 2.41
CA LEU B 254 22.34 9.02 1.20
C LEU B 254 23.80 8.72 0.92
N ILE B 255 24.39 9.51 0.02
CA ILE B 255 25.81 9.48 -0.27
C ILE B 255 26.41 10.78 0.23
N GLY B 256 27.67 10.71 0.65
CA GLY B 256 28.29 11.83 1.33
C GLY B 256 29.15 12.68 0.41
N TRP B 257 28.98 12.45 -0.88
CA TRP B 257 29.71 13.14 -1.96
C TRP B 257 29.24 14.58 -2.10
N TYR B 258 28.01 14.87 -1.67
CA TYR B 258 27.43 16.22 -1.68
C TYR B 258 28.30 17.13 -0.81
N ALA B 259 28.59 18.35 -1.25
CA ALA B 259 29.44 19.30 -0.50
C ALA B 259 28.72 19.71 0.77
N ASP B 260 29.45 19.99 1.85
CA ASP B 260 28.85 20.40 3.16
C ASP B 260 28.12 21.73 2.93
N ASN B 261 26.97 21.94 3.61
CA ASN B 261 26.07 23.12 3.48
C ASN B 261 25.56 23.22 2.04
N TRP B 262 24.92 22.15 1.57
CA TRP B 262 24.31 22.04 0.25
C TRP B 262 22.81 22.29 0.24
N PHE B 263 22.15 22.28 1.40
CA PHE B 263 20.73 22.59 1.48
C PHE B 263 20.46 24.07 1.67
N LYS B 264 21.50 24.86 1.93
CA LYS B 264 21.36 26.31 2.11
C LYS B 264 21.57 27.08 0.82
N ILE B 265 21.21 26.48 -0.31
CA ILE B 265 21.46 27.05 -1.63
C ILE B 265 20.13 27.26 -2.34
N TYR B 266 20.11 28.23 -3.26
CA TYR B 266 18.92 28.53 -4.03
C TYR B 266 18.32 27.26 -4.60
N ASP B 267 16.99 27.25 -4.72
CA ASP B 267 16.25 26.09 -5.23
C ASP B 267 15.02 26.58 -5.96
N PRO B 268 15.17 26.93 -7.25
CA PRO B 268 14.02 27.47 -8.00
C PRO B 268 12.83 26.52 -8.03
N SER B 269 13.05 25.29 -8.50
CA SER B 269 11.96 24.32 -8.51
C SER B 269 11.56 23.94 -7.09
N ILE B 270 12.48 23.99 -6.14
CA ILE B 270 12.17 23.69 -4.75
C ILE B 270 11.57 24.94 -4.12
N ASN B 271 10.24 25.06 -4.16
CA ASN B 271 9.58 26.21 -3.56
C ASN B 271 9.92 26.39 -2.09
N CYS B 272 10.44 25.36 -1.43
CA CYS B 272 10.80 25.45 -0.02
C CYS B 272 12.04 26.31 0.13
N THR B 273 12.55 26.38 1.36
CA THR B 273 13.70 27.20 1.68
C THR B 273 14.44 26.58 2.85
N VAL B 274 15.61 27.16 3.14
CA VAL B 274 16.52 26.64 4.17
C VAL B 274 15.75 26.22 5.41
N ASP B 275 14.87 27.08 5.90
CA ASP B 275 14.12 26.77 7.11
C ASP B 275 13.25 25.53 6.92
N GLU B 276 12.69 25.35 5.72
CA GLU B 276 11.85 24.22 5.43
C GLU B 276 12.62 22.99 4.99
N MET B 277 13.92 23.12 4.73
CA MET B 277 14.77 21.99 4.37
C MET B 277 15.68 21.56 5.50
N THR B 278 16.35 22.52 6.15
CA THR B 278 17.23 22.19 7.27
C THR B 278 16.53 21.30 8.30
N GLU B 279 15.20 21.36 8.37
CA GLU B 279 14.43 20.49 9.23
C GLU B 279 14.08 19.17 8.56
N ALA B 280 14.06 19.14 7.22
CA ALA B 280 13.71 17.93 6.50
C ALA B 280 14.90 16.99 6.33
N VAL B 281 16.12 17.51 6.46
CA VAL B 281 17.33 16.72 6.30
C VAL B 281 18.01 16.58 7.66
N GLU B 282 17.21 16.56 8.72
CA GLU B 282 17.73 16.43 10.08
C GLU B 282 17.96 14.95 10.37
N GLY B 283 19.22 14.57 10.55
CA GLY B 283 19.54 13.21 10.92
C GLY B 283 19.46 12.22 9.78
N HIS B 284 20.13 12.53 8.68
CA HIS B 284 20.27 11.62 7.55
C HIS B 284 21.71 11.15 7.46
N ILE B 285 21.88 9.84 7.33
CA ILE B 285 23.20 9.22 7.32
C ILE B 285 23.79 9.31 5.92
N THR B 286 25.09 9.64 5.87
CA THR B 286 25.84 9.86 4.63
C THR B 286 27.16 9.09 4.64
N THR B 287 27.11 7.82 4.24
CA THR B 287 28.28 6.96 4.16
C THR B 287 29.10 7.28 2.92
N GLU B 288 30.32 7.80 3.08
CA GLU B 288 31.16 8.15 1.94
C GLU B 288 32.53 7.49 2.10
N ILE B 289 33.18 7.20 0.97
CA ILE B 289 34.51 6.57 1.06
C ILE B 289 35.55 7.61 1.50
N VAL B 290 36.66 7.11 2.03
CA VAL B 290 37.76 7.94 2.52
C VAL B 290 38.92 7.75 1.57
N MET B 291 39.33 8.82 0.89
CA MET B 291 40.39 8.76 -0.11
C MET B 291 41.72 9.28 0.41
N LEU B 292 41.93 9.22 1.72
CA LEU B 292 43.15 9.77 2.30
C LEU B 292 43.42 9.08 3.63
N ASN B 293 44.65 8.64 3.82
CA ASN B 293 45.04 8.00 5.05
C ASN B 293 45.04 9.02 6.18
N PRO B 294 44.10 8.96 7.12
CA PRO B 294 44.13 9.91 8.24
C PRO B 294 45.35 9.73 9.11
N ALA B 295 45.95 8.55 9.11
CA ALA B 295 47.20 8.33 9.82
C ALA B 295 48.28 9.27 9.31
N ASN B 296 49.37 9.34 10.07
CA ASN B 296 50.54 10.13 9.69
C ASN B 296 51.70 9.25 9.24
N THR B 297 51.49 7.94 9.14
CA THR B 297 52.57 7.04 8.75
C THR B 297 53.01 7.35 7.32
N ARG B 298 54.29 7.12 7.07
CA ARG B 298 54.85 7.37 5.75
C ARG B 298 54.37 6.32 4.75
N SER B 299 54.69 6.54 3.48
CA SER B 299 54.26 5.65 2.42
C SER B 299 55.44 5.25 1.55
N ILE B 300 55.16 4.61 0.41
CA ILE B 300 56.25 4.15 -0.45
C ILE B 300 57.10 5.32 -0.92
N SER B 301 56.48 6.48 -1.13
CA SER B 301 57.17 7.68 -1.56
C SER B 301 57.80 8.45 -0.40
N ASN B 302 57.75 7.91 0.80
CA ASN B 302 58.23 8.61 1.98
C ASN B 302 57.50 9.94 2.18
N MET B 303 56.18 9.91 1.97
CA MET B 303 55.35 11.09 2.15
C MET B 303 54.11 10.70 2.95
N THR B 304 53.45 11.71 3.49
CA THR B 304 52.23 11.53 4.26
C THR B 304 51.10 12.31 3.59
N SER B 305 49.96 12.35 4.27
CA SER B 305 48.80 13.06 3.74
C SER B 305 48.90 14.56 3.98
N GLN B 306 49.12 14.96 5.24
CA GLN B 306 49.26 16.37 5.56
C GLN B 306 50.39 17.02 4.76
N GLU B 307 51.32 16.23 4.23
CA GLU B 307 52.42 16.75 3.42
C GLU B 307 52.10 16.72 1.95
N PHE B 308 51.48 15.64 1.48
CA PHE B 308 51.12 15.54 0.07
C PHE B 308 50.10 16.60 -0.31
N VAL B 309 49.15 16.88 0.58
CA VAL B 309 48.16 17.90 0.31
C VAL B 309 48.82 19.27 0.15
N GLU B 310 49.78 19.58 1.03
CA GLU B 310 50.48 20.85 0.92
C GLU B 310 51.28 20.92 -0.38
N LYS B 311 52.05 19.86 -0.67
CA LYS B 311 52.84 19.85 -1.90
C LYS B 311 51.95 20.01 -3.13
N LEU B 312 50.74 19.46 -3.08
CA LEU B 312 49.84 19.57 -4.23
C LEU B 312 49.27 20.98 -4.33
N THR B 313 48.67 21.47 -3.23
CA THR B 313 48.11 22.81 -3.25
C THR B 313 49.12 23.84 -3.67
N LYS B 314 50.41 23.58 -3.43
CA LYS B 314 51.44 24.47 -3.96
C LYS B 314 51.61 24.35 -5.47
N ARG B 315 50.80 23.55 -6.15
CA ARG B 315 50.89 23.37 -7.59
C ARG B 315 49.60 23.70 -8.32
N LEU B 316 48.59 24.21 -7.61
CA LEU B 316 47.29 24.49 -8.20
C LEU B 316 47.11 26.00 -8.33
N LYS B 317 46.81 26.45 -9.56
CA LYS B 317 46.60 27.87 -9.81
C LYS B 317 45.31 28.40 -9.17
N ARG B 318 44.45 27.52 -8.67
CA ARG B 318 43.18 27.91 -8.09
C ARG B 318 43.13 27.46 -6.63
N HIS B 319 41.97 27.67 -6.00
CA HIS B 319 41.77 27.28 -4.61
C HIS B 319 41.21 25.87 -4.53
N PRO B 320 41.62 25.06 -3.54
CA PRO B 320 41.10 23.69 -3.46
C PRO B 320 39.58 23.60 -3.47
N GLU B 321 38.90 24.32 -2.58
CA GLU B 321 37.45 24.31 -2.59
C GLU B 321 36.91 24.67 -3.96
N GLU B 322 37.59 25.57 -4.67
CA GLU B 322 37.18 25.94 -6.02
C GLU B 322 37.74 24.99 -7.06
N THR B 323 38.78 24.23 -6.72
CA THR B 323 39.39 23.29 -7.64
C THR B 323 38.59 21.99 -7.68
N GLY B 324 38.67 21.30 -8.81
CA GLY B 324 37.91 20.09 -9.04
C GLY B 324 38.77 18.85 -8.92
N GLY B 325 38.17 17.78 -8.39
CA GLY B 325 38.89 16.54 -8.22
C GLY B 325 39.98 16.58 -7.18
N PHE B 326 39.82 17.41 -6.15
CA PHE B 326 40.85 17.54 -5.14
C PHE B 326 40.85 16.37 -4.15
N GLN B 327 39.72 15.68 -4.01
CA GLN B 327 39.65 14.51 -3.16
C GLN B 327 39.97 13.21 -3.89
N GLU B 328 40.19 13.27 -5.21
CA GLU B 328 40.49 12.09 -6.01
C GLU B 328 41.88 12.16 -6.64
N ALA B 329 42.76 12.99 -6.09
CA ALA B 329 44.15 13.07 -6.55
C ALA B 329 44.99 11.96 -5.93
N PRO B 330 44.85 11.70 -4.63
CA PRO B 330 45.59 10.59 -4.03
C PRO B 330 45.39 9.29 -4.76
N LEU B 331 44.21 9.10 -5.34
CA LEU B 331 43.96 7.88 -6.09
C LEU B 331 44.83 7.83 -7.33
N ALA B 332 45.03 8.96 -8.00
CA ALA B 332 45.91 9.00 -9.15
C ALA B 332 47.36 8.74 -8.74
N TYR B 333 47.82 9.41 -7.68
CA TYR B 333 49.15 9.16 -7.16
C TYR B 333 49.36 7.67 -6.88
N ASP B 334 48.47 7.08 -6.08
CA ASP B 334 48.56 5.67 -5.77
C ASP B 334 48.48 4.80 -7.01
N ALA B 335 47.71 5.23 -8.01
CA ALA B 335 47.57 4.42 -9.22
C ALA B 335 48.87 4.36 -10.00
N ILE B 336 49.50 5.52 -10.17
CA ILE B 336 50.77 5.54 -10.90
C ILE B 336 51.84 4.82 -10.10
N TRP B 337 51.82 4.92 -8.78
CA TRP B 337 52.79 4.18 -8.01
C TRP B 337 52.58 2.67 -8.16
N ALA B 338 51.32 2.24 -8.16
CA ALA B 338 51.02 0.83 -8.35
C ALA B 338 51.47 0.37 -9.74
N LEU B 339 51.24 1.21 -10.74
CA LEU B 339 51.69 0.90 -12.09
C LEU B 339 53.20 0.72 -12.12
N ALA B 340 53.93 1.68 -11.54
CA ALA B 340 55.38 1.60 -11.55
C ALA B 340 55.87 0.35 -10.82
N LEU B 341 55.28 0.03 -9.68
CA LEU B 341 55.66 -1.19 -8.97
C LEU B 341 55.41 -2.42 -9.82
N ALA B 342 54.16 -2.64 -10.23
CA ALA B 342 53.82 -3.82 -11.01
C ALA B 342 54.57 -3.87 -12.33
N LEU B 343 55.13 -2.75 -12.78
CA LEU B 343 55.94 -2.70 -13.98
C LEU B 343 57.41 -2.91 -13.68
N ASN B 344 57.81 -2.74 -12.43
CA ASN B 344 59.18 -3.02 -12.02
C ASN B 344 59.43 -4.52 -11.95
N LYS B 345 58.50 -5.25 -11.32
CA LYS B 345 58.60 -6.71 -11.30
C LYS B 345 58.80 -7.26 -12.70
N THR B 346 58.06 -6.74 -13.68
CA THR B 346 58.21 -7.18 -15.05
C THR B 346 59.52 -6.71 -15.66
N SER B 347 59.92 -5.48 -15.34
CA SER B 347 61.18 -4.94 -15.83
C SER B 347 61.26 -5.02 -17.34
N ARG B 356 62.09 -5.48 -21.37
CA ARG B 356 60.96 -6.28 -21.80
C ARG B 356 59.75 -5.39 -22.11
N LEU B 357 60.00 -4.09 -22.26
CA LEU B 357 58.94 -3.12 -22.50
C LEU B 357 59.20 -2.21 -23.68
N GLU B 358 60.45 -1.97 -24.07
CA GLU B 358 60.74 -1.17 -25.23
C GLU B 358 60.29 -1.82 -26.54
N ASP B 359 59.79 -3.06 -26.48
CA ASP B 359 59.31 -3.78 -27.66
C ASP B 359 57.89 -4.28 -27.43
N PHE B 360 57.02 -3.38 -26.95
CA PHE B 360 55.62 -3.70 -26.69
C PHE B 360 54.79 -3.29 -27.89
N ASN B 361 54.22 -4.26 -28.59
CA ASN B 361 53.34 -4.02 -29.71
C ASN B 361 51.90 -4.27 -29.30
N TYR B 362 50.98 -3.61 -30.01
CA TYR B 362 49.56 -3.75 -29.72
C TYR B 362 49.02 -5.13 -30.02
N ASN B 363 49.84 -6.07 -30.49
CA ASN B 363 49.38 -7.39 -30.89
C ASN B 363 49.90 -8.51 -30.00
N ASN B 364 50.70 -8.20 -28.99
CA ASN B 364 51.28 -9.22 -28.11
C ASN B 364 50.44 -9.29 -26.84
N GLN B 365 49.73 -10.41 -26.66
CA GLN B 365 48.87 -10.62 -25.51
C GLN B 365 49.60 -11.30 -24.35
N THR B 366 50.91 -11.17 -24.28
CA THR B 366 51.71 -11.78 -23.22
C THR B 366 52.28 -10.77 -22.24
N ILE B 367 52.82 -9.65 -22.74
CA ILE B 367 53.29 -8.60 -21.85
C ILE B 367 52.12 -8.10 -21.00
N THR B 368 50.94 -7.97 -21.61
CA THR B 368 49.79 -7.51 -20.85
C THR B 368 49.40 -8.52 -19.78
N ASP B 369 49.58 -9.81 -20.05
CA ASP B 369 49.26 -10.82 -19.04
C ASP B 369 50.26 -10.77 -17.90
N GLN B 370 51.54 -10.56 -18.21
CA GLN B 370 52.53 -10.37 -17.16
C GLN B 370 52.17 -9.18 -16.29
N ILE B 371 51.86 -8.04 -16.91
CA ILE B 371 51.52 -6.86 -16.14
C ILE B 371 50.23 -7.07 -15.37
N TYR B 372 49.31 -7.87 -15.91
CA TYR B 372 48.06 -8.14 -15.21
C TYR B 372 48.30 -8.95 -13.95
N ARG B 373 49.08 -10.03 -14.06
CA ARG B 373 49.40 -10.82 -12.87
C ARG B 373 50.28 -10.04 -11.89
N ALA B 374 50.99 -9.02 -12.37
CA ALA B 374 51.76 -8.17 -11.46
C ALA B 374 50.89 -7.13 -10.79
N MET B 375 49.83 -6.68 -11.46
CA MET B 375 48.96 -5.64 -10.93
C MET B 375 47.94 -6.22 -9.97
N ASN B 376 47.39 -7.40 -10.25
CA ASN B 376 46.47 -7.97 -9.29
C ASN B 376 47.19 -8.33 -8.00
N SER B 377 48.48 -8.65 -8.10
CA SER B 377 49.34 -8.89 -6.93
C SER B 377 50.07 -7.61 -6.53
N SER B 378 49.28 -6.58 -6.23
CA SER B 378 49.81 -5.26 -5.90
C SER B 378 49.23 -4.84 -4.55
N SER B 379 50.08 -4.87 -3.53
CA SER B 379 49.73 -4.42 -2.18
C SER B 379 50.83 -3.53 -1.66
N PHE B 380 50.47 -2.33 -1.25
CA PHE B 380 51.42 -1.36 -0.75
C PHE B 380 50.68 -0.20 -0.12
N GLU B 381 51.33 0.48 0.80
CA GLU B 381 50.72 1.56 1.56
C GLU B 381 51.06 2.88 0.88
N GLY B 382 50.11 3.41 0.12
CA GLY B 382 50.22 4.71 -0.47
C GLY B 382 49.37 5.74 0.25
N VAL B 383 49.29 6.93 -0.35
CA VAL B 383 48.58 8.04 0.28
C VAL B 383 47.13 7.66 0.55
N SER B 384 46.49 7.00 -0.41
CA SER B 384 45.09 6.62 -0.25
C SER B 384 44.89 5.49 0.73
N GLY B 385 45.97 4.84 1.18
CA GLY B 385 45.87 3.70 2.08
C GLY B 385 46.49 2.46 1.48
N HIS B 386 45.94 1.31 1.88
CA HIS B 386 46.46 0.03 1.41
C HIS B 386 45.85 -0.27 0.05
N VAL B 387 46.69 -0.31 -0.98
CA VAL B 387 46.24 -0.42 -2.36
C VAL B 387 46.25 -1.90 -2.73
N VAL B 388 45.09 -2.54 -2.59
CA VAL B 388 44.87 -3.92 -3.02
C VAL B 388 43.80 -3.92 -4.09
N PHE B 389 43.95 -4.82 -5.06
CA PHE B 389 43.02 -4.93 -6.19
C PHE B 389 42.30 -6.27 -6.08
N ASP B 390 40.98 -6.22 -5.88
CA ASP B 390 40.16 -7.41 -5.86
C ASP B 390 40.16 -8.08 -7.23
N ALA B 391 39.45 -9.20 -7.36
CA ALA B 391 39.45 -9.90 -8.63
C ALA B 391 38.77 -9.09 -9.72
N SER B 392 37.87 -8.19 -9.35
CA SER B 392 37.17 -7.35 -10.30
C SER B 392 37.99 -6.14 -10.74
N GLY B 393 39.25 -6.05 -10.33
CA GLY B 393 40.10 -4.93 -10.61
C GLY B 393 39.98 -3.81 -9.60
N SER B 394 38.79 -3.60 -9.05
CA SER B 394 38.59 -2.54 -8.08
C SER B 394 39.41 -2.80 -6.82
N ARG B 395 39.45 -1.80 -5.96
CA ARG B 395 40.08 -1.91 -4.65
C ARG B 395 39.05 -1.71 -3.56
N MET B 396 39.30 -2.29 -2.40
CA MET B 396 38.49 -2.02 -1.22
C MET B 396 39.07 -0.84 -0.47
N ALA B 397 38.31 -0.33 0.48
CA ALA B 397 38.73 0.86 1.20
C ALA B 397 37.84 1.05 2.42
N TRP B 398 38.02 2.17 3.10
CA TRP B 398 37.32 2.48 4.34
C TRP B 398 36.18 3.47 4.11
N THR B 399 34.97 3.08 4.47
CA THR B 399 33.81 3.95 4.28
C THR B 399 33.61 4.73 5.56
N LEU B 400 33.48 6.05 5.48
CA LEU B 400 33.35 6.88 6.67
C LEU B 400 31.91 7.37 6.75
N ILE B 401 31.25 7.03 7.83
CA ILE B 401 29.85 7.34 8.02
C ILE B 401 29.71 8.75 8.60
N GLU B 402 28.63 9.45 8.24
CA GLU B 402 28.40 10.78 8.78
C GLU B 402 26.91 10.96 9.01
N GLN B 403 26.57 11.93 9.84
CA GLN B 403 25.18 12.20 10.19
C GLN B 403 25.02 13.69 10.45
N LEU B 404 23.90 14.24 9.96
CA LEU B 404 23.65 15.66 10.07
C LEU B 404 23.06 15.99 11.43
N GLN B 405 23.76 16.83 12.18
CA GLN B 405 23.37 17.21 13.55
C GLN B 405 23.37 18.73 13.62
N GLY B 406 22.24 19.35 13.27
CA GLY B 406 22.11 20.79 13.32
C GLY B 406 22.95 21.49 12.27
N GLY B 407 22.69 21.20 11.00
CA GLY B 407 23.42 21.82 9.91
C GLY B 407 24.90 21.51 9.90
N SER B 408 25.30 20.51 10.69
CA SER B 408 26.69 20.11 10.79
C SER B 408 26.79 18.60 10.62
N TYR B 409 27.71 18.16 9.78
CA TYR B 409 27.95 16.74 9.60
C TYR B 409 28.86 16.23 10.71
N LYS B 410 28.37 15.24 11.45
CA LYS B 410 29.07 14.71 12.62
C LYS B 410 29.54 13.30 12.30
N LYS B 411 30.84 13.14 12.13
CA LYS B 411 31.40 11.84 11.78
C LYS B 411 30.93 10.76 12.75
N ILE B 412 30.93 9.53 12.24
CA ILE B 412 30.56 8.35 13.00
C ILE B 412 31.50 7.24 12.55
N GLY B 413 31.42 6.10 13.23
CA GLY B 413 32.28 4.97 12.93
C GLY B 413 32.50 4.68 11.47
N TYR B 414 33.72 4.27 11.15
CA TYR B 414 34.09 3.79 9.83
C TYR B 414 33.63 2.35 9.66
N TYR B 415 34.08 1.69 8.61
CA TYR B 415 33.78 0.28 8.41
C TYR B 415 34.67 -0.26 7.29
N ASP B 416 34.91 -1.56 7.33
CA ASP B 416 35.72 -2.24 6.32
C ASP B 416 34.96 -3.46 5.85
N SER B 417 34.69 -3.55 4.55
CA SER B 417 33.98 -4.70 4.02
C SER B 417 34.75 -6.00 4.17
N THR B 418 36.06 -5.93 4.46
CA THR B 418 36.89 -7.12 4.54
C THR B 418 37.02 -7.65 5.96
N LYS B 419 37.57 -6.83 6.86
CA LYS B 419 37.81 -7.22 8.23
C LYS B 419 36.57 -7.12 9.12
N ASP B 420 35.46 -6.58 8.61
CA ASP B 420 34.27 -6.34 9.40
C ASP B 420 34.55 -5.39 10.56
N ASP B 421 35.61 -4.59 10.43
CA ASP B 421 36.07 -3.72 11.50
C ASP B 421 35.26 -2.42 11.51
N LEU B 422 34.46 -2.24 12.54
CA LEU B 422 33.68 -1.02 12.74
C LEU B 422 34.21 -0.30 13.97
N SER B 423 34.45 1.00 13.84
CA SER B 423 35.09 1.78 14.89
C SER B 423 34.20 2.96 15.25
N TRP B 424 33.26 2.74 16.18
CA TRP B 424 32.27 3.74 16.54
C TRP B 424 32.93 4.95 17.19
N SER B 425 32.27 6.10 17.04
CA SER B 425 32.58 7.29 17.82
C SER B 425 31.45 7.66 18.76
N LYS B 426 30.33 6.94 18.72
CA LYS B 426 29.18 7.20 19.59
C LYS B 426 28.75 8.67 19.52
N THR B 427 28.29 9.05 18.34
CA THR B 427 27.81 10.42 18.13
C THR B 427 26.50 10.44 17.36
N ASP B 428 25.78 9.32 17.31
CA ASP B 428 24.50 9.26 16.61
C ASP B 428 23.40 9.79 17.54
N LYS B 429 22.91 10.99 17.26
CA LYS B 429 21.88 11.63 18.07
C LYS B 429 20.53 11.42 17.41
N TRP B 430 19.83 10.38 17.82
CA TRP B 430 18.46 10.17 17.37
C TRP B 430 17.50 11.07 18.14
N ILE B 431 16.26 11.11 17.66
CA ILE B 431 15.26 12.00 18.27
C ILE B 431 14.65 11.36 19.51
N GLY B 432 14.16 10.13 19.38
CA GLY B 432 13.58 9.42 20.51
C GLY B 432 14.61 8.73 21.37
N GLY B 433 15.80 9.32 21.48
CA GLY B 433 16.88 8.71 22.22
C GLY B 433 17.33 7.38 21.65
N SER B 434 16.81 7.02 20.49
CA SER B 434 17.08 5.72 19.88
C SER B 434 16.46 5.72 18.48
N PRO B 435 16.85 4.79 17.63
CA PRO B 435 16.41 4.84 16.23
C PRO B 435 15.13 4.06 16.02
N PRO B 436 14.30 4.49 15.07
CA PRO B 436 13.05 3.75 14.78
C PRO B 436 13.30 2.41 14.11
N ALA B 437 12.21 1.75 13.70
CA ALA B 437 12.31 0.47 13.01
C ALA B 437 11.46 0.47 11.73
N ASP B 438 11.35 -0.69 11.09
CA ASP B 438 10.77 -0.75 9.76
C ASP B 438 9.30 -0.33 9.75
N GLN B 439 8.52 -0.86 10.69
CA GLN B 439 7.08 -0.65 10.69
C GLN B 439 6.62 -0.40 12.12
N THR B 440 5.29 -0.40 12.30
CA THR B 440 4.67 -0.14 13.59
C THR B 440 4.35 -1.46 14.27
N LEU B 441 4.89 -1.66 15.47
CA LEU B 441 4.66 -2.89 16.21
C LEU B 441 3.19 -3.03 16.58
N VAL B 442 2.60 -4.18 16.25
CA VAL B 442 1.18 -4.45 16.46
C VAL B 442 1.04 -5.19 17.79
N ILE B 443 0.41 -4.54 18.77
CA ILE B 443 0.23 -5.11 20.10
C ILE B 443 -1.17 -5.70 20.19
N LYS B 444 -1.30 -6.73 21.01
CA LYS B 444 -2.58 -7.37 21.27
C LYS B 444 -3.14 -6.82 22.58
N THR B 445 -4.32 -6.20 22.50
CA THR B 445 -4.95 -5.55 23.63
C THR B 445 -6.14 -6.38 24.10
N PHE B 446 -6.18 -6.67 25.39
CA PHE B 446 -7.31 -7.36 26.01
C PHE B 446 -8.14 -6.32 26.76
N ARG B 447 -9.33 -6.02 26.22
CA ARG B 447 -10.22 -5.07 26.86
C ARG B 447 -10.87 -5.69 28.09
N PHE B 448 -10.86 -4.94 29.19
CA PHE B 448 -11.39 -5.41 30.46
C PHE B 448 -12.50 -4.47 30.93
N LEU B 449 -13.31 -4.96 31.86
CA LEU B 449 -14.36 -4.13 32.44
C LEU B 449 -13.76 -2.85 33.02
N SER B 450 -14.64 -1.87 33.25
CA SER B 450 -14.20 -0.59 33.80
C SER B 450 -13.39 -0.79 35.08
N GLN B 451 -13.69 -1.84 35.84
CA GLN B 451 -13.07 -2.18 37.12
C GLN B 451 -13.47 -1.22 38.22
N LYS B 452 -14.28 -0.20 37.93
CA LYS B 452 -14.99 0.57 38.95
C LYS B 452 -16.44 0.15 39.05
N LEU B 453 -17.10 -0.05 37.90
CA LEU B 453 -18.40 -0.70 37.87
C LEU B 453 -18.38 -2.01 38.64
N PHE B 454 -17.37 -2.84 38.37
CA PHE B 454 -17.29 -4.15 39.01
C PHE B 454 -17.36 -4.03 40.53
N ILE B 455 -16.65 -3.05 41.10
CA ILE B 455 -16.59 -2.94 42.55
C ILE B 455 -17.96 -2.57 43.11
N SER B 456 -18.62 -1.58 42.51
CA SER B 456 -19.94 -1.16 42.98
C SER B 456 -20.95 -2.32 42.87
N VAL B 457 -20.96 -2.99 41.73
CA VAL B 457 -21.93 -4.06 41.52
C VAL B 457 -21.65 -5.23 42.46
N SER B 458 -20.37 -5.50 42.73
CA SER B 458 -20.03 -6.54 43.69
C SER B 458 -20.48 -6.16 45.10
N VAL B 459 -20.29 -4.91 45.48
CA VAL B 459 -20.81 -4.42 46.76
C VAL B 459 -22.32 -4.68 46.84
N LEU B 460 -23.03 -4.34 45.77
CA LEU B 460 -24.49 -4.51 45.77
C LEU B 460 -24.88 -5.97 45.90
N SER B 461 -24.20 -6.85 45.15
CA SER B 461 -24.53 -8.27 45.23
C SER B 461 -24.21 -8.84 46.61
N SER B 462 -23.13 -8.38 47.23
CA SER B 462 -22.80 -8.84 48.57
C SER B 462 -23.85 -8.38 49.56
N LEU B 463 -24.31 -7.13 49.46
CA LEU B 463 -25.39 -6.68 50.31
C LEU B 463 -26.66 -7.50 50.08
N GLY B 464 -26.91 -7.88 48.83
CA GLY B 464 -28.06 -8.72 48.54
C GLY B 464 -27.95 -10.08 49.21
N ILE B 465 -26.76 -10.67 49.18
CA ILE B 465 -26.58 -11.96 49.85
C ILE B 465 -26.76 -11.80 51.35
N VAL B 466 -26.27 -10.71 51.91
CA VAL B 466 -26.46 -10.45 53.33
C VAL B 466 -27.95 -10.35 53.67
N LEU B 467 -28.69 -9.65 52.81
CA LEU B 467 -30.13 -9.51 53.03
C LEU B 467 -30.83 -10.85 52.94
N ALA B 468 -30.43 -11.68 51.97
CA ALA B 468 -31.05 -13.00 51.83
C ALA B 468 -30.76 -13.86 53.06
N VAL B 469 -29.53 -13.78 53.58
CA VAL B 469 -29.18 -14.55 54.77
C VAL B 469 -30.00 -14.08 55.96
N VAL B 470 -30.15 -12.77 56.12
CA VAL B 470 -30.94 -12.23 57.22
C VAL B 470 -32.38 -12.72 57.13
N CYS B 471 -32.96 -12.64 55.93
CA CYS B 471 -34.34 -13.05 55.76
C CYS B 471 -34.50 -14.55 56.00
N LEU B 472 -33.54 -15.34 55.55
CA LEU B 472 -33.59 -16.78 55.80
C LEU B 472 -33.51 -17.08 57.29
N SER B 473 -32.61 -16.41 58.00
CA SER B 473 -32.49 -16.62 59.43
C SER B 473 -33.79 -16.28 60.15
N PHE B 474 -34.41 -15.15 59.78
CA PHE B 474 -35.69 -14.80 60.38
C PHE B 474 -36.74 -15.86 60.08
N ASN B 475 -36.93 -16.20 58.80
CA ASN B 475 -37.89 -17.22 58.43
C ASN B 475 -37.66 -18.52 59.19
N ILE B 476 -36.41 -18.82 59.54
CA ILE B 476 -36.12 -20.05 60.27
C ILE B 476 -36.48 -19.89 61.74
N TYR B 477 -36.21 -18.72 62.32
CA TYR B 477 -36.51 -18.51 63.74
C TYR B 477 -38.01 -18.56 63.98
N ASN B 478 -38.78 -17.84 63.17
CA ASN B 478 -40.23 -17.80 63.31
C ASN B 478 -40.90 -18.85 62.42
N SER B 479 -40.60 -20.11 62.73
CA SER B 479 -41.16 -21.23 61.98
C SER B 479 -42.48 -21.72 62.55
N HIS B 480 -42.87 -21.27 63.74
CA HIS B 480 -44.11 -21.72 64.38
C HIS B 480 -45.26 -20.75 64.19
N VAL B 481 -44.98 -19.44 64.21
CA VAL B 481 -46.05 -18.45 64.08
C VAL B 481 -46.85 -18.71 62.81
N ARG B 482 -48.18 -18.60 62.93
CA ARG B 482 -49.05 -18.81 61.77
C ARG B 482 -48.73 -17.81 60.67
N TYR B 483 -48.44 -16.56 61.04
CA TYR B 483 -48.05 -15.56 60.05
C TYR B 483 -46.89 -16.04 59.19
N ILE B 484 -46.01 -16.87 59.76
CA ILE B 484 -44.93 -17.49 59.02
C ILE B 484 -45.15 -18.97 58.77
N GLN B 485 -46.20 -19.56 59.36
CA GLN B 485 -46.49 -20.97 59.12
C GLN B 485 -47.31 -21.18 57.86
N ASN B 486 -48.05 -20.17 57.41
CA ASN B 486 -48.82 -20.30 56.18
C ASN B 486 -47.90 -20.31 54.97
N SER B 487 -47.10 -19.26 54.81
CA SER B 487 -46.15 -19.19 53.71
C SER B 487 -45.22 -20.41 53.76
N GLN B 488 -45.23 -21.20 52.69
CA GLN B 488 -44.41 -22.40 52.63
C GLN B 488 -42.96 -22.06 52.91
N PRO B 489 -42.44 -22.37 54.10
CA PRO B 489 -41.06 -21.98 54.40
C PRO B 489 -40.02 -22.81 53.67
N ASN B 490 -40.30 -24.10 53.47
CA ASN B 490 -39.42 -24.97 52.72
C ASN B 490 -39.27 -24.52 51.26
N LEU B 491 -40.08 -23.57 50.81
CA LEU B 491 -39.97 -23.01 49.47
C LEU B 491 -39.48 -21.57 49.46
N ASN B 492 -39.84 -20.77 50.46
CA ASN B 492 -39.26 -19.43 50.54
C ASN B 492 -37.76 -19.51 50.84
N ASN B 493 -37.35 -20.50 51.64
CA ASN B 493 -35.93 -20.74 51.83
C ASN B 493 -35.25 -21.06 50.52
N LEU B 494 -35.91 -21.81 49.65
CA LEU B 494 -35.34 -22.14 48.35
C LEU B 494 -35.26 -20.90 47.46
N THR B 495 -36.32 -20.08 47.47
CA THR B 495 -36.27 -18.83 46.73
C THR B 495 -35.09 -17.98 47.16
N ALA B 496 -34.86 -17.88 48.47
CA ALA B 496 -33.75 -17.09 48.97
C ALA B 496 -32.41 -17.70 48.58
N VAL B 497 -32.30 -19.03 48.65
CA VAL B 497 -31.06 -19.70 48.25
C VAL B 497 -30.77 -19.40 46.79
N GLY B 498 -31.80 -19.44 45.94
CA GLY B 498 -31.59 -19.17 44.53
C GLY B 498 -31.19 -17.73 44.27
N CYS B 499 -31.83 -16.78 44.96
CA CYS B 499 -31.43 -15.39 44.83
C CYS B 499 -29.98 -15.21 45.25
N SER B 500 -29.56 -15.90 46.31
CA SER B 500 -28.17 -15.80 46.76
C SER B 500 -27.21 -16.35 45.72
N LEU B 501 -27.53 -17.51 45.14
CA LEU B 501 -26.69 -18.07 44.10
C LEU B 501 -26.57 -17.11 42.92
N ALA B 502 -27.70 -16.53 42.50
CA ALA B 502 -27.66 -15.62 41.37
C ALA B 502 -26.82 -14.40 41.69
N LEU B 503 -26.97 -13.86 42.90
CA LEU B 503 -26.13 -12.73 43.30
C LEU B 503 -24.65 -13.11 43.25
N ALA B 504 -24.32 -14.31 43.72
CA ALA B 504 -22.94 -14.77 43.64
C ALA B 504 -22.47 -14.85 42.20
N ALA B 505 -23.39 -15.14 41.27
CA ALA B 505 -23.02 -15.26 39.87
C ALA B 505 -22.50 -13.94 39.30
N VAL B 506 -22.61 -12.85 40.05
CA VAL B 506 -22.17 -11.56 39.55
C VAL B 506 -20.66 -11.48 39.53
N PHE B 507 -19.99 -12.11 40.50
CA PHE B 507 -18.53 -12.01 40.57
C PHE B 507 -17.87 -12.73 39.40
N PRO B 508 -18.18 -14.00 39.12
CA PRO B 508 -17.57 -14.65 37.95
C PRO B 508 -17.85 -13.92 36.65
N LEU B 509 -18.95 -13.19 36.57
CA LEU B 509 -19.36 -12.56 35.32
C LEU B 509 -18.44 -11.42 34.90
N GLY B 510 -17.52 -10.99 35.77
CA GLY B 510 -16.65 -9.89 35.45
C GLY B 510 -15.18 -10.25 35.44
N LEU B 511 -14.85 -11.52 35.70
CA LEU B 511 -13.49 -11.98 35.66
C LEU B 511 -13.12 -12.31 34.22
N ASP B 512 -12.28 -11.45 33.61
CA ASP B 512 -11.93 -11.58 32.20
C ASP B 512 -10.42 -11.51 31.97
N GLY B 513 -9.61 -11.66 33.02
CA GLY B 513 -8.18 -11.63 32.87
C GLY B 513 -7.50 -10.70 33.85
N TYR B 514 -8.15 -9.56 34.10
CA TYR B 514 -7.65 -8.63 35.12
C TYR B 514 -7.54 -9.29 36.49
N HIS B 515 -8.21 -10.42 36.69
CA HIS B 515 -8.16 -11.12 37.97
C HIS B 515 -8.05 -12.63 37.83
N ILE B 516 -7.95 -13.15 36.60
CA ILE B 516 -7.87 -14.60 36.38
C ILE B 516 -6.89 -14.85 35.24
N GLY B 517 -6.38 -16.08 35.21
CA GLY B 517 -5.48 -16.53 34.17
C GLY B 517 -6.15 -17.53 33.23
N ARG B 518 -5.43 -17.87 32.17
CA ARG B 518 -5.96 -18.77 31.15
C ARG B 518 -6.26 -20.17 31.68
N ASN B 519 -5.85 -20.48 32.91
CA ASN B 519 -6.06 -21.81 33.49
C ASN B 519 -7.34 -21.88 34.30
N GLN B 520 -7.57 -20.89 35.18
CA GLN B 520 -8.79 -20.84 35.96
C GLN B 520 -9.95 -20.22 35.21
N PHE B 521 -9.72 -19.68 34.01
CA PHE B 521 -10.78 -19.01 33.29
C PHE B 521 -11.93 -19.94 32.92
N PRO B 522 -11.70 -21.18 32.50
CA PRO B 522 -12.83 -22.10 32.31
C PRO B 522 -13.56 -22.40 33.61
N PHE B 523 -12.85 -22.42 34.74
CA PHE B 523 -13.54 -22.57 36.02
C PHE B 523 -14.56 -21.47 36.21
N VAL B 524 -14.22 -20.24 35.81
CA VAL B 524 -15.15 -19.13 35.93
C VAL B 524 -16.28 -19.26 34.93
N CYS B 525 -15.96 -19.61 33.68
CA CYS B 525 -16.99 -19.77 32.67
C CYS B 525 -17.91 -20.94 32.95
N GLN B 526 -17.55 -21.81 33.90
CA GLN B 526 -18.43 -22.87 34.37
C GLN B 526 -19.22 -22.46 35.61
N ALA B 527 -18.57 -21.71 36.51
CA ALA B 527 -19.25 -21.23 37.71
C ALA B 527 -20.37 -20.27 37.35
N ARG B 528 -20.12 -19.36 36.40
CA ARG B 528 -21.20 -18.49 35.90
C ARG B 528 -22.42 -19.34 35.57
N LEU B 529 -22.23 -20.31 34.67
CA LEU B 529 -23.33 -21.13 34.20
C LEU B 529 -24.05 -21.80 35.35
N TRP B 530 -23.30 -22.47 36.23
CA TRP B 530 -23.95 -23.27 37.26
C TRP B 530 -24.69 -22.39 38.26
N LEU B 531 -24.04 -21.32 38.72
CA LEU B 531 -24.70 -20.42 39.66
C LEU B 531 -25.98 -19.86 39.06
N LEU B 532 -25.89 -19.25 37.87
CA LEU B 532 -27.09 -18.72 37.23
C LEU B 532 -28.18 -19.77 37.13
N GLY B 533 -27.88 -20.90 36.50
CA GLY B 533 -28.88 -21.92 36.27
C GLY B 533 -29.55 -22.37 37.56
N LEU B 534 -28.72 -22.81 38.52
CA LEU B 534 -29.27 -23.39 39.74
C LEU B 534 -30.02 -22.35 40.57
N GLY B 535 -29.50 -21.12 40.64
CA GLY B 535 -30.18 -20.11 41.42
C GLY B 535 -31.51 -19.71 40.81
N PHE B 536 -31.52 -19.41 39.51
CA PHE B 536 -32.76 -19.06 38.86
C PHE B 536 -33.77 -20.20 38.94
N SER B 537 -33.29 -21.45 38.88
CA SER B 537 -34.19 -22.58 39.07
C SER B 537 -34.78 -22.54 40.47
N LEU B 538 -33.95 -22.68 41.50
CA LEU B 538 -34.47 -22.71 42.86
C LEU B 538 -35.37 -21.52 43.17
N GLY B 539 -35.19 -20.41 42.46
CA GLY B 539 -36.09 -19.27 42.66
C GLY B 539 -37.41 -19.41 41.94
N TYR B 540 -37.36 -19.40 40.61
CA TYR B 540 -38.59 -19.35 39.83
C TYR B 540 -39.33 -20.67 39.88
N GLY B 541 -38.63 -21.80 39.77
CA GLY B 541 -39.30 -23.08 39.92
C GLY B 541 -40.02 -23.20 41.25
N SER B 542 -39.38 -22.78 42.34
CA SER B 542 -40.02 -22.85 43.64
C SER B 542 -41.27 -21.99 43.68
N MET B 543 -41.14 -20.71 43.31
CA MET B 543 -42.31 -19.83 43.35
C MET B 543 -43.41 -20.32 42.42
N PHE B 544 -43.04 -20.92 41.28
CA PHE B 544 -44.02 -21.34 40.29
C PHE B 544 -44.74 -22.61 40.74
N THR B 545 -44.03 -23.52 41.40
CA THR B 545 -44.70 -24.68 41.98
C THR B 545 -45.61 -24.27 43.13
N LYS B 546 -45.18 -23.27 43.92
CA LYS B 546 -46.06 -22.74 44.94
C LYS B 546 -47.32 -22.13 44.32
N ILE B 547 -47.16 -21.45 43.19
CA ILE B 547 -48.31 -20.89 42.49
C ILE B 547 -49.22 -21.99 42.02
N TRP B 548 -48.66 -23.06 41.44
CA TRP B 548 -49.48 -24.18 40.99
C TRP B 548 -50.23 -24.81 42.16
N TRP B 549 -49.56 -24.95 43.31
CA TRP B 549 -50.20 -25.53 44.48
C TRP B 549 -51.38 -24.67 44.93
N VAL B 550 -51.16 -23.35 45.06
CA VAL B 550 -52.26 -22.47 45.41
C VAL B 550 -53.32 -22.45 44.31
N HIS B 551 -52.95 -22.82 43.08
CA HIS B 551 -53.92 -22.90 42.00
C HIS B 551 -54.83 -24.10 42.17
N THR B 552 -54.28 -25.22 42.64
CA THR B 552 -55.12 -26.38 42.94
C THR B 552 -56.31 -25.99 43.79
N VAL B 553 -56.11 -25.08 44.75
CA VAL B 553 -57.22 -24.58 45.55
C VAL B 553 -58.22 -23.86 44.68
N PHE B 554 -57.75 -23.13 43.67
CA PHE B 554 -58.63 -22.38 42.77
C PHE B 554 -58.75 -23.10 41.43
N TRP B 570 -46.36 -33.55 50.55
CA TRP B 570 -45.08 -33.22 49.96
C TRP B 570 -45.17 -33.19 48.44
N LYS B 571 -46.33 -32.79 47.93
CA LYS B 571 -46.53 -32.75 46.48
C LYS B 571 -45.78 -31.58 45.85
N LEU B 572 -45.71 -30.44 46.56
CA LEU B 572 -44.99 -29.29 46.03
C LEU B 572 -43.50 -29.57 45.91
N TYR B 573 -42.91 -30.20 46.93
CA TYR B 573 -41.50 -30.56 46.88
C TYR B 573 -41.18 -31.33 45.61
N ALA B 574 -42.10 -32.17 45.15
CA ALA B 574 -41.88 -32.96 43.94
C ALA B 574 -41.47 -32.06 42.78
N THR B 575 -42.31 -31.06 42.48
CA THR B 575 -42.04 -30.20 41.34
C THR B 575 -40.88 -29.24 41.65
N VAL B 576 -40.80 -28.75 42.89
CA VAL B 576 -39.72 -27.86 43.26
C VAL B 576 -38.37 -28.52 43.06
N GLY B 577 -38.34 -29.85 43.12
CA GLY B 577 -37.11 -30.59 42.88
C GLY B 577 -36.97 -31.00 41.43
N LEU B 578 -38.09 -31.28 40.77
CA LEU B 578 -38.04 -31.69 39.37
C LEU B 578 -37.52 -30.56 38.49
N LEU B 579 -37.87 -29.32 38.83
CA LEU B 579 -37.36 -28.19 38.07
C LEU B 579 -35.83 -28.15 38.10
N VAL B 580 -35.26 -28.16 39.31
CA VAL B 580 -33.80 -28.13 39.46
C VAL B 580 -33.18 -29.36 38.83
N GLY B 581 -33.86 -30.50 38.88
CA GLY B 581 -33.30 -31.70 38.29
C GLY B 581 -33.21 -31.61 36.78
N MET B 582 -34.28 -31.14 36.13
CA MET B 582 -34.24 -30.94 34.69
C MET B 582 -33.18 -29.91 34.32
N ASP B 583 -33.05 -28.86 35.12
CA ASP B 583 -32.02 -27.86 34.85
C ASP B 583 -30.63 -28.47 34.91
N VAL B 584 -30.36 -29.26 35.96
CA VAL B 584 -29.06 -29.90 36.10
C VAL B 584 -28.81 -30.85 34.95
N LEU B 585 -29.83 -31.61 34.54
CA LEU B 585 -29.66 -32.57 33.46
C LEU B 585 -29.32 -31.85 32.15
N THR B 586 -30.05 -30.79 31.82
CA THR B 586 -29.78 -30.09 30.57
C THR B 586 -28.42 -29.39 30.62
N LEU B 587 -28.04 -28.85 31.77
CA LEU B 587 -26.74 -28.21 31.88
C LEU B 587 -25.61 -29.23 31.73
N ALA B 588 -25.79 -30.42 32.29
CA ALA B 588 -24.79 -31.47 32.13
C ALA B 588 -24.71 -31.92 30.68
N ILE B 589 -25.86 -32.02 30.01
CA ILE B 589 -25.86 -32.36 28.59
C ILE B 589 -25.05 -31.33 27.82
N TRP B 590 -25.28 -30.05 28.10
CA TRP B 590 -24.56 -28.99 27.40
C TRP B 590 -23.07 -29.08 27.66
N GLN B 591 -22.68 -29.25 28.92
CA GLN B 591 -21.26 -29.28 29.27
C GLN B 591 -20.57 -30.55 28.76
N ILE B 592 -21.33 -31.62 28.52
CA ILE B 592 -20.73 -32.84 28.00
C ILE B 592 -20.64 -32.82 26.49
N VAL B 593 -21.60 -32.20 25.80
CA VAL B 593 -21.62 -32.18 24.35
C VAL B 593 -20.75 -31.04 23.83
N ASP B 594 -21.11 -29.81 24.21
CA ASP B 594 -20.43 -28.60 23.74
C ASP B 594 -20.06 -27.75 24.96
N PRO B 595 -18.93 -28.05 25.60
CA PRO B 595 -18.56 -27.31 26.81
C PRO B 595 -17.95 -25.96 26.48
N LEU B 596 -17.97 -25.08 27.48
CA LEU B 596 -17.45 -23.73 27.29
C LEU B 596 -15.93 -23.73 27.22
N HIS B 597 -15.39 -22.96 26.28
CA HIS B 597 -13.96 -22.79 26.13
C HIS B 597 -13.65 -21.36 25.73
N ARG B 598 -12.53 -20.83 26.23
CA ARG B 598 -12.19 -19.44 26.00
C ARG B 598 -12.02 -19.14 24.52
N THR B 599 -12.81 -18.19 24.02
CA THR B 599 -12.72 -17.73 22.64
C THR B 599 -12.44 -16.23 22.64
N ILE B 600 -11.56 -15.80 21.73
CA ILE B 600 -11.12 -14.42 21.65
C ILE B 600 -11.76 -13.77 20.44
N GLU B 601 -12.22 -12.53 20.60
CA GLU B 601 -12.82 -11.74 19.53
C GLU B 601 -11.87 -10.60 19.18
N THR B 602 -11.51 -10.51 17.90
CA THR B 602 -10.55 -9.52 17.41
C THR B 602 -11.28 -8.44 16.63
N PHE B 603 -11.15 -7.20 17.09
CA PHE B 603 -11.77 -6.07 16.41
C PHE B 603 -10.77 -5.39 15.48
N ALA B 604 -11.28 -4.49 14.66
CA ALA B 604 -10.43 -3.73 13.74
C ALA B 604 -9.35 -2.99 14.51
N LYS B 605 -8.15 -2.94 13.93
CA LYS B 605 -7.04 -2.23 14.57
C LYS B 605 -7.27 -0.73 14.51
N GLU B 606 -7.08 -0.06 15.63
CA GLU B 606 -7.29 1.38 15.69
C GLU B 606 -6.57 1.93 16.92
N GLU B 607 -6.97 3.13 17.35
CA GLU B 607 -6.42 3.80 18.52
C GLU B 607 -4.95 4.13 18.32
N PRO B 608 -4.63 4.96 17.32
CA PRO B 608 -3.24 5.38 17.13
C PRO B 608 -2.85 6.46 18.13
N ASP B 613 3.99 4.92 17.95
CA ASP B 613 3.63 4.27 16.70
C ASP B 613 3.09 2.87 16.91
N VAL B 614 2.49 2.60 18.06
CA VAL B 614 1.96 1.27 18.36
C VAL B 614 0.59 1.13 17.70
N SER B 615 0.40 0.02 16.98
CA SER B 615 -0.89 -0.32 16.40
C SER B 615 -1.58 -1.32 17.31
N ILE B 616 -2.63 -0.87 17.99
CA ILE B 616 -3.28 -1.67 19.02
C ILE B 616 -4.27 -2.62 18.36
N LEU B 617 -4.02 -3.92 18.50
CA LEU B 617 -4.94 -4.94 18.03
C LEU B 617 -5.84 -5.35 19.19
N PRO B 618 -7.14 -5.03 19.16
CA PRO B 618 -7.98 -5.28 20.34
C PRO B 618 -8.52 -6.70 20.37
N GLN B 619 -8.51 -7.28 21.57
CA GLN B 619 -8.99 -8.64 21.80
C GLN B 619 -10.02 -8.64 22.92
N LEU B 620 -11.03 -9.51 22.79
CA LEU B 620 -12.09 -9.65 23.78
C LEU B 620 -12.03 -11.07 24.35
N GLU B 621 -11.78 -11.17 25.64
CA GLU B 621 -11.68 -12.47 26.32
C GLU B 621 -13.07 -13.04 26.55
N HIS B 622 -13.52 -13.87 25.61
CA HIS B 622 -14.82 -14.51 25.66
C HIS B 622 -14.66 -16.00 25.95
N CYS B 623 -15.77 -16.63 26.36
CA CYS B 623 -15.81 -18.08 26.47
C CYS B 623 -17.21 -18.54 26.08
N SER B 624 -17.39 -18.91 24.82
CA SER B 624 -18.65 -19.42 24.32
C SER B 624 -18.38 -20.63 23.43
N SER B 625 -19.14 -21.69 23.63
CA SER B 625 -18.93 -22.91 22.86
C SER B 625 -19.23 -22.67 21.38
N ARG B 626 -18.96 -23.68 20.56
CA ARG B 626 -19.23 -23.58 19.14
C ARG B 626 -20.73 -23.43 18.88
N LYS B 627 -21.53 -24.30 19.51
CA LYS B 627 -22.98 -24.18 19.47
C LYS B 627 -23.52 -23.30 20.59
N MET B 628 -22.68 -22.42 21.15
CA MET B 628 -23.09 -21.60 22.27
C MET B 628 -24.40 -20.88 21.98
N ASN B 629 -24.50 -20.27 20.79
CA ASN B 629 -25.72 -19.56 20.43
C ASN B 629 -26.93 -20.49 20.47
N THR B 630 -26.78 -21.71 19.95
CA THR B 630 -27.91 -22.63 19.89
C THR B 630 -28.37 -23.02 21.29
N TRP B 631 -27.45 -23.49 22.13
CA TRP B 631 -27.83 -23.89 23.48
C TRP B 631 -28.40 -22.71 24.26
N LEU B 632 -27.81 -21.52 24.08
CA LEU B 632 -28.29 -20.36 24.80
C LEU B 632 -29.72 -20.02 24.39
N GLY B 633 -29.99 -20.03 23.08
CA GLY B 633 -31.33 -19.76 22.61
C GLY B 633 -32.32 -20.80 23.08
N ILE B 634 -31.93 -22.06 23.06
CA ILE B 634 -32.81 -23.13 23.54
C ILE B 634 -33.17 -22.90 24.99
N PHE B 635 -32.16 -22.67 25.83
CA PHE B 635 -32.39 -22.48 27.26
C PHE B 635 -33.26 -21.26 27.52
N TYR B 636 -32.95 -20.15 26.84
CA TYR B 636 -33.72 -18.93 27.05
C TYR B 636 -35.16 -19.11 26.59
N GLY B 637 -35.39 -19.84 25.50
CA GLY B 637 -36.74 -20.09 25.06
C GLY B 637 -37.51 -20.94 26.04
N TYR B 638 -36.89 -22.00 26.56
CA TYR B 638 -37.55 -22.83 27.54
C TYR B 638 -37.90 -22.03 28.79
N LYS B 639 -36.95 -21.25 29.29
CA LYS B 639 -37.21 -20.48 30.50
C LYS B 639 -38.22 -19.37 30.25
N GLY B 640 -38.29 -18.85 29.03
CA GLY B 640 -39.32 -17.87 28.72
C GLY B 640 -40.70 -18.49 28.68
N LEU B 641 -40.81 -19.68 28.08
CA LEU B 641 -42.07 -20.42 28.16
C LEU B 641 -42.48 -20.63 29.60
N LEU B 642 -41.51 -20.96 30.46
CA LEU B 642 -41.84 -21.20 31.87
C LEU B 642 -42.26 -19.90 32.56
N LEU B 643 -41.56 -18.79 32.27
CA LEU B 643 -41.96 -17.50 32.80
C LEU B 643 -43.40 -17.18 32.41
N LEU B 644 -43.74 -17.40 31.15
CA LEU B 644 -45.07 -17.08 30.66
C LEU B 644 -46.12 -17.97 31.33
N LEU B 645 -45.83 -19.27 31.45
CA LEU B 645 -46.76 -20.15 32.14
C LEU B 645 -46.98 -19.72 33.58
N GLY B 646 -45.90 -19.32 34.26
CA GLY B 646 -46.02 -18.92 35.65
C GLY B 646 -46.82 -17.64 35.81
N ILE B 647 -46.56 -16.66 34.95
CA ILE B 647 -47.30 -15.40 35.07
C ILE B 647 -48.76 -15.60 34.68
N PHE B 648 -49.04 -16.54 33.77
CA PHE B 648 -50.42 -16.86 33.46
C PHE B 648 -51.12 -17.53 34.64
N LEU B 649 -50.47 -18.53 35.23
CA LEU B 649 -51.02 -19.18 36.42
C LEU B 649 -51.22 -18.17 37.55
N ALA B 650 -50.41 -17.12 37.59
CA ALA B 650 -50.59 -16.10 38.60
C ALA B 650 -51.79 -15.21 38.29
N TYR B 651 -51.89 -14.76 37.04
CA TYR B 651 -53.04 -13.95 36.64
C TYR B 651 -54.34 -14.70 36.88
N GLU B 652 -54.34 -16.02 36.68
CA GLU B 652 -55.54 -16.81 36.92
C GLU B 652 -55.80 -16.97 38.42
N THR B 653 -54.74 -17.11 39.21
CA THR B 653 -54.86 -17.27 40.65
C THR B 653 -54.76 -15.94 41.40
N LYS B 654 -55.09 -14.83 40.73
CA LYS B 654 -55.00 -13.52 41.37
C LYS B 654 -56.02 -13.34 42.50
N SER B 655 -57.03 -14.23 42.59
CA SER B 655 -58.12 -14.07 43.54
C SER B 655 -57.97 -14.96 44.77
N VAL B 656 -57.55 -16.21 44.59
CA VAL B 656 -57.43 -17.15 45.70
C VAL B 656 -56.51 -16.58 46.78
N ASN B 662 -50.67 -18.02 52.91
CA ASN B 662 -50.49 -16.61 52.55
C ASN B 662 -49.38 -16.46 51.51
N ASP B 663 -49.02 -15.21 51.23
CA ASP B 663 -47.95 -14.89 50.28
C ASP B 663 -48.27 -15.46 48.89
N HIS B 664 -49.33 -14.89 48.30
CA HIS B 664 -49.75 -15.24 46.95
C HIS B 664 -49.57 -14.07 45.99
N ARG B 665 -50.15 -12.91 46.30
CA ARG B 665 -50.01 -11.76 45.42
C ARG B 665 -48.58 -11.25 45.40
N ALA B 666 -47.88 -11.32 46.53
CA ALA B 666 -46.46 -10.98 46.55
C ALA B 666 -45.68 -11.87 45.59
N VAL B 667 -45.88 -13.18 45.70
CA VAL B 667 -45.19 -14.12 44.80
C VAL B 667 -45.53 -13.81 43.35
N GLY B 668 -46.79 -13.47 43.08
CA GLY B 668 -47.17 -13.19 41.71
C GLY B 668 -46.52 -11.95 41.15
N MET B 669 -46.50 -10.87 41.93
CA MET B 669 -45.85 -9.65 41.48
C MET B 669 -44.36 -9.86 41.28
N ALA B 670 -43.72 -10.58 42.20
CA ALA B 670 -42.31 -10.91 42.03
C ALA B 670 -42.09 -11.71 40.76
N ILE B 671 -42.97 -12.67 40.48
CA ILE B 671 -42.86 -13.46 39.26
C ILE B 671 -42.92 -12.56 38.05
N TYR B 672 -43.90 -11.67 38.01
CA TYR B 672 -44.08 -10.80 36.84
C TYR B 672 -42.85 -9.92 36.64
N ASN B 673 -42.36 -9.31 37.73
CA ASN B 673 -41.21 -8.42 37.61
C ASN B 673 -39.98 -9.17 37.13
N VAL B 674 -39.64 -10.28 37.80
CA VAL B 674 -38.48 -11.06 37.41
C VAL B 674 -38.61 -11.51 35.97
N ALA B 675 -39.83 -11.85 35.55
CA ALA B 675 -40.03 -12.35 34.19
C ALA B 675 -39.76 -11.27 33.17
N VAL B 676 -40.36 -10.09 33.35
CA VAL B 676 -40.15 -9.01 32.39
C VAL B 676 -38.67 -8.62 32.35
N LEU B 677 -38.02 -8.57 33.52
CA LEU B 677 -36.62 -8.20 33.57
C LEU B 677 -35.75 -9.20 32.83
N CYS B 678 -35.89 -10.49 33.14
CA CYS B 678 -35.13 -11.52 32.44
C CYS B 678 -35.40 -11.49 30.95
N LEU B 679 -36.65 -11.27 30.54
CA LEU B 679 -37.00 -11.31 29.13
C LEU B 679 -36.36 -10.15 28.38
N ILE B 680 -36.38 -8.95 28.95
CA ILE B 680 -35.78 -7.81 28.29
C ILE B 680 -34.27 -7.75 28.47
N THR B 681 -33.71 -8.56 29.37
CA THR B 681 -32.29 -8.52 29.66
C THR B 681 -31.48 -9.59 28.95
N ALA B 682 -32.03 -10.79 28.77
CA ALA B 682 -31.27 -11.86 28.11
C ALA B 682 -30.88 -11.49 26.69
N PRO B 683 -31.82 -11.24 25.77
CA PRO B 683 -31.41 -10.92 24.39
C PRO B 683 -30.49 -9.71 24.32
N VAL B 684 -30.71 -8.71 25.17
CA VAL B 684 -29.77 -7.59 25.25
C VAL B 684 -28.35 -8.11 25.43
N THR B 685 -28.13 -8.87 26.51
CA THR B 685 -26.82 -9.41 26.78
C THR B 685 -26.32 -10.31 25.66
N MET B 686 -27.23 -10.88 24.87
CA MET B 686 -26.82 -11.71 23.76
C MET B 686 -26.33 -10.87 22.58
N ILE B 687 -26.88 -9.67 22.44
CA ILE B 687 -26.47 -8.79 21.34
C ILE B 687 -25.22 -8.01 21.72
N LEU B 688 -25.10 -7.61 22.99
CA LEU B 688 -23.96 -6.85 23.48
C LEU B 688 -22.76 -7.72 23.77
N SER B 689 -22.72 -8.96 23.26
CA SER B 689 -21.57 -9.83 23.48
C SER B 689 -20.27 -9.12 23.13
N SER B 690 -20.28 -8.33 22.05
CA SER B 690 -19.11 -7.61 21.59
C SER B 690 -18.85 -6.34 22.39
N GLN B 691 -19.54 -6.13 23.50
CA GLN B 691 -19.37 -4.94 24.34
C GLN B 691 -19.25 -5.38 25.78
N GLN B 692 -18.10 -5.08 26.40
CA GLN B 692 -17.96 -5.18 27.83
C GLN B 692 -18.40 -3.89 28.50
N ASP B 693 -18.70 -3.98 29.80
CA ASP B 693 -19.15 -2.85 30.61
C ASP B 693 -20.59 -2.46 30.31
N ALA B 694 -21.20 -3.06 29.29
CA ALA B 694 -22.62 -2.86 29.01
C ALA B 694 -23.41 -4.14 29.19
N ALA B 695 -23.03 -5.22 28.50
CA ALA B 695 -23.66 -6.50 28.72
C ALA B 695 -23.60 -6.91 30.18
N PHE B 696 -22.41 -6.83 30.77
CA PHE B 696 -22.26 -7.17 32.18
C PHE B 696 -23.07 -6.23 33.05
N ALA B 697 -23.13 -4.95 32.66
CA ALA B 697 -23.89 -3.99 33.46
C ALA B 697 -25.36 -4.38 33.53
N PHE B 698 -25.97 -4.64 32.37
CA PHE B 698 -27.37 -5.03 32.35
C PHE B 698 -27.58 -6.35 33.09
N ALA B 699 -26.76 -7.35 32.80
CA ALA B 699 -26.91 -8.64 33.46
C ALA B 699 -26.83 -8.50 34.97
N SER B 700 -25.82 -7.78 35.46
CA SER B 700 -25.60 -7.68 36.90
C SER B 700 -26.69 -6.86 37.57
N LEU B 701 -27.08 -5.74 36.96
CA LEU B 701 -28.16 -4.94 37.55
C LEU B 701 -29.46 -5.73 37.57
N ALA B 702 -29.73 -6.49 36.52
CA ALA B 702 -30.93 -7.33 36.48
C ALA B 702 -30.90 -8.36 37.59
N ILE B 703 -29.78 -9.08 37.74
CA ILE B 703 -29.68 -10.11 38.76
C ILE B 703 -29.86 -9.50 40.14
N VAL B 704 -29.16 -8.40 40.41
CA VAL B 704 -29.20 -7.83 41.75
C VAL B 704 -30.58 -7.27 42.07
N PHE B 705 -31.25 -6.65 41.09
CA PHE B 705 -32.57 -6.10 41.35
C PHE B 705 -33.60 -7.21 41.49
N SER B 706 -33.53 -8.24 40.64
CA SER B 706 -34.40 -9.39 40.80
C SER B 706 -34.24 -10.00 42.19
N SER B 707 -33.00 -10.17 42.64
CA SER B 707 -32.76 -10.73 43.96
C SER B 707 -33.33 -9.83 45.05
N TYR B 708 -32.94 -8.56 45.05
CA TYR B 708 -33.46 -7.61 46.02
C TYR B 708 -34.97 -7.70 46.11
N ILE B 709 -35.66 -7.63 44.98
CA ILE B 709 -37.11 -7.55 44.98
C ILE B 709 -37.71 -8.88 45.40
N THR B 710 -37.39 -9.96 44.67
CA THR B 710 -37.89 -11.28 45.04
C THR B 710 -37.67 -11.58 46.52
N LEU B 711 -36.70 -10.95 47.16
CA LEU B 711 -36.50 -11.17 48.58
C LEU B 711 -37.38 -10.24 49.42
N VAL B 712 -37.36 -8.94 49.13
CA VAL B 712 -38.08 -7.98 49.95
C VAL B 712 -39.56 -8.23 49.86
N VAL B 713 -40.11 -8.26 48.65
CA VAL B 713 -41.53 -8.40 48.38
C VAL B 713 -42.16 -9.45 49.27
N LEU B 714 -41.43 -10.51 49.60
CA LEU B 714 -41.98 -11.66 50.31
C LEU B 714 -41.31 -11.95 51.64
N PHE B 715 -40.37 -11.11 52.09
CA PHE B 715 -39.81 -11.26 53.42
C PHE B 715 -39.91 -10.01 54.28
N VAL B 716 -40.25 -8.85 53.72
CA VAL B 716 -40.36 -7.61 54.49
C VAL B 716 -41.68 -7.62 55.23
N PRO B 717 -42.82 -7.88 54.57
CA PRO B 717 -44.09 -7.96 55.30
C PRO B 717 -44.06 -8.96 56.45
N LYS B 718 -43.38 -10.09 56.27
CA LYS B 718 -43.31 -11.08 57.34
C LYS B 718 -42.77 -10.47 58.62
N MET B 719 -41.63 -9.79 58.53
CA MET B 719 -41.04 -9.20 59.73
C MET B 719 -41.84 -7.99 60.20
N ARG B 720 -42.35 -7.19 59.27
CA ARG B 720 -43.13 -6.02 59.66
C ARG B 720 -44.34 -6.41 60.49
N ARG B 721 -44.98 -7.54 60.15
CA ARG B 721 -46.12 -8.01 60.90
C ARG B 721 -45.71 -8.77 62.15
N LEU B 722 -44.60 -9.50 62.09
CA LEU B 722 -44.13 -10.29 63.22
C LEU B 722 -43.46 -9.44 64.30
N ILE B 723 -43.17 -8.17 64.03
CA ILE B 723 -42.54 -7.30 65.00
C ILE B 723 -43.47 -7.09 66.20
C1 NAG C . 7.48 -1.77 -62.35
C2 NAG C . 7.78 -1.12 -63.71
C3 NAG C . 6.58 -1.24 -64.64
C4 NAG C . 6.12 -2.68 -64.73
C5 NAG C . 5.89 -3.26 -63.33
C6 NAG C . 5.55 -4.73 -63.35
C7 NAG C . 9.25 0.82 -64.13
C8 NAG C . 10.08 -0.12 -64.95
N2 NAG C . 8.16 0.28 -63.56
O3 NAG C . 6.92 -0.75 -65.93
O4 NAG C . 4.89 -2.74 -65.45
O5 NAG C . 7.08 -3.12 -62.56
O6 NAG C . 6.71 -5.54 -63.20
O7 NAG C . 9.54 1.99 -63.98
C1 NAG C . 5.11 -3.42 -66.71
C2 NAG C . 3.73 -3.66 -67.34
C3 NAG C . 3.86 -4.26 -68.76
C4 NAG C . 4.91 -3.51 -69.59
C5 NAG C . 6.20 -3.36 -68.80
C6 NAG C . 7.25 -2.55 -69.55
C7 NAG C . 2.01 -4.00 -65.65
C8 NAG C . 1.23 -5.01 -64.85
N2 NAG C . 2.90 -4.50 -66.51
O3 NAG C . 2.60 -4.22 -69.41
O4 NAG C . 5.17 -4.23 -70.79
O5 NAG C . 5.93 -2.67 -67.59
O6 NAG C . 8.42 -3.32 -69.78
O7 NAG C . 1.83 -2.80 -65.51
C1 NAG D . 61.99 9.58 4.84
C2 NAG D . 63.47 9.23 4.74
C3 NAG D . 64.14 9.38 6.10
C4 NAG D . 63.85 10.76 6.69
C5 NAG D . 62.35 11.03 6.71
C6 NAG D . 62.01 12.43 7.16
C7 NAG D . 64.16 7.63 3.02
C8 NAG D . 64.54 8.82 2.20
N2 NAG D . 63.65 7.89 4.23
O3 NAG D . 65.54 9.19 5.97
O4 NAG D . 64.37 10.86 8.02
O5 NAG D . 61.83 10.89 5.38
O6 NAG D . 61.21 13.10 6.20
O7 NAG D . 64.30 6.48 2.62
C1 NAG D . 65.29 11.97 8.00
C2 NAG D . 65.64 12.37 9.44
C3 NAG D . 66.75 13.43 9.47
C4 NAG D . 67.90 13.06 8.54
C5 NAG D . 67.38 12.69 7.16
C6 NAG D . 68.46 12.23 6.21
C7 NAG D . 63.65 12.04 10.85
C8 NAG D . 62.49 12.71 11.51
N2 NAG D . 64.47 12.85 10.15
O3 NAG D . 67.22 13.58 10.80
O4 NAG D . 68.79 14.16 8.42
O5 NAG D . 66.47 11.60 7.30
O6 NAG D . 68.48 13.01 5.03
O7 NAG D . 63.87 10.85 10.96
C1 NAG E . 17.76 13.08 -58.70
C2 NAG E . 16.22 12.90 -58.72
C3 NAG E . 15.55 13.46 -59.97
C4 NAG E . 16.16 14.81 -60.35
C5 NAG E . 17.67 14.89 -60.24
C6 NAG E . 18.22 16.28 -60.39
C7 NAG E . 14.80 11.46 -57.33
C8 NAG E . 14.34 12.71 -56.66
N2 NAG E . 15.70 11.60 -58.31
O3 NAG E . 14.16 13.61 -59.73
O4 NAG E . 15.42 15.71 -61.16
O5 NAG E . 18.09 14.43 -58.95
O6 NAG E . 19.51 16.28 -60.96
O7 NAG E . 14.37 10.35 -57.02
C1 NAG F . 15.60 21.19 -40.79
C2 NAG F . 14.14 21.56 -40.85
C3 NAG F . 13.90 22.87 -40.12
C4 NAG F . 14.46 22.80 -38.71
C5 NAG F . 15.91 22.30 -38.73
C6 NAG F . 16.46 22.04 -37.34
C7 NAG F . 12.47 21.27 -42.63
C8 NAG F . 12.16 21.44 -44.09
N2 NAG F . 13.68 21.66 -42.24
O3 NAG F . 12.50 23.15 -40.08
O4 NAG F . 14.41 24.08 -38.09
O5 NAG F . 16.00 21.06 -39.45
O6 NAG F . 17.50 21.08 -37.37
O7 NAG F . 11.65 20.80 -41.85
MG MG G . 4.49 -10.34 -31.83
N L9Q H . -34.21 3.72 13.42
P L9Q H . -32.10 7.07 15.41
C1 L9Q H . -32.92 7.18 17.93
C2 L9Q H . -34.17 7.14 18.76
O2 L9Q H . -35.03 8.25 18.34
C3 L9Q H . -34.96 5.86 18.61
O3 L9Q H . -36.06 5.89 19.54
C4 L9Q H . -33.91 6.14 13.74
C5 L9Q H . -33.25 4.79 13.72
C11 L9Q H . -35.75 5.93 20.83
O11 L9Q H . -34.61 5.81 21.23
C12 L9Q H . -36.95 6.13 21.69
C13 L9Q H . -37.33 4.93 22.49
C14 L9Q H . -38.26 5.26 23.64
C15 L9Q H . -38.81 4.07 24.37
C16 L9Q H . -39.40 4.38 25.71
C17 L9Q H . -40.14 3.22 26.35
C18 L9Q H . -41.53 3.01 25.82
C19 L9Q H . -42.55 3.95 26.38
O1P L9Q H . -31.46 5.72 15.51
C20 L9Q H . -43.91 3.86 25.74
C21 L9Q H . -45.05 4.39 26.57
C22 L9Q H . -46.39 4.33 25.90
C23 L9Q H . -47.56 4.32 26.86
C24 L9Q H . -47.54 5.43 27.86
C25 L9Q H . -48.66 5.36 28.88
O2P L9Q H . -31.26 8.32 15.56
C31 L9Q H . -34.55 9.49 18.46
O31 L9Q H . -33.40 9.71 18.72
C32 L9Q H . -35.59 10.55 18.21
C33 L9Q H . -35.94 11.31 19.45
C34 L9Q H . -36.78 10.49 20.42
C35 L9Q H . -37.05 11.16 21.74
C36 L9Q H . -38.18 10.54 22.53
C37 L9Q H . -38.38 11.12 23.92
C38 L9Q H . -39.70 10.79 24.53
C39 L9Q H . -40.00 9.32 24.54
O3P L9Q H . -33.27 7.16 16.52
C40 L9Q H . -40.42 8.62 25.56
C41 L9Q H . -40.68 9.15 26.93
C42 L9Q H . -40.02 8.34 28.01
C43 L9Q H . -38.53 8.19 27.84
C44 L9Q H . -37.83 7.56 29.03
C45 L9Q H . -38.42 6.24 29.46
C46 L9Q H . -37.73 5.62 30.65
O4P L9Q H . -32.91 7.16 14.03
C13 SGG I . 13.87 -8.02 -30.42
C15 SGG I . 12.53 -3.97 -33.00
C17 SGG I . 16.74 -3.45 -31.99
C20 SGG I . 18.08 -5.09 -28.44
C21 SGG I . 19.37 -5.39 -28.02
C22 SGG I . 19.77 -6.70 -27.92
C24 SGG I . 17.61 -7.43 -28.64
C04 SGG I . 13.73 -7.95 -31.79
C07 SGG I . 13.73 -6.71 -32.42
C09 SGG I . 13.88 -5.56 -31.67
C11 SGG I . 14.03 -5.64 -30.31
C12 SGG I . 14.02 -6.87 -29.67
C14 SGG I . 13.90 -4.20 -32.36
C16 SGG I . 16.19 -4.58 -32.84
C18 SGG I . 18.15 -3.78 -31.53
C19 SGG I . 17.63 -3.65 -28.54
C23 SGG I . 18.90 -7.72 -28.22
C25 SGG I . 17.21 -6.12 -28.74
N05 SGG I . 14.91 -4.19 -33.40
O06 SGG I . 20.00 -2.89 -29.71
O08 SGG I . 18.07 -1.43 -30.12
O10 SGG I . 16.80 -2.29 -32.76
P03 SGG I . 18.52 -2.85 -29.98
CL1 SGG I . 13.86 -9.62 -29.61
CL2 SGG I . 13.53 -9.43 -32.75
C1 NAG J . 44.68 -12.17 -9.35
C2 NAG J . 43.62 -13.07 -8.76
C3 NAG J . 43.99 -14.52 -8.97
C4 NAG J . 44.28 -14.79 -10.44
C5 NAG J . 45.28 -13.76 -11.00
C6 NAG J . 45.46 -13.89 -12.49
C7 NAG J . 42.20 -12.61 -6.82
C8 NAG J . 42.16 -12.29 -5.35
N2 NAG J . 43.41 -12.78 -7.36
O3 NAG J . 42.92 -15.34 -8.54
O4 NAG J . 44.81 -16.10 -10.61
O5 NAG J . 44.81 -12.43 -10.74
O6 NAG J . 46.43 -12.97 -12.99
O7 NAG J . 41.18 -12.71 -7.49
C1 NAG K . 63.39 -2.56 -7.70
C2 NAG K . 62.84 -2.80 -6.30
C3 NAG K . 63.93 -3.38 -5.40
C4 NAG K . 64.54 -4.62 -6.03
C5 NAG K . 65.02 -4.31 -7.44
C6 NAG K . 65.51 -5.53 -8.18
C7 NAG K . 61.05 -1.48 -5.27
C8 NAG K . 60.66 -0.14 -4.71
N2 NAG K . 62.30 -1.58 -5.73
O3 NAG K . 63.37 -3.69 -4.12
O4 NAG K . 65.64 -5.06 -5.25
O5 NAG K . 63.93 -3.78 -8.22
O6 NAG K . 64.43 -6.29 -8.68
O7 NAG K . 60.27 -2.43 -5.28
MG MG L . 30.17 14.44 3.09
N L9Q M . -17.89 -10.46 31.30
P L9Q M . -19.43 -13.17 28.16
C1 L9Q M . -21.86 -13.34 29.13
C2 L9Q M . -22.77 -14.51 28.91
O2 L9Q M . -22.48 -15.67 29.74
C3 L9Q M . -24.24 -14.16 28.85
O3 L9Q M . -24.74 -13.84 30.15
C4 L9Q M . -17.85 -12.67 30.20
C5 L9Q M . -17.94 -11.17 30.02
C11 L9Q M . -26.07 -13.77 30.26
O11 L9Q M . -26.80 -13.79 29.31
C12 L9Q M . -26.54 -13.72 31.67
C13 L9Q M . -28.01 -13.44 31.77
C14 L9Q M . -28.48 -13.33 33.20
C15 L9Q M . -29.42 -12.19 33.44
C16 L9Q M . -30.80 -12.44 32.97
C17 L9Q M . -31.60 -13.29 33.90
C18 L9Q M . -31.76 -12.71 35.28
C19 L9Q M . -32.51 -13.60 36.23
O1P L9Q M . -19.69 -11.69 28.04
C20 L9Q M . -32.15 -13.40 37.66
C21 L9Q M . -32.75 -14.40 38.60
C22 L9Q M . -32.27 -14.26 40.00
C23 L9Q M . -33.13 -14.94 41.01
C24 L9Q M . -34.59 -14.60 40.88
C25 L9Q M . -35.44 -15.04 42.04
O2P L9Q M . -19.48 -14.05 26.95
C31 L9Q M . -21.45 -16.45 29.38
O31 L9Q M . -20.78 -16.20 28.42
C32 L9Q M . -21.24 -17.63 30.26
C33 L9Q M . -22.34 -18.63 30.17
C34 L9Q M . -23.69 -18.01 30.43
C35 L9Q M . -24.80 -18.99 30.66
C36 L9Q M . -26.12 -18.35 30.95
C37 L9Q M . -27.19 -19.28 31.51
C38 L9Q M . -28.39 -18.54 32.01
C39 L9Q M . -29.34 -19.38 32.81
O3P L9Q M . -20.48 -13.79 29.18
C40 L9Q M . -30.39 -18.99 33.47
C41 L9Q M . -31.02 -17.63 33.51
C42 L9Q M . -31.83 -17.32 32.29
C43 L9Q M . -32.54 -15.99 32.35
C44 L9Q M . -33.27 -15.60 31.09
C45 L9Q M . -34.51 -16.41 30.80
C46 L9Q M . -35.30 -15.91 29.62
O4P L9Q M . -18.04 -13.33 28.93
C13 SGG N . 30.06 13.19 -6.86
C15 SGG N . 33.64 9.94 -5.61
C17 SGG N . 33.53 9.90 -9.80
C20 SGG N . 30.08 11.01 -11.55
C21 SGG N . 29.79 11.44 -12.83
C22 SGG N . 29.52 12.76 -13.07
C24 SGG N . 29.80 13.25 -10.75
C04 SGG N . 31.39 13.61 -6.82
C07 SGG N . 32.40 12.68 -6.87
C09 SGG N . 32.11 11.33 -6.97
C11 SGG N . 30.80 10.91 -7.01
C12 SGG N . 29.77 11.84 -6.95
C14 SGG N . 33.23 10.31 -7.03
C16 SGG N . 34.04 11.16 -9.10
C18 SGG N . 33.35 10.19 -11.28
C19 SGG N . 30.37 9.55 -11.27
C23 SGG N . 29.52 13.68 -12.04
C25 SGG N . 30.08 11.93 -10.51
N05 SGG N . 34.39 10.85 -7.72
O06 SGG N . 31.99 9.27 -13.47
O08 SGG N . 32.33 7.67 -11.65
O10 SGG N . 34.47 8.89 -9.64
P03 SGG N . 32.03 9.10 -11.98
CL1 SGG N . 28.74 14.38 -6.79
CL2 SGG N . 31.76 15.34 -6.70
#